data_8TAM
# 
_entry.id   8TAM 
# 
_audit_conform.dict_name       mmcif_pdbx.dic 
_audit_conform.dict_version    5.383 
_audit_conform.dict_location   http://mmcif.pdb.org/dictionaries/ascii/mmcif_pdbx.dic 
# 
loop_
_database_2.database_id 
_database_2.database_code 
_database_2.pdbx_database_accession 
_database_2.pdbx_DOI 
PDB   8TAM         pdb_00008tam 10.2210/pdb8tam/pdb 
WWPDB D_1000275288 ?            ?                   
# 
_pdbx_database_status.status_code                     REL 
_pdbx_database_status.status_code_sf                  REL 
_pdbx_database_status.status_code_mr                  ? 
_pdbx_database_status.entry_id                        8TAM 
_pdbx_database_status.recvd_initial_deposition_date   2023-06-27 
_pdbx_database_status.SG_entry                        N 
_pdbx_database_status.deposit_site                    RCSB 
_pdbx_database_status.process_site                    RCSB 
_pdbx_database_status.status_code_cs                  ? 
_pdbx_database_status.status_code_nmr_data            ? 
_pdbx_database_status.methods_development_category    ? 
_pdbx_database_status.pdb_format_compatible           Y 
# 
loop_
_audit_author.name 
_audit_author.pdbx_ordinal 
_audit_author.identifier_ORCID 
'Simmons, C.R.'      1 0000-0002-2290-6132 
'MacCulloch, T.'     2 0000-0001-5875-3361 
'Stephanopoulos, N.' 3 0000-0001-7859-410X 
'Yan, H.'            4 0000-0001-7397-9852 
# 
_citation.abstract                  ? 
_citation.abstract_id_CAS           ? 
_citation.book_id_ISBN              ? 
_citation.book_publisher            ? 
_citation.book_publisher_city       ? 
_citation.book_title                ? 
_citation.coordinate_linkage        ? 
_citation.country                   US 
_citation.database_id_Medline       ? 
_citation.details                   ? 
_citation.id                        primary 
_citation.journal_abbrev            J.Am.Chem.Soc. 
_citation.journal_id_ASTM           JACSAT 
_citation.journal_id_CSD            ? 
_citation.journal_id_ISSN           1520-5126 
_citation.journal_full              ? 
_citation.journal_issue             ? 
_citation.journal_volume            145 
_citation.language                  ? 
_citation.page_first                26075 
_citation.page_last                 26085 
_citation.title                     
;Site-Specific Arrangement and Structure Determination of Minor Groove Binding Molecules in Self-Assembled Three-Dimensional DNA Crystals.
;
_citation.year                      2023 
_citation.database_id_CSD           ? 
_citation.pdbx_database_id_DOI      10.1021/jacs.3c07802 
_citation.pdbx_database_id_PubMed   37987645 
_citation.pdbx_database_id_patent   ? 
_citation.unpublished_flag          ? 
# 
loop_
_citation_author.citation_id 
_citation_author.name 
_citation_author.ordinal 
_citation_author.identifier_ORCID 
primary 'Simmons, C.R.'      1 0000-0002-2290-6132 
primary 'Buchberger, A.'     2 ?                   
primary 'Henry, S.J.W.'      3 0000-0002-5132-3948 
primary 'Novacek, A.'        4 ?                   
primary 'Fahmi, N.E.'        5 ?                   
primary 'MacCulloch, T.'     6 ?                   
primary 'Stephanopoulos, N.' 7 0000-0001-7859-410X 
primary 'Yan, H.'            8 0000-0001-7397-9852 
# 
_cell.angle_alpha                  90.00 
_cell.angle_alpha_esd              ? 
_cell.angle_beta                   90.00 
_cell.angle_beta_esd               ? 
_cell.angle_gamma                  120.00 
_cell.angle_gamma_esd              ? 
_cell.entry_id                     8TAM 
_cell.details                      ? 
_cell.formula_units_Z              ? 
_cell.length_a                     116.488 
_cell.length_a_esd                 ? 
_cell.length_b                     116.488 
_cell.length_b_esd                 ? 
_cell.length_c                     49.299 
_cell.length_c_esd                 ? 
_cell.volume                       ? 
_cell.volume_esd                   ? 
_cell.Z_PDB                        9 
_cell.reciprocal_angle_alpha       ? 
_cell.reciprocal_angle_beta        ? 
_cell.reciprocal_angle_gamma       ? 
_cell.reciprocal_angle_alpha_esd   ? 
_cell.reciprocal_angle_beta_esd    ? 
_cell.reciprocal_angle_gamma_esd   ? 
_cell.reciprocal_length_a          ? 
_cell.reciprocal_length_b          ? 
_cell.reciprocal_length_c          ? 
_cell.reciprocal_length_a_esd      ? 
_cell.reciprocal_length_b_esd      ? 
_cell.reciprocal_length_c_esd      ? 
_cell.pdbx_unique_axis             ? 
_cell.pdbx_esd_method              ? 
# 
_symmetry.entry_id                         8TAM 
_symmetry.cell_setting                     ? 
_symmetry.Int_Tables_number                146 
_symmetry.space_group_name_Hall            ? 
_symmetry.space_group_name_H-M             'H 3' 
_symmetry.pdbx_full_space_group_name_H-M   ? 
# 
loop_
_entity.id 
_entity.type 
_entity.src_method 
_entity.pdbx_description 
_entity.formula_weight 
_entity.pdbx_number_of_molecules 
_entity.pdbx_ec 
_entity.pdbx_mutation 
_entity.pdbx_fragment 
_entity.details 
1 polymer     syn 
;DNA (5'-D(*GP*AP*GP*AP*AP*TP*TP*CP*CP*TP*GP*AP*CP*GP*GP*AP*AP*AP*TP*TP*A)-3')
;
6495.236 1 ? ? ? ? 
2 polymer     syn 
;DNA (5'-D(P*CP*CP*GP*TP*CP*A)-3')
;
1769.193 1 ? ? ? ? 
3 polymer     syn 
;DNA (5'-D(*TP*CP*TP*AP*AP*TP*TP*T)-3')
;
2391.602 1 ? ? ? ? 
4 polymer     syn 
;DNA (5'-D(P*GP*GP*AP*AP*TP*TP*C)-3')
;
2137.435 1 ? ? ? ? 
5 non-polymer syn "2'-(4-ETHOXYPHENYL)-5-(4-METHYL-1-PIPERAZINYL)-2,5'-BI-BENZIMIDAZOLE"          452.551  2 ? ? ? ? 
6 non-polymer syn 'COBALT (II) ION'                                                               58.933   2 ? ? ? ? 
7 water       nat water                                                                           18.015   4 ? ? ? ? 
# 
loop_
_entity_poly.entity_id 
_entity_poly.type 
_entity_poly.nstd_linkage 
_entity_poly.nstd_monomer 
_entity_poly.pdbx_seq_one_letter_code 
_entity_poly.pdbx_seq_one_letter_code_can 
_entity_poly.pdbx_strand_id 
_entity_poly.pdbx_target_identifier 
1 polydeoxyribonucleotide no no 
;(DG)(DA)(DG)(DA)(DA)(DT)(DT)(DC)(DC)(DT)(DG)(DA)(DC)(DG)(DG)(DA)(DA)(DA)(DT)(DT)
(DA)
;
GAGAATTCCTGACGGAAATTA A ? 
2 polydeoxyribonucleotide no no '(DC)(DC)(DG)(DT)(DC)(DA)'                                                              CCGTCA B ? 
3 polydeoxyribonucleotide no no '(DT)(DC)(DT)(DA)(DA)(DT)(DT)(DT)'                                                      TCTAATTT C 
? 
4 polydeoxyribonucleotide no no '(DG)(DG)(DA)(DA)(DT)(DT)(DC)'                                                          GGAATTC D 
? 
# 
loop_
_entity_poly_seq.entity_id 
_entity_poly_seq.num 
_entity_poly_seq.mon_id 
_entity_poly_seq.hetero 
1 1  DG n 
1 2  DA n 
1 3  DG n 
1 4  DA n 
1 5  DA n 
1 6  DT n 
1 7  DT n 
1 8  DC n 
1 9  DC n 
1 10 DT n 
1 11 DG n 
1 12 DA n 
1 13 DC n 
1 14 DG n 
1 15 DG n 
1 16 DA n 
1 17 DA n 
1 18 DA n 
1 19 DT n 
1 20 DT n 
1 21 DA n 
2 1  DC n 
2 2  DC n 
2 3  DG n 
2 4  DT n 
2 5  DC n 
2 6  DA n 
3 1  DT n 
3 2  DC n 
3 3  DT n 
3 4  DA n 
3 5  DA n 
3 6  DT n 
3 7  DT n 
3 8  DT n 
4 1  DG n 
4 2  DG n 
4 3  DA n 
4 4  DA n 
4 5  DT n 
4 6  DT n 
4 7  DC n 
# 
loop_
_pdbx_entity_src_syn.entity_id 
_pdbx_entity_src_syn.pdbx_src_id 
_pdbx_entity_src_syn.pdbx_alt_source_flag 
_pdbx_entity_src_syn.pdbx_beg_seq_num 
_pdbx_entity_src_syn.pdbx_end_seq_num 
_pdbx_entity_src_syn.organism_scientific 
_pdbx_entity_src_syn.organism_common_name 
_pdbx_entity_src_syn.ncbi_taxonomy_id 
_pdbx_entity_src_syn.details 
1 1 sample 1 21 'synthetic construct' ? 32630 ? 
2 1 sample 1 6  'synthetic construct' ? 32630 ? 
3 1 sample 1 8  'synthetic construct' ? 32630 ? 
4 1 sample 1 7  'synthetic construct' ? 32630 ? 
# 
loop_
_struct_ref.id 
_struct_ref.db_name 
_struct_ref.db_code 
_struct_ref.pdbx_db_accession 
_struct_ref.pdbx_db_isoform 
_struct_ref.entity_id 
_struct_ref.pdbx_seq_one_letter_code 
_struct_ref.pdbx_align_begin 
1 PDB 8TAM 8TAM ? 1 ? 1 
2 PDB 8TAM 8TAM ? 2 ? 1 
3 PDB 8TAM 8TAM ? 3 ? 1 
4 PDB 8TAM 8TAM ? 4 ? 1 
# 
loop_
_struct_ref_seq.align_id 
_struct_ref_seq.ref_id 
_struct_ref_seq.pdbx_PDB_id_code 
_struct_ref_seq.pdbx_strand_id 
_struct_ref_seq.seq_align_beg 
_struct_ref_seq.pdbx_seq_align_beg_ins_code 
_struct_ref_seq.seq_align_end 
_struct_ref_seq.pdbx_seq_align_end_ins_code 
_struct_ref_seq.pdbx_db_accession 
_struct_ref_seq.db_align_beg 
_struct_ref_seq.pdbx_db_align_beg_ins_code 
_struct_ref_seq.db_align_end 
_struct_ref_seq.pdbx_db_align_end_ins_code 
_struct_ref_seq.pdbx_auth_seq_align_beg 
_struct_ref_seq.pdbx_auth_seq_align_end 
1 1 8TAM A 1 ? 21 ? 8TAM 1  ? 21 ? 1  21 
2 2 8TAM B 1 ? 6  ? 8TAM 0  ? 5  ? 0  5  
3 3 8TAM C 1 ? 8  ? 8TAM 1  ? 8  ? 1  8  
4 4 8TAM D 1 ? 7  ? 8TAM 10 ? 16 ? 10 16 
# 
loop_
_chem_comp.id 
_chem_comp.type 
_chem_comp.mon_nstd_flag 
_chem_comp.name 
_chem_comp.pdbx_synonyms 
_chem_comp.formula 
_chem_comp.formula_weight 
CO  non-polymer   . 'COBALT (II) ION'                                                      ?               'Co 2'            
58.933  
DA  'DNA linking' y "2'-DEOXYADENOSINE-5'-MONOPHOSPHATE"                                   ?               'C10 H14 N5 O6 P' 
331.222 
DC  'DNA linking' y "2'-DEOXYCYTIDINE-5'-MONOPHOSPHATE"                                    ?               'C9 H14 N3 O7 P'  
307.197 
DG  'DNA linking' y "2'-DEOXYGUANOSINE-5'-MONOPHOSPHATE"                                   ?               'C10 H14 N5 O7 P' 
347.221 
DT  'DNA linking' y "THYMIDINE-5'-MONOPHOSPHATE"                                           ?               'C10 H15 N2 O8 P' 
322.208 
HOH non-polymer   . WATER                                                                  ?               'H2 O'            
18.015  
HT1 non-polymer   . "2'-(4-ETHOXYPHENYL)-5-(4-METHYL-1-PIPERAZINYL)-2,5'-BI-BENZIMIDAZOLE" 'HOECHST 33342' 'C27 H28 N6 O'    
452.551 
# 
_exptl.absorpt_coefficient_mu     ? 
_exptl.absorpt_correction_T_max   ? 
_exptl.absorpt_correction_T_min   ? 
_exptl.absorpt_correction_type    ? 
_exptl.absorpt_process_details    ? 
_exptl.entry_id                   8TAM 
_exptl.crystals_number            1 
_exptl.details                    ? 
_exptl.method                     'X-RAY DIFFRACTION' 
_exptl.method_details             ? 
# 
_exptl_crystal.colour                       ? 
_exptl_crystal.density_diffrn               ? 
_exptl_crystal.density_Matthews             5.03 
_exptl_crystal.density_method               ? 
_exptl_crystal.density_percent_sol          75.55 
_exptl_crystal.description                  ? 
_exptl_crystal.F_000                        ? 
_exptl_crystal.id                           1 
_exptl_crystal.preparation                  ? 
_exptl_crystal.size_max                     ? 
_exptl_crystal.size_mid                     ? 
_exptl_crystal.size_min                     ? 
_exptl_crystal.size_rad                     ? 
_exptl_crystal.colour_lustre                ? 
_exptl_crystal.colour_modifier              ? 
_exptl_crystal.colour_primary               ? 
_exptl_crystal.density_meas                 ? 
_exptl_crystal.density_meas_esd             ? 
_exptl_crystal.density_meas_gt              ? 
_exptl_crystal.density_meas_lt              ? 
_exptl_crystal.density_meas_temp            ? 
_exptl_crystal.density_meas_temp_esd        ? 
_exptl_crystal.density_meas_temp_gt         ? 
_exptl_crystal.density_meas_temp_lt         ? 
_exptl_crystal.pdbx_crystal_image_url       ? 
_exptl_crystal.pdbx_crystal_image_format    ? 
_exptl_crystal.pdbx_mosaicity               ? 
_exptl_crystal.pdbx_mosaicity_esd           ? 
_exptl_crystal.pdbx_mosaic_method           ? 
_exptl_crystal.pdbx_mosaic_block_size       ? 
_exptl_crystal.pdbx_mosaic_block_size_esd   ? 
# 
_exptl_crystal_grow.apparatus       ? 
_exptl_crystal_grow.atmosphere      ? 
_exptl_crystal_grow.crystal_id      1 
_exptl_crystal_grow.details         ? 
_exptl_crystal_grow.method          'VAPOR DIFFUSION, SITTING DROP' 
_exptl_crystal_grow.method_ref      ? 
_exptl_crystal_grow.pH              ? 
_exptl_crystal_grow.pressure        ? 
_exptl_crystal_grow.pressure_esd    ? 
_exptl_crystal_grow.seeding         ? 
_exptl_crystal_grow.seeding_ref     ? 
_exptl_crystal_grow.temp_details    'temperature gradient generated from 60 to 25 C at 0.3 degrees per hour' 
_exptl_crystal_grow.temp_esd        ? 
_exptl_crystal_grow.time            ? 
_exptl_crystal_grow.pdbx_details    
;0.5 mL of 0.05 M TRIS pH 8.0 with 10 mM MgCl2, 1.0 mM CoH18N6, and 20% ethanol was added to the reservoir with 2 uL added to the drop containing 4 uL of DNA stock.
;
_exptl_crystal_grow.pdbx_pH_range   ? 
_exptl_crystal_grow.temp            298 
# 
_diffrn.ambient_environment              ? 
_diffrn.ambient_temp                     100 
_diffrn.ambient_temp_details             ? 
_diffrn.ambient_temp_esd                 ? 
_diffrn.crystal_id                       1 
_diffrn.crystal_support                  ? 
_diffrn.crystal_treatment                ? 
_diffrn.details                          ? 
_diffrn.id                               1 
_diffrn.ambient_pressure                 ? 
_diffrn.ambient_pressure_esd             ? 
_diffrn.ambient_pressure_gt              ? 
_diffrn.ambient_pressure_lt              ? 
_diffrn.ambient_temp_gt                  ? 
_diffrn.ambient_temp_lt                  ? 
_diffrn.pdbx_serial_crystal_experiment   N 
# 
_diffrn_detector.details                      ? 
_diffrn_detector.detector                     PIXEL 
_diffrn_detector.diffrn_id                    1 
_diffrn_detector.type                         'DECTRIS PILATUS3 6M' 
_diffrn_detector.area_resol_mean              ? 
_diffrn_detector.dtime                        ? 
_diffrn_detector.pdbx_frames_total            ? 
_diffrn_detector.pdbx_collection_time_total   ? 
_diffrn_detector.pdbx_collection_date         2021-12-18 
_diffrn_detector.pdbx_frequency               ? 
_diffrn_detector.id                           ? 
_diffrn_detector.number_of_axes               ? 
# 
_diffrn_radiation.collimation                      ? 
_diffrn_radiation.diffrn_id                        1 
_diffrn_radiation.filter_edge                      ? 
_diffrn_radiation.inhomogeneity                    ? 
_diffrn_radiation.monochromator                    ? 
_diffrn_radiation.polarisn_norm                    ? 
_diffrn_radiation.polarisn_ratio                   ? 
_diffrn_radiation.probe                            ? 
_diffrn_radiation.type                             ? 
_diffrn_radiation.xray_symbol                      ? 
_diffrn_radiation.wavelength_id                    1 
_diffrn_radiation.pdbx_monochromatic_or_laue_m_l   M 
_diffrn_radiation.pdbx_wavelength_list             ? 
_diffrn_radiation.pdbx_wavelength                  ? 
_diffrn_radiation.pdbx_diffrn_protocol             'SINGLE WAVELENGTH' 
_diffrn_radiation.pdbx_analyzer                    ? 
_diffrn_radiation.pdbx_scattering_type             x-ray 
# 
_diffrn_radiation_wavelength.id           1 
_diffrn_radiation_wavelength.wavelength   0.92 
_diffrn_radiation_wavelength.wt           1.0 
# 
_diffrn_source.current                     ? 
_diffrn_source.details                     ? 
_diffrn_source.diffrn_id                   1 
_diffrn_source.power                       ? 
_diffrn_source.size                        ? 
_diffrn_source.source                      SYNCHROTRON 
_diffrn_source.target                      ? 
_diffrn_source.type                        'ALS BEAMLINE 5.0.2' 
_diffrn_source.voltage                     ? 
_diffrn_source.take-off_angle              ? 
_diffrn_source.pdbx_wavelength_list        0.92 
_diffrn_source.pdbx_wavelength             ? 
_diffrn_source.pdbx_synchrotron_beamline   5.0.2 
_diffrn_source.pdbx_synchrotron_site       ALS 
# 
_reflns.B_iso_Wilson_estimate                          ? 
_reflns.entry_id                                       8TAM 
_reflns.data_reduction_details                         ? 
_reflns.data_reduction_method                          ? 
_reflns.d_resolution_high                              2.95 
_reflns.d_resolution_low                               50.00 
_reflns.details                                        ? 
_reflns.limit_h_max                                    ? 
_reflns.limit_h_min                                    ? 
_reflns.limit_k_max                                    ? 
_reflns.limit_k_min                                    ? 
_reflns.limit_l_max                                    ? 
_reflns.limit_l_min                                    ? 
_reflns.number_all                                     ? 
_reflns.number_obs                                     5263 
_reflns.observed_criterion                             ? 
_reflns.observed_criterion_F_max                       ? 
_reflns.observed_criterion_F_min                       ? 
_reflns.observed_criterion_I_max                       ? 
_reflns.observed_criterion_I_min                       ? 
_reflns.observed_criterion_sigma_F                     ? 
_reflns.observed_criterion_sigma_I                     ? 
_reflns.percent_possible_obs                           100.0 
_reflns.R_free_details                                 ? 
_reflns.Rmerge_F_all                                   ? 
_reflns.Rmerge_F_obs                                   ? 
_reflns.Friedel_coverage                               ? 
_reflns.number_gt                                      ? 
_reflns.threshold_expression                           ? 
_reflns.pdbx_redundancy                                10.1 
_reflns.pdbx_netI_over_av_sigmaI                       ? 
_reflns.pdbx_netI_over_sigmaI                          9.5 
_reflns.pdbx_res_netI_over_av_sigmaI_2                 ? 
_reflns.pdbx_res_netI_over_sigmaI_2                    ? 
_reflns.pdbx_chi_squared                               0.825 
_reflns.pdbx_scaling_rejects                           ? 
_reflns.pdbx_d_res_high_opt                            ? 
_reflns.pdbx_d_res_low_opt                             ? 
_reflns.pdbx_d_res_opt_method                          ? 
_reflns.phase_calculation_details                      ? 
_reflns.pdbx_Rrim_I_all                                0.061 
_reflns.pdbx_Rpim_I_all                                0.019 
_reflns.pdbx_d_opt                                     ? 
_reflns.pdbx_number_measured_all                       ? 
_reflns.pdbx_diffrn_id                                 1 
_reflns.pdbx_ordinal                                   1 
_reflns.pdbx_CC_half                                   1.0 
_reflns.pdbx_CC_star                                   ? 
_reflns.pdbx_R_split                                   ? 
_reflns.pdbx_Rmerge_I_obs                              0.058 
_reflns.pdbx_Rmerge_I_all                              ? 
_reflns.pdbx_Rsym_value                                ? 
_reflns.pdbx_CC_split_method                           ? 
_reflns.pdbx_aniso_diffraction_limit_axis_1_ortho[1]   ? 
_reflns.pdbx_aniso_diffraction_limit_axis_1_ortho[2]   ? 
_reflns.pdbx_aniso_diffraction_limit_axis_1_ortho[3]   ? 
_reflns.pdbx_aniso_diffraction_limit_axis_2_ortho[1]   ? 
_reflns.pdbx_aniso_diffraction_limit_axis_2_ortho[2]   ? 
_reflns.pdbx_aniso_diffraction_limit_axis_2_ortho[3]   ? 
_reflns.pdbx_aniso_diffraction_limit_axis_3_ortho[1]   ? 
_reflns.pdbx_aniso_diffraction_limit_axis_3_ortho[2]   ? 
_reflns.pdbx_aniso_diffraction_limit_axis_3_ortho[3]   ? 
_reflns.pdbx_aniso_diffraction_limit_1                 ? 
_reflns.pdbx_aniso_diffraction_limit_2                 ? 
_reflns.pdbx_aniso_diffraction_limit_3                 ? 
_reflns.pdbx_aniso_B_tensor_eigenvector_1_ortho[1]     ? 
_reflns.pdbx_aniso_B_tensor_eigenvector_1_ortho[2]     ? 
_reflns.pdbx_aniso_B_tensor_eigenvector_1_ortho[3]     ? 
_reflns.pdbx_aniso_B_tensor_eigenvector_2_ortho[1]     ? 
_reflns.pdbx_aniso_B_tensor_eigenvector_2_ortho[2]     ? 
_reflns.pdbx_aniso_B_tensor_eigenvector_2_ortho[3]     ? 
_reflns.pdbx_aniso_B_tensor_eigenvector_3_ortho[1]     ? 
_reflns.pdbx_aniso_B_tensor_eigenvector_3_ortho[2]     ? 
_reflns.pdbx_aniso_B_tensor_eigenvector_3_ortho[3]     ? 
_reflns.pdbx_aniso_B_tensor_eigenvalue_1               ? 
_reflns.pdbx_aniso_B_tensor_eigenvalue_2               ? 
_reflns.pdbx_aniso_B_tensor_eigenvalue_3               ? 
_reflns.pdbx_orthogonalization_convention              ? 
_reflns.pdbx_percent_possible_ellipsoidal              ? 
_reflns.pdbx_percent_possible_spherical                ? 
_reflns.pdbx_percent_possible_ellipsoidal_anomalous    ? 
_reflns.pdbx_percent_possible_spherical_anomalous      ? 
_reflns.pdbx_redundancy_anomalous                      ? 
_reflns.pdbx_CC_half_anomalous                         ? 
_reflns.pdbx_absDiff_over_sigma_anomalous              ? 
_reflns.pdbx_percent_possible_anomalous                ? 
_reflns.pdbx_observed_signal_threshold                 ? 
_reflns.pdbx_signal_type                               ? 
_reflns.pdbx_signal_details                            ? 
_reflns.pdbx_signal_software_id                        ? 
# 
loop_
_reflns_shell.d_res_high 
_reflns_shell.d_res_low 
_reflns_shell.meanI_over_sigI_all 
_reflns_shell.meanI_over_sigI_obs 
_reflns_shell.number_measured_all 
_reflns_shell.number_measured_obs 
_reflns_shell.number_possible 
_reflns_shell.number_unique_all 
_reflns_shell.number_unique_obs 
_reflns_shell.percent_possible_obs 
_reflns_shell.Rmerge_F_all 
_reflns_shell.Rmerge_F_obs 
_reflns_shell.meanI_over_sigI_gt 
_reflns_shell.meanI_over_uI_all 
_reflns_shell.meanI_over_uI_gt 
_reflns_shell.number_measured_gt 
_reflns_shell.number_unique_gt 
_reflns_shell.percent_possible_gt 
_reflns_shell.Rmerge_F_gt 
_reflns_shell.Rmerge_I_gt 
_reflns_shell.pdbx_redundancy 
_reflns_shell.pdbx_chi_squared 
_reflns_shell.pdbx_netI_over_sigmaI_all 
_reflns_shell.pdbx_netI_over_sigmaI_obs 
_reflns_shell.pdbx_Rrim_I_all 
_reflns_shell.pdbx_Rpim_I_all 
_reflns_shell.pdbx_rejects 
_reflns_shell.pdbx_ordinal 
_reflns_shell.pdbx_diffrn_id 
_reflns_shell.pdbx_CC_half 
_reflns_shell.pdbx_CC_star 
_reflns_shell.pdbx_R_split 
_reflns_shell.percent_possible_all 
_reflns_shell.Rmerge_I_all 
_reflns_shell.Rmerge_I_obs 
_reflns_shell.pdbx_Rsym_value 
_reflns_shell.pdbx_percent_possible_ellipsoidal 
_reflns_shell.pdbx_percent_possible_spherical 
_reflns_shell.pdbx_percent_possible_ellipsoidal_anomalous 
_reflns_shell.pdbx_percent_possible_spherical_anomalous 
_reflns_shell.pdbx_redundancy_anomalous 
_reflns_shell.pdbx_CC_half_anomalous 
_reflns_shell.pdbx_absDiff_over_sigma_anomalous 
_reflns_shell.pdbx_percent_possible_anomalous 
2.95 3.00  ? ? ? ? ? ? 272 ? ? ? ? ? ? ? ? ? ? ? 8.7  0.411 ? ? 1.223 0.402 ? 1  1 0.822 0.950 ? 99.3  ? 1.153 ? ? ? ? ? ? ? ? ? 
3.00 3.06  ? ? ? ? ? ? 255 ? ? ? ? ? ? ? ? ? ? ? 9.0  0.443 ? ? 0.779 0.253 ? 2  1 0.944 0.986 ? 100.0 ? 0.736 ? ? ? ? ? ? ? ? ? 
3.06 3.11  ? ? ? ? ? ? 272 ? ? ? ? ? ? ? ? ? ? ? 8.9  0.444 ? ? 0.527 0.174 ? 3  1 0.973 0.993 ? 100.0 ? 0.497 ? ? ? ? ? ? ? ? ? 
3.11 3.18  ? ? ? ? ? ? 247 ? ? ? ? ? ? ? ? ? ? ? 9.4  0.508 ? ? 0.322 0.104 ? 4  1 0.993 0.998 ? 100.0 ? 0.304 ? ? ? ? ? ? ? ? ? 
3.18 3.25  ? ? ? ? ? ? 278 ? ? ? ? ? ? ? ? ? ? ? 9.7  0.647 ? ? 0.138 0.045 ? 5  1 0.998 1.000 ? 100.0 ? 0.131 ? ? ? ? ? ? ? ? ? 
3.25 3.32  ? ? ? ? ? ? 265 ? ? ? ? ? ? ? ? ? ? ? 10.5 0.863 ? ? 0.088 0.027 ? 6  1 0.999 1.000 ? 100.0 ? 0.084 ? ? ? ? ? ? ? ? ? 
3.32 3.41  ? ? ? ? ? ? 252 ? ? ? ? ? ? ? ? ? ? ? 10.6 0.740 ? ? 0.111 0.034 ? 7  1 0.998 1.000 ? 100.0 ? 0.106 ? ? ? ? ? ? ? ? ? 
3.41 3.50  ? ? ? ? ? ? 267 ? ? ? ? ? ? ? ? ? ? ? 10.5 0.771 ? ? 0.114 0.035 ? 8  1 0.998 0.999 ? 100.0 ? 0.109 ? ? ? ? ? ? ? ? ? 
3.50 3.60  ? ? ? ? ? ? 256 ? ? ? ? ? ? ? ? ? ? ? 10.4 0.698 ? ? 0.121 0.037 ? 9  1 0.997 0.999 ? 100.0 ? 0.115 ? ? ? ? ? ? ? ? ? 
3.60 3.72  ? ? ? ? ? ? 270 ? ? ? ? ? ? ? ? ? ? ? 10.2 0.629 ? ? 0.119 0.037 ? 10 1 0.996 0.999 ? 100.0 ? 0.113 ? ? ? ? ? ? ? ? ? 
3.72 3.85  ? ? ? ? ? ? 264 ? ? ? ? ? ? ? ? ? ? ? 9.7  0.830 ? ? 0.099 0.032 ? 11 1 0.996 0.999 ? 100.0 ? 0.093 ? ? ? ? ? ? ? ? ? 
3.85 4.00  ? ? ? ? ? ? 256 ? ? ? ? ? ? ? ? ? ? ? 10.1 0.945 ? ? 0.082 0.026 ? 12 1 0.997 0.999 ? 100.0 ? 0.078 ? ? ? ? ? ? ? ? ? 
4.00 4.19  ? ? ? ? ? ? 262 ? ? ? ? ? ? ? ? ? ? ? 10.4 0.991 ? ? 0.076 0.023 ? 13 1 0.997 0.999 ? 100.0 ? 0.072 ? ? ? ? ? ? ? ? ? 
4.19 4.41  ? ? ? ? ? ? 272 ? ? ? ? ? ? ? ? ? ? ? 10.7 1.005 ? ? 0.076 0.023 ? 14 1 0.998 0.999 ? 100.0 ? 0.072 ? ? ? ? ? ? ? ? ? 
4.41 4.68  ? ? ? ? ? ? 262 ? ? ? ? ? ? ? ? ? ? ? 10.7 1.020 ? ? 0.067 0.020 ? 15 1 0.998 0.999 ? 100.0 ? 0.064 ? ? ? ? ? ? ? ? ? 
4.68 5.04  ? ? ? ? ? ? 267 ? ? ? ? ? ? ? ? ? ? ? 10.0 0.957 ? ? 0.053 0.017 ? 16 1 0.999 1.000 ? 100.0 ? 0.051 ? ? ? ? ? ? ? ? ? 
5.04 5.55  ? ? ? ? ? ? 255 ? ? ? ? ? ? ? ? ? ? ? 10.3 1.049 ? ? 0.048 0.015 ? 17 1 0.999 1.000 ? 100.0 ? 0.045 ? ? ? ? ? ? ? ? ? 
5.55 6.35  ? ? ? ? ? ? 267 ? ? ? ? ? ? ? ? ? ? ? 10.9 0.925 ? ? 0.044 0.013 ? 18 1 0.999 1.000 ? 100.0 ? 0.042 ? ? ? ? ? ? ? ? ? 
6.35 8.00  ? ? ? ? ? ? 257 ? ? ? ? ? ? ? ? ? ? ? 9.9  0.873 ? ? 0.040 0.013 ? 19 1 0.999 1.000 ? 100.0 ? 0.038 ? ? ? ? ? ? ? ? ? 
8.00 50.00 ? ? ? ? ? ? 267 ? ? ? ? ? ? ? ? ? ? ? 10.5 1.502 ? ? 0.051 0.015 ? 20 1 0.997 0.999 ? 100.0 ? 0.048 ? ? ? ? ? ? ? ? ? 
# 
_refine.aniso_B[1][1]                            ? 
_refine.aniso_B[1][2]                            ? 
_refine.aniso_B[1][3]                            ? 
_refine.aniso_B[2][2]                            ? 
_refine.aniso_B[2][3]                            ? 
_refine.aniso_B[3][3]                            ? 
_refine.B_iso_max                                ? 
_refine.B_iso_mean                               ? 
_refine.B_iso_min                                ? 
_refine.correlation_coeff_Fo_to_Fc               ? 
_refine.correlation_coeff_Fo_to_Fc_free          ? 
_refine.details                                  ? 
_refine.diff_density_max                         ? 
_refine.diff_density_max_esd                     ? 
_refine.diff_density_min                         ? 
_refine.diff_density_min_esd                     ? 
_refine.diff_density_rms                         ? 
_refine.diff_density_rms_esd                     ? 
_refine.entry_id                                 8TAM 
_refine.pdbx_refine_id                           'X-RAY DIFFRACTION' 
_refine.ls_abs_structure_details                 ? 
_refine.ls_abs_structure_Flack                   ? 
_refine.ls_abs_structure_Flack_esd               ? 
_refine.ls_abs_structure_Rogers                  ? 
_refine.ls_abs_structure_Rogers_esd              ? 
_refine.ls_d_res_high                            2.95 
_refine.ls_d_res_low                             44.29 
_refine.ls_extinction_coef                       ? 
_refine.ls_extinction_coef_esd                   ? 
_refine.ls_extinction_expression                 ? 
_refine.ls_extinction_method                     ? 
_refine.ls_goodness_of_fit_all                   ? 
_refine.ls_goodness_of_fit_all_esd               ? 
_refine.ls_goodness_of_fit_obs                   ? 
_refine.ls_goodness_of_fit_obs_esd               ? 
_refine.ls_hydrogen_treatment                    ? 
_refine.ls_matrix_type                           ? 
_refine.ls_number_constraints                    ? 
_refine.ls_number_parameters                     ? 
_refine.ls_number_reflns_all                     ? 
_refine.ls_number_reflns_obs                     5199 
_refine.ls_number_reflns_R_free                  266 
_refine.ls_number_reflns_R_work                  ? 
_refine.ls_number_restraints                     ? 
_refine.ls_percent_reflns_obs                    98.67 
_refine.ls_percent_reflns_R_free                 5.12 
_refine.ls_R_factor_all                          ? 
_refine.ls_R_factor_obs                          0.2217 
_refine.ls_R_factor_R_free                       0.2297 
_refine.ls_R_factor_R_free_error                 ? 
_refine.ls_R_factor_R_free_error_details         ? 
_refine.ls_R_factor_R_work                       0.2212 
_refine.ls_R_Fsqd_factor_obs                     ? 
_refine.ls_R_I_factor_obs                        ? 
_refine.ls_redundancy_reflns_all                 ? 
_refine.ls_redundancy_reflns_obs                 ? 
_refine.ls_restrained_S_all                      ? 
_refine.ls_restrained_S_obs                      ? 
_refine.ls_shift_over_esd_max                    ? 
_refine.ls_shift_over_esd_mean                   ? 
_refine.ls_structure_factor_coef                 ? 
_refine.ls_weighting_details                     ? 
_refine.ls_weighting_scheme                      ? 
_refine.ls_wR_factor_all                         ? 
_refine.ls_wR_factor_obs                         ? 
_refine.ls_wR_factor_R_free                      ? 
_refine.ls_wR_factor_R_work                      ? 
_refine.occupancy_max                            ? 
_refine.occupancy_min                            ? 
_refine.solvent_model_details                    'FLAT BULK SOLVENT MODEL' 
_refine.solvent_model_param_bsol                 ? 
_refine.solvent_model_param_ksol                 ? 
_refine.pdbx_R_complete                          ? 
_refine.ls_R_factor_gt                           ? 
_refine.ls_goodness_of_fit_gt                    ? 
_refine.ls_goodness_of_fit_ref                   ? 
_refine.ls_shift_over_su_max                     ? 
_refine.ls_shift_over_su_max_lt                  ? 
_refine.ls_shift_over_su_mean                    ? 
_refine.ls_shift_over_su_mean_lt                 ? 
_refine.pdbx_ls_sigma_I                          ? 
_refine.pdbx_ls_sigma_F                          1.98 
_refine.pdbx_ls_sigma_Fsqd                       ? 
_refine.pdbx_data_cutoff_high_absF               ? 
_refine.pdbx_data_cutoff_high_rms_absF           ? 
_refine.pdbx_data_cutoff_low_absF                ? 
_refine.pdbx_isotropic_thermal_model             ? 
_refine.pdbx_ls_cross_valid_method               THROUGHOUT 
_refine.pdbx_method_to_determine_struct          'MOLECULAR REPLACEMENT' 
_refine.pdbx_starting_model                      ? 
_refine.pdbx_stereochemistry_target_values       ML 
_refine.pdbx_R_Free_selection_details            ? 
_refine.pdbx_stereochem_target_val_spec_case     ? 
_refine.pdbx_overall_ESU_R                       ? 
_refine.pdbx_overall_ESU_R_Free                  ? 
_refine.pdbx_solvent_vdw_probe_radii             1.11 
_refine.pdbx_solvent_ion_probe_radii             ? 
_refine.pdbx_solvent_shrinkage_radii             0.90 
_refine.pdbx_real_space_R                        ? 
_refine.pdbx_density_correlation                 ? 
_refine.pdbx_pd_number_of_powder_patterns        ? 
_refine.pdbx_pd_number_of_points                 ? 
_refine.pdbx_pd_meas_number_of_points            ? 
_refine.pdbx_pd_proc_ls_prof_R_factor            ? 
_refine.pdbx_pd_proc_ls_prof_wR_factor           ? 
_refine.pdbx_pd_Marquardt_correlation_coeff      ? 
_refine.pdbx_pd_Fsqrd_R_factor                   ? 
_refine.pdbx_pd_ls_matrix_band_width             ? 
_refine.pdbx_overall_phase_error                 26.15 
_refine.pdbx_overall_SU_R_free_Cruickshank_DPI   ? 
_refine.pdbx_overall_SU_R_free_Blow_DPI          ? 
_refine.pdbx_overall_SU_R_Blow_DPI               ? 
_refine.pdbx_TLS_residual_ADP_flag               ? 
_refine.pdbx_diffrn_id                           1 
_refine.overall_SU_B                             ? 
_refine.overall_SU_ML                            0.00 
_refine.overall_SU_R_Cruickshank_DPI             ? 
_refine.overall_SU_R_free                        ? 
_refine.overall_FOM_free_R_set                   ? 
_refine.overall_FOM_work_R_set                   ? 
_refine.pdbx_average_fsc_overall                 ? 
_refine.pdbx_average_fsc_work                    ? 
_refine.pdbx_average_fsc_free                    ? 
# 
_refine_hist.pdbx_refine_id                   'X-RAY DIFFRACTION' 
_refine_hist.cycle_id                         LAST 
_refine_hist.pdbx_number_atoms_protein        0 
_refine_hist.pdbx_number_atoms_nucleic_acid   855 
_refine_hist.pdbx_number_atoms_ligand         70 
_refine_hist.number_atoms_solvent             4 
_refine_hist.number_atoms_total               929 
_refine_hist.d_res_high                       2.95 
_refine_hist.d_res_low                        44.29 
# 
loop_
_refine_ls_restr.pdbx_refine_id 
_refine_ls_restr.criterion 
_refine_ls_restr.dev_ideal 
_refine_ls_restr.dev_ideal_target 
_refine_ls_restr.number 
_refine_ls_restr.rejects 
_refine_ls_restr.type 
_refine_ls_restr.weight 
_refine_ls_restr.pdbx_restraint_function 
'X-RAY DIFFRACTION' ? 0.005  ? 1034 ? f_bond_d           ? ? 
'X-RAY DIFFRACTION' ? 0.925  ? 1579 ? f_angle_d          ? ? 
'X-RAY DIFFRACTION' ? 33.383 ? 422  ? f_dihedral_angle_d ? ? 
'X-RAY DIFFRACTION' ? 0.032  ? 166  ? f_chiral_restr     ? ? 
'X-RAY DIFFRACTION' ? 0.004  ? 48   ? f_plane_restr      ? ? 
# 
loop_
_refine_ls_shell.pdbx_refine_id 
_refine_ls_shell.d_res_high 
_refine_ls_shell.d_res_low 
_refine_ls_shell.number_reflns_all 
_refine_ls_shell.number_reflns_obs 
_refine_ls_shell.number_reflns_R_free 
_refine_ls_shell.number_reflns_R_work 
_refine_ls_shell.percent_reflns_obs 
_refine_ls_shell.percent_reflns_R_free 
_refine_ls_shell.R_factor_all 
_refine_ls_shell.R_factor_obs 
_refine_ls_shell.R_factor_R_free_error 
_refine_ls_shell.R_factor_R_work 
_refine_ls_shell.redundancy_reflns_all 
_refine_ls_shell.redundancy_reflns_obs 
_refine_ls_shell.wR_factor_all 
_refine_ls_shell.wR_factor_obs 
_refine_ls_shell.wR_factor_R_free 
_refine_ls_shell.wR_factor_R_work 
_refine_ls_shell.pdbx_R_complete 
_refine_ls_shell.pdbx_total_number_of_bins_used 
_refine_ls_shell.pdbx_phase_error 
_refine_ls_shell.pdbx_fsc_work 
_refine_ls_shell.pdbx_fsc_free 
_refine_ls_shell.R_factor_R_free 
'X-RAY DIFFRACTION' 2.95 3.71  . . 133 2438 97.00  . . . . 0.2898 . . . . . . . . . . . 0.3022 
'X-RAY DIFFRACTION' 3.72 44.29 . . 133 2495 100.00 . . . . 0.2028 . . . . . . . . . . . 0.2103 
# 
_struct.entry_id                     8TAM 
_struct.title                        
;Sequence specific (AATT) orientation of Hoechst molecules at two unique minor groove binding sites within a self-assembled 3D DNA lattice (4x6)
;
_struct.pdbx_model_details           ? 
_struct.pdbx_formula_weight          ? 
_struct.pdbx_formula_weight_method   ? 
_struct.pdbx_model_type_details      ? 
_struct.pdbx_CASP_flag               N 
# 
_struct_keywords.entry_id        8TAM 
_struct_keywords.text            
;Self-Assembly, DNA Nanotechnology, DNA Scaffold, Crystal Lattice, DNA, Minor Groove Binders, Netropsin, DAPI, Hoechst, ImPyPy, polyamide, host-guest
;
_struct_keywords.pdbx_keywords   DNA 
# 
loop_
_struct_asym.id 
_struct_asym.pdbx_blank_PDB_chainid_flag 
_struct_asym.pdbx_modified 
_struct_asym.entity_id 
_struct_asym.details 
A N N 1 ? 
B N N 2 ? 
C N N 3 ? 
D N N 4 ? 
E N N 5 ? 
F N N 6 ? 
G N N 5 ? 
H N N 6 ? 
I N N 7 ? 
J N N 7 ? 
K N N 7 ? 
# 
loop_
_struct_conn.id 
_struct_conn.conn_type_id 
_struct_conn.pdbx_leaving_atom_flag 
_struct_conn.pdbx_PDB_id 
_struct_conn.ptnr1_label_asym_id 
_struct_conn.ptnr1_label_comp_id 
_struct_conn.ptnr1_label_seq_id 
_struct_conn.ptnr1_label_atom_id 
_struct_conn.pdbx_ptnr1_label_alt_id 
_struct_conn.pdbx_ptnr1_PDB_ins_code 
_struct_conn.pdbx_ptnr1_standard_comp_id 
_struct_conn.ptnr1_symmetry 
_struct_conn.ptnr2_label_asym_id 
_struct_conn.ptnr2_label_comp_id 
_struct_conn.ptnr2_label_seq_id 
_struct_conn.ptnr2_label_atom_id 
_struct_conn.pdbx_ptnr2_label_alt_id 
_struct_conn.pdbx_ptnr2_PDB_ins_code 
_struct_conn.ptnr1_auth_asym_id 
_struct_conn.ptnr1_auth_comp_id 
_struct_conn.ptnr1_auth_seq_id 
_struct_conn.ptnr2_auth_asym_id 
_struct_conn.ptnr2_auth_comp_id 
_struct_conn.ptnr2_auth_seq_id 
_struct_conn.ptnr2_symmetry 
_struct_conn.pdbx_ptnr3_label_atom_id 
_struct_conn.pdbx_ptnr3_label_seq_id 
_struct_conn.pdbx_ptnr3_label_comp_id 
_struct_conn.pdbx_ptnr3_label_asym_id 
_struct_conn.pdbx_ptnr3_label_alt_id 
_struct_conn.pdbx_ptnr3_PDB_ins_code 
_struct_conn.details 
_struct_conn.pdbx_dist_value 
_struct_conn.pdbx_value_order 
_struct_conn.pdbx_role 
metalc1  metalc ? ? A DG 14 N7 ? ? ? 1_555 F CO . CO ? ? A DG 14 A CO 102 1_555 ? ? ? ? ? ? ?            2.457 ? ? 
metalc2  metalc ? ? D DG 1  N7 ? ? ? 1_555 H CO . CO ? ? D DG 10 D CO 102 1_555 ? ? ? ? ? ? ?            2.147 ? ? 
hydrog1  hydrog ? ? A DG 3  N1 ? ? ? 1_555 D DC 7 N3 ? ? A DG 3  D DC 16  1_555 ? ? ? ? ? ? WATSON-CRICK ?     ? ? 
hydrog2  hydrog ? ? A DG 3  N2 ? ? ? 1_555 D DC 7 O2 ? ? A DG 3  D DC 16  1_555 ? ? ? ? ? ? WATSON-CRICK ?     ? ? 
hydrog3  hydrog ? ? A DG 3  O6 ? ? ? 1_555 D DC 7 N4 ? ? A DG 3  D DC 16  1_555 ? ? ? ? ? ? WATSON-CRICK ?     ? ? 
hydrog4  hydrog ? ? A DA 4  N1 ? ? ? 1_555 D DT 6 N3 ? ? A DA 4  D DT 15  1_555 ? ? ? ? ? ? WATSON-CRICK ?     ? ? 
hydrog5  hydrog ? ? A DA 4  N6 ? ? ? 1_555 D DT 6 O4 ? ? A DA 4  D DT 15  1_555 ? ? ? ? ? ? WATSON-CRICK ?     ? ? 
hydrog6  hydrog ? ? A DA 5  N1 ? ? ? 1_555 D DT 5 N3 ? ? A DA 5  D DT 14  1_555 ? ? ? ? ? ? WATSON-CRICK ?     ? ? 
hydrog7  hydrog ? ? A DA 5  N6 ? ? ? 1_555 D DT 5 O4 ? ? A DA 5  D DT 14  1_555 ? ? ? ? ? ? WATSON-CRICK ?     ? ? 
hydrog8  hydrog ? ? A DT 6  N3 ? ? ? 1_555 D DA 4 N1 ? ? A DT 6  D DA 13  1_555 ? ? ? ? ? ? WATSON-CRICK ?     ? ? 
hydrog9  hydrog ? ? A DT 6  O4 ? ? ? 1_555 D DA 4 N6 ? ? A DT 6  D DA 13  1_555 ? ? ? ? ? ? WATSON-CRICK ?     ? ? 
hydrog10 hydrog ? ? A DT 7  N3 ? ? ? 1_555 D DA 3 N1 ? ? A DT 7  D DA 12  1_555 ? ? ? ? ? ? WATSON-CRICK ?     ? ? 
hydrog11 hydrog ? ? A DT 7  O4 ? ? ? 1_555 D DA 3 N6 ? ? A DT 7  D DA 12  1_555 ? ? ? ? ? ? WATSON-CRICK ?     ? ? 
hydrog12 hydrog ? ? A DC 8  N3 ? ? ? 1_555 D DG 2 N1 ? ? A DC 8  D DG 11  1_555 ? ? ? ? ? ? WATSON-CRICK ?     ? ? 
hydrog13 hydrog ? ? A DC 8  N4 ? ? ? 1_555 D DG 2 O6 ? ? A DC 8  D DG 11  1_555 ? ? ? ? ? ? WATSON-CRICK ?     ? ? 
hydrog14 hydrog ? ? A DC 8  O2 ? ? ? 1_555 D DG 2 N2 ? ? A DC 8  D DG 11  1_555 ? ? ? ? ? ? WATSON-CRICK ?     ? ? 
hydrog15 hydrog ? ? A DC 9  N3 ? ? ? 1_555 D DG 1 N1 ? ? A DC 9  D DG 10  1_555 ? ? ? ? ? ? WATSON-CRICK ?     ? ? 
hydrog16 hydrog ? ? A DC 9  N4 ? ? ? 1_555 D DG 1 O6 ? ? A DC 9  D DG 10  1_555 ? ? ? ? ? ? WATSON-CRICK ?     ? ? 
hydrog17 hydrog ? ? A DC 9  O2 ? ? ? 1_555 D DG 1 N2 ? ? A DC 9  D DG 10  1_555 ? ? ? ? ? ? WATSON-CRICK ?     ? ? 
hydrog18 hydrog ? ? A DT 10 N3 ? ? ? 1_555 B DA 6 N1 ? ? A DT 10 B DA 5   1_555 ? ? ? ? ? ? WATSON-CRICK ?     ? ? 
hydrog19 hydrog ? ? A DT 10 O4 ? ? ? 1_555 B DA 6 N6 ? ? A DT 10 B DA 5   1_555 ? ? ? ? ? ? WATSON-CRICK ?     ? ? 
hydrog20 hydrog ? ? A DG 11 N1 ? ? ? 1_555 B DC 5 N3 ? ? A DG 11 B DC 4   1_555 ? ? ? ? ? ? WATSON-CRICK ?     ? ? 
hydrog21 hydrog ? ? A DG 11 N2 ? ? ? 1_555 B DC 5 O2 ? ? A DG 11 B DC 4   1_555 ? ? ? ? ? ? WATSON-CRICK ?     ? ? 
hydrog22 hydrog ? ? A DG 11 O6 ? ? ? 1_555 B DC 5 N4 ? ? A DG 11 B DC 4   1_555 ? ? ? ? ? ? WATSON-CRICK ?     ? ? 
hydrog23 hydrog ? ? A DA 12 N1 ? ? ? 1_555 B DT 4 N3 ? ? A DA 12 B DT 3   1_555 ? ? ? ? ? ? WATSON-CRICK ?     ? ? 
hydrog24 hydrog ? ? A DA 12 N6 ? ? ? 1_555 B DT 4 O4 ? ? A DA 12 B DT 3   1_555 ? ? ? ? ? ? WATSON-CRICK ?     ? ? 
hydrog25 hydrog ? ? A DC 13 N3 ? ? ? 1_555 B DG 3 N1 ? ? A DC 13 B DG 2   1_555 ? ? ? ? ? ? WATSON-CRICK ?     ? ? 
hydrog26 hydrog ? ? A DC 13 N4 ? ? ? 1_555 B DG 3 O6 ? ? A DC 13 B DG 2   1_555 ? ? ? ? ? ? WATSON-CRICK ?     ? ? 
hydrog27 hydrog ? ? A DC 13 O2 ? ? ? 1_555 B DG 3 N2 ? ? A DC 13 B DG 2   1_555 ? ? ? ? ? ? WATSON-CRICK ?     ? ? 
hydrog28 hydrog ? ? A DG 14 N1 ? ? ? 1_555 B DC 2 N3 ? ? A DG 14 B DC 1   1_555 ? ? ? ? ? ? WATSON-CRICK ?     ? ? 
hydrog29 hydrog ? ? A DG 14 N2 ? ? ? 1_555 B DC 2 O2 ? ? A DG 14 B DC 1   1_555 ? ? ? ? ? ? WATSON-CRICK ?     ? ? 
hydrog30 hydrog ? ? A DG 14 O6 ? ? ? 1_555 B DC 2 N4 ? ? A DG 14 B DC 1   1_555 ? ? ? ? ? ? WATSON-CRICK ?     ? ? 
hydrog31 hydrog ? ? A DG 15 N1 ? ? ? 1_555 B DC 1 N3 ? ? A DG 15 B DC 0   1_555 ? ? ? ? ? ? WATSON-CRICK ?     ? ? 
hydrog32 hydrog ? ? A DG 15 N2 ? ? ? 1_555 B DC 1 O2 ? ? A DG 15 B DC 0   1_555 ? ? ? ? ? ? WATSON-CRICK ?     ? ? 
hydrog33 hydrog ? ? A DG 15 O6 ? ? ? 1_555 B DC 1 N4 ? ? A DG 15 B DC 0   1_555 ? ? ? ? ? ? WATSON-CRICK ?     ? ? 
hydrog34 hydrog ? ? A DA 16 N1 ? ? ? 1_555 C DT 8 N3 ? ? A DA 16 C DT 8   1_555 ? ? ? ? ? ? WATSON-CRICK ?     ? ? 
hydrog35 hydrog ? ? A DA 16 N6 ? ? ? 1_555 C DT 8 O4 ? ? A DA 16 C DT 8   1_555 ? ? ? ? ? ? WATSON-CRICK ?     ? ? 
hydrog36 hydrog ? ? A DA 17 N1 ? ? ? 1_555 C DT 7 N3 ? ? A DA 17 C DT 7   1_555 ? ? ? ? ? ? WATSON-CRICK ?     ? ? 
hydrog37 hydrog ? ? A DA 17 N6 ? ? ? 1_555 C DT 7 O4 ? ? A DA 17 C DT 7   1_555 ? ? ? ? ? ? WATSON-CRICK ?     ? ? 
hydrog38 hydrog ? ? A DA 18 N1 ? ? ? 1_555 C DT 6 N3 ? ? A DA 18 C DT 6   1_555 ? ? ? ? ? ? WATSON-CRICK ?     ? ? 
hydrog39 hydrog ? ? A DA 18 N6 ? ? ? 1_555 C DT 6 O4 ? ? A DA 18 C DT 6   1_555 ? ? ? ? ? ? WATSON-CRICK ?     ? ? 
hydrog40 hydrog ? ? A DT 19 N3 ? ? ? 1_555 C DA 5 N1 ? ? A DT 19 C DA 5   1_555 ? ? ? ? ? ? WATSON-CRICK ?     ? ? 
hydrog41 hydrog ? ? A DT 19 O4 ? ? ? 1_555 C DA 5 N6 ? ? A DT 19 C DA 5   1_555 ? ? ? ? ? ? WATSON-CRICK ?     ? ? 
hydrog42 hydrog ? ? A DT 20 N3 ? ? ? 1_555 C DA 4 N1 ? ? A DT 20 C DA 4   1_555 ? ? ? ? ? ? WATSON-CRICK ?     ? ? 
hydrog43 hydrog ? ? A DT 20 O4 ? ? ? 1_555 C DA 4 N6 ? ? A DT 20 C DA 4   1_555 ? ? ? ? ? ? WATSON-CRICK ?     ? ? 
hydrog44 hydrog ? ? A DA 21 N1 ? ? ? 1_555 C DT 3 N3 ? ? A DA 21 C DT 3   1_555 ? ? ? ? ? ? WATSON-CRICK ?     ? ? 
hydrog45 hydrog ? ? A DA 21 N6 ? ? ? 1_555 C DT 3 O4 ? ? A DA 21 C DT 3   1_555 ? ? ? ? ? ? WATSON-CRICK ?     ? ? 
# 
loop_
_struct_conn_type.id 
_struct_conn_type.criteria 
_struct_conn_type.reference 
metalc ? ? 
hydrog ? ? 
# 
_atom_sites.entry_id                    8TAM 
_atom_sites.Cartn_transf_matrix[1][1]   ? 
_atom_sites.Cartn_transf_matrix[1][2]   ? 
_atom_sites.Cartn_transf_matrix[1][3]   ? 
_atom_sites.Cartn_transf_matrix[2][1]   ? 
_atom_sites.Cartn_transf_matrix[2][2]   ? 
_atom_sites.Cartn_transf_matrix[2][3]   ? 
_atom_sites.Cartn_transf_matrix[3][1]   ? 
_atom_sites.Cartn_transf_matrix[3][2]   ? 
_atom_sites.Cartn_transf_matrix[3][3]   ? 
_atom_sites.Cartn_transf_vector[1]      ? 
_atom_sites.Cartn_transf_vector[2]      ? 
_atom_sites.Cartn_transf_vector[3]      ? 
_atom_sites.fract_transf_matrix[1][1]   0.00490082 
_atom_sites.fract_transf_matrix[1][2]   -0.00858679 
_atom_sites.fract_transf_matrix[1][3]   -0.00071640 
_atom_sites.fract_transf_matrix[2][1]   -0.00434936 
_atom_sites.fract_transf_matrix[2][2]   -0.00844119 
_atom_sites.fract_transf_matrix[2][3]   0.00284551 
_atom_sites.fract_transf_matrix[3][1]   -0.00726503 
_atom_sites.fract_transf_matrix[3][2]   -0.00258116 
_atom_sites.fract_transf_matrix[3][3]   -0.01876160 
_atom_sites.fract_transf_vector[1]      -0.238946 
_atom_sites.fract_transf_vector[2]      -0.261773 
_atom_sites.fract_transf_vector[3]      -0.343971 
_atom_sites.solution_primary            ? 
_atom_sites.solution_secondary          ? 
_atom_sites.solution_hydrogens          ? 
_atom_sites.special_details             ? 
# 
loop_
_atom_type.symbol 
C  
CO 
N  
O  
P  
# 
loop_
_atom_site.group_PDB 
_atom_site.id 
_atom_site.type_symbol 
_atom_site.label_atom_id 
_atom_site.label_alt_id 
_atom_site.label_comp_id 
_atom_site.label_asym_id 
_atom_site.label_entity_id 
_atom_site.label_seq_id 
_atom_site.pdbx_PDB_ins_code 
_atom_site.Cartn_x 
_atom_site.Cartn_y 
_atom_site.Cartn_z 
_atom_site.occupancy 
_atom_site.B_iso_or_equiv 
_atom_site.pdbx_formal_charge 
_atom_site.auth_seq_id 
_atom_site.auth_comp_id 
_atom_site.auth_asym_id 
_atom_site.auth_atom_id 
_atom_site.pdbx_PDB_model_num 
ATOM   1   O  "O5'" . DG  A 1 1  ? 35.041  9.534   -0.008  1.00 102.14 ? 1   DG  A "O5'" 1 
ATOM   2   C  "C5'" . DG  A 1 1  ? 34.631  8.170   -0.132  1.00 104.84 ? 1   DG  A "C5'" 1 
ATOM   3   C  "C4'" . DG  A 1 1  ? 34.992  7.618   -1.501  1.00 102.41 ? 1   DG  A "C4'" 1 
ATOM   4   O  "O4'" . DG  A 1 1  ? 35.873  6.494   -1.349  1.00 95.95  ? 1   DG  A "O4'" 1 
ATOM   5   C  "C3'" . DG  A 1 1  ? 33.824  7.078   -2.303  1.00 101.47 ? 1   DG  A "C3'" 1 
ATOM   6   O  "O3'" . DG  A 1 1  ? 33.225  8.131   -3.044  1.00 108.57 ? 1   DG  A "O3'" 1 
ATOM   7   C  "C2'" . DG  A 1 1  ? 34.486  6.049   -3.226  1.00 92.93  ? 1   DG  A "C2'" 1 
ATOM   8   C  "C1'" . DG  A 1 1  ? 35.781  5.679   -2.495  1.00 85.88  ? 1   DG  A "C1'" 1 
ATOM   9   N  N9    . DG  A 1 1  ? 35.845  4.287   -2.070  1.00 79.35  ? 1   DG  A N9    1 
ATOM   10  C  C8    . DG  A 1 1  ? 35.887  3.822   -0.776  1.00 83.68  ? 1   DG  A C8    1 
ATOM   11  N  N7    . DG  A 1 1  ? 35.951  2.521   -0.694  1.00 84.53  ? 1   DG  A N7    1 
ATOM   12  C  C5    . DG  A 1 1  ? 35.951  2.095   -2.017  1.00 76.46  ? 1   DG  A C5    1 
ATOM   13  C  C6    . DG  A 1 1  ? 36.005  0.787   -2.552  1.00 72.32  ? 1   DG  A C6    1 
ATOM   14  O  O6    . DG  A 1 1  ? 36.065  -0.287  -1.939  1.00 74.39  ? 1   DG  A O6    1 
ATOM   15  N  N1    . DG  A 1 1  ? 35.982  0.794   -3.945  1.00 72.90  ? 1   DG  A N1    1 
ATOM   16  C  C2    . DG  A 1 1  ? 35.917  1.927   -4.725  1.00 81.54  ? 1   DG  A C2    1 
ATOM   17  N  N2    . DG  A 1 1  ? 35.905  1.733   -6.052  1.00 79.66  ? 1   DG  A N2    1 
ATOM   18  N  N3    . DG  A 1 1  ? 35.867  3.165   -4.236  1.00 79.74  ? 1   DG  A N3    1 
ATOM   19  C  C4    . DG  A 1 1  ? 35.887  3.172   -2.879  1.00 78.64  ? 1   DG  A C4    1 
ATOM   20  P  P     . DA  A 1 2  ? 32.006  7.830   -4.047  1.00 122.87 ? 2   DA  A P     1 
ATOM   21  O  OP1   . DA  A 1 2  ? 31.317  9.115   -4.306  1.00 110.05 ? 2   DA  A OP1   1 
ATOM   22  O  OP2   . DA  A 1 2  ? 31.253  6.680   -3.496  1.00 110.98 ? 2   DA  A OP2   1 
ATOM   23  O  "O5'" . DA  A 1 2  ? 32.723  7.363   -5.403  1.00 108.31 ? 2   DA  A "O5'" 1 
ATOM   24  C  "C5'" . DA  A 1 2  ? 32.084  7.582   -6.654  1.00 105.78 ? 2   DA  A "C5'" 1 
ATOM   25  C  "C4'" . DA  A 1 2  ? 32.329  6.421   -7.600  1.00 104.24 ? 2   DA  A "C4'" 1 
ATOM   26  O  "O4'" . DA  A 1 2  ? 32.948  5.324   -6.878  1.00 94.09  ? 2   DA  A "O4'" 1 
ATOM   27  C  "C3'" . DA  A 1 2  ? 31.071  5.837   -8.237  1.00 102.46 ? 2   DA  A "C3'" 1 
ATOM   28  O  "O3'" . DA  A 1 2  ? 31.371  5.380   -9.551  1.00 99.09  ? 2   DA  A "O3'" 1 
ATOM   29  C  "C2'" . DA  A 1 2  ? 30.746  4.679   -7.301  1.00 99.51  ? 2   DA  A "C2'" 1 
ATOM   30  C  "C1'" . DA  A 1 2  ? 32.144  4.170   -6.997  1.00 93.73  ? 2   DA  A "C1'" 1 
ATOM   31  N  N9    . DA  A 1 2  ? 32.253  3.414   -5.758  1.00 86.77  ? 2   DA  A N9    1 
ATOM   32  C  C8    . DA  A 1 2  ? 32.271  3.912   -4.488  1.00 88.12  ? 2   DA  A C8    1 
ATOM   33  N  N7    . DA  A 1 2  ? 32.401  2.993   -3.560  1.00 88.91  ? 2   DA  A N7    1 
ATOM   34  C  C5    . DA  A 1 2  ? 32.477  1.808   -4.272  1.00 81.47  ? 2   DA  A C5    1 
ATOM   35  C  C6    . DA  A 1 2  ? 32.617  0.463   -3.871  1.00 81.96  ? 2   DA  A C6    1 
ATOM   36  N  N6    . DA  A 1 2  ? 32.711  0.084   -2.592  1.00 80.94  ? 2   DA  A N6    1 
ATOM   37  N  N1    . DA  A 1 2  ? 32.659  -0.479  -4.836  1.00 79.97  ? 2   DA  A N1    1 
ATOM   38  C  C2    . DA  A 1 2  ? 32.566  -0.092  -6.115  1.00 89.19  ? 2   DA  A C2    1 
ATOM   39  N  N3    . DA  A 1 2  ? 32.432  1.140   -6.614  1.00 84.04  ? 2   DA  A N3    1 
ATOM   40  C  C4    . DA  A 1 2  ? 32.394  2.050   -5.631  1.00 79.53  ? 2   DA  A C4    1 
ATOM   41  P  P     . DG  A 1 3  ? 30.227  5.339   -10.679 1.00 107.79 ? 3   DG  A P     1 
ATOM   42  O  OP1   . DG  A 1 3  ? 30.609  6.277   -11.758 1.00 108.54 ? 3   DG  A OP1   1 
ATOM   43  O  OP2   . DG  A 1 3  ? 28.923  5.491   -9.997  1.00 110.33 ? 3   DG  A OP2   1 
ATOM   44  O  "O5'" . DG  A 1 3  ? 30.314  3.848   -11.246 1.00 107.48 ? 3   DG  A "O5'" 1 
ATOM   45  C  "C5'" . DG  A 1 3  ? 30.549  2.771   -10.350 1.00 100.97 ? 3   DG  A "C5'" 1 
ATOM   46  C  "C4'" . DG  A 1 3  ? 29.649  1.592   -10.668 1.00 108.59 ? 3   DG  A "C4'" 1 
ATOM   47  O  "O4'" . DG  A 1 3  ? 29.589  0.714   -9.512  1.00 106.32 ? 3   DG  A "O4'" 1 
ATOM   48  C  "C3'" . DG  A 1 3  ? 28.202  1.951   -10.965 1.00 107.56 ? 3   DG  A "C3'" 1 
ATOM   49  O  "O3'" . DG  A 1 3  ? 27.609  0.939   -11.772 1.00 107.25 ? 3   DG  A "O3'" 1 
ATOM   50  C  "C2'" . DG  A 1 3  ? 27.595  1.974   -9.571  1.00 102.18 ? 3   DG  A "C2'" 1 
ATOM   51  C  "C1'" . DG  A 1 3  ? 28.312  0.801   -8.910  1.00 99.00  ? 3   DG  A "C1'" 1 
ATOM   52  N  N9    . DG  A 1 3  ? 28.483  0.967   -7.469  1.00 93.04  ? 3   DG  A N9    1 
ATOM   53  C  C8    . DG  A 1 3  ? 28.375  2.139   -6.756  1.00 99.84  ? 3   DG  A C8    1 
ATOM   54  N  N7    . DG  A 1 3  ? 28.577  1.988   -5.475  1.00 97.88  ? 3   DG  A N7    1 
ATOM   55  C  C5    . DG  A 1 3  ? 28.836  0.631   -5.328  1.00 89.79  ? 3   DG  A C5    1 
ATOM   56  C  C6    . DG  A 1 3  ? 29.129  -0.118  -4.163  1.00 89.20  ? 3   DG  A C6    1 
ATOM   57  O  O6    . DG  A 1 3  ? 29.219  0.285   -2.994  1.00 92.15  ? 3   DG  A O6    1 
ATOM   58  N  N1    . DG  A 1 3  ? 29.325  -1.466  -4.455  1.00 87.56  ? 3   DG  A N1    1 
ATOM   59  C  C2    . DG  A 1 3  ? 29.249  -2.020  -5.712  1.00 90.18  ? 3   DG  A C2    1 
ATOM   60  N  N2    . DG  A 1 3  ? 29.466  -3.341  -5.794  1.00 87.16  ? 3   DG  A N2    1 
ATOM   61  N  N3    . DG  A 1 3  ? 28.976  -1.328  -6.814  1.00 87.11  ? 3   DG  A N3    1 
ATOM   62  C  C4    . DG  A 1 3  ? 28.781  -0.012  -6.547  1.00 87.87  ? 3   DG  A C4    1 
ATOM   63  P  P     . DA  A 1 4  ? 26.355  1.282   -12.719 1.00 114.08 ? 4   DA  A P     1 
ATOM   64  O  OP1   . DA  A 1 4  ? 26.884  1.786   -14.007 1.00 113.64 ? 4   DA  A OP1   1 
ATOM   65  O  OP2   . DA  A 1 4  ? 25.406  2.112   -11.940 1.00 103.33 ? 4   DA  A OP2   1 
ATOM   66  O  "O5'" . DA  A 1 4  ? 25.673  -0.141  -12.969 1.00 100.65 ? 4   DA  A "O5'" 1 
ATOM   67  C  "C5'" . DA  A 1 4  ? 26.437  -1.203  -13.517 1.00 96.86  ? 4   DA  A "C5'" 1 
ATOM   68  C  "C4'" . DA  A 1 4  ? 26.085  -2.526  -12.856 1.00 100.20 ? 4   DA  A "C4'" 1 
ATOM   69  O  "O4'" . DA  A 1 4  ? 26.335  -2.446  -11.428 1.00 99.38  ? 4   DA  A "O4'" 1 
ATOM   70  C  "C3'" . DA  A 1 4  ? 24.633  -2.963  -12.995 1.00 101.88 ? 4   DA  A "C3'" 1 
ATOM   71  O  "O3'" . DA  A 1 4  ? 24.580  -4.380  -13.080 1.00 103.85 ? 4   DA  A "O3'" 1 
ATOM   72  C  "C2'" . DA  A 1 4  ? 24.011  -2.456  -11.695 1.00 100.24 ? 4   DA  A "C2'" 1 
ATOM   73  C  "C1'" . DA  A 1 4  ? 25.143  -2.705  -10.713 1.00 96.86  ? 4   DA  A "C1'" 1 
ATOM   74  N  N9    . DA  A 1 4  ? 25.129  -1.828  -9.544  1.00 97.51  ? 4   DA  A N9    1 
ATOM   75  C  C8    . DA  A 1 4  ? 24.874  -0.482  -9.522  1.00 97.90  ? 4   DA  A C8    1 
ATOM   76  N  N7    . DA  A 1 4  ? 24.956  0.055   -8.325  1.00 92.78  ? 4   DA  A N7    1 
ATOM   77  C  C5    . DA  A 1 4  ? 25.299  -1.011  -7.506  1.00 90.90  ? 4   DA  A C5    1 
ATOM   78  C  C6    . DA  A 1 4  ? 25.542  -1.103  -6.121  1.00 91.40  ? 4   DA  A C6    1 
ATOM   79  N  N6    . DA  A 1 4  ? 25.467  -0.058  -5.289  1.00 93.15  ? 4   DA  A N6    1 
ATOM   80  N  N1    . DA  A 1 4  ? 25.863  -2.317  -5.621  1.00 88.30  ? 4   DA  A N1    1 
ATOM   81  C  C2    . DA  A 1 4  ? 25.939  -3.359  -6.458  1.00 89.81  ? 4   DA  A C2    1 
ATOM   82  N  N3    . DA  A 1 4  ? 25.735  -3.395  -7.775  1.00 87.90  ? 4   DA  A N3    1 
ATOM   83  C  C4    . DA  A 1 4  ? 25.415  -2.177  -8.241  1.00 90.44  ? 4   DA  A C4    1 
ATOM   84  P  P     . DA  A 1 5  ? 23.193  -5.130  -13.376 1.00 113.20 ? 5   DA  A P     1 
ATOM   85  O  OP1   . DA  A 1 5  ? 23.483  -6.223  -14.331 1.00 110.33 ? 5   DA  A OP1   1 
ATOM   86  O  OP2   . DA  A 1 5  ? 22.182  -4.105  -13.724 1.00 112.18 ? 5   DA  A OP2   1 
ATOM   87  O  "O5'" . DA  A 1 5  ? 22.800  -5.774  -11.963 1.00 103.16 ? 5   DA  A "O5'" 1 
ATOM   88  C  "C5'" . DA  A 1 5  ? 23.602  -6.807  -11.413 1.00 99.56  ? 5   DA  A "C5'" 1 
ATOM   89  C  "C4'" . DA  A 1 5  ? 23.232  -7.082  -9.962  1.00 106.53 ? 5   DA  A "C4'" 1 
ATOM   90  O  "O4'" . DA  A 1 5  ? 23.410  -5.881  -9.167  1.00 101.85 ? 5   DA  A "O4'" 1 
ATOM   91  C  "C3'" . DA  A 1 5  ? 21.787  -7.539  -9.722  1.00 102.15 ? 5   DA  A "C3'" 1 
ATOM   92  O  "O3'" . DA  A 1 5  ? 21.783  -8.685  -8.877  1.00 107.71 ? 5   DA  A "O3'" 1 
ATOM   93  C  "C2'" . DA  A 1 5  ? 21.147  -6.337  -9.026  1.00 99.51  ? 5   DA  A "C2'" 1 
ATOM   94  C  "C1'" . DA  A 1 5  ? 22.335  -5.778  -8.269  1.00 95.50  ? 5   DA  A "C1'" 1 
ATOM   95  N  N9    . DA  A 1 5  ? 22.189  -4.379  -7.884  1.00 95.31  ? 5   DA  A N9    1 
ATOM   96  C  C8    . DA  A 1 5  ? 21.784  -3.343  -8.678  1.00 90.24  ? 5   DA  A C8    1 
ATOM   97  N  N7    . DA  A 1 5  ? 21.758  -2.183  -8.061  1.00 86.57  ? 5   DA  A N7    1 
ATOM   98  C  C5    . DA  A 1 5  ? 22.181  -2.480  -6.775  1.00 90.22  ? 5   DA  A C5    1 
ATOM   99  C  C6    . DA  A 1 5  ? 22.368  -1.680  -5.628  1.00 90.32  ? 5   DA  A C6    1 
ATOM   100 N  N6    . DA  A 1 5  ? 22.145  -0.364  -5.607  1.00 88.68  ? 5   DA  A N6    1 
ATOM   101 N  N1    . DA  A 1 5  ? 22.797  -2.289  -4.503  1.00 89.57  ? 5   DA  A N1    1 
ATOM   102 C  C2    . DA  A 1 5  ? 23.022  -3.608  -4.529  1.00 93.20  ? 5   DA  A C2    1 
ATOM   103 N  N3    . DA  A 1 5  ? 22.882  -4.464  -5.544  1.00 94.84  ? 5   DA  A N3    1 
ATOM   104 C  C4    . DA  A 1 5  ? 22.452  -3.829  -6.648  1.00 92.91  ? 5   DA  A C4    1 
ATOM   105 P  P     . DT  A 1 6  ? 20.606  -9.775  -8.987  1.00 113.82 ? 6   DT  A P     1 
ATOM   106 O  OP1   . DT  A 1 6  ? 20.872  -10.834 -7.988  1.00 94.20  ? 6   DT  A OP1   1 
ATOM   107 O  OP2   . DT  A 1 6  ? 20.464  -10.133 -10.417 1.00 109.26 ? 6   DT  A OP2   1 
ATOM   108 O  "O5'" . DT  A 1 6  ? 19.299  -8.971  -8.539  1.00 117.11 ? 6   DT  A "O5'" 1 
ATOM   109 C  "C5'" . DT  A 1 6  ? 18.607  -9.337  -7.350  1.00 117.18 ? 6   DT  A "C5'" 1 
ATOM   110 C  "C4'" . DT  A 1 6  ? 19.334  -8.829  -6.116  1.00 110.10 ? 6   DT  A "C4'" 1 
ATOM   111 O  "O4'" . DT  A 1 6  ? 19.682  -7.449  -6.297  1.00 104.86 ? 6   DT  A "O4'" 1 
ATOM   112 C  "C3'" . DT  A 1 6  ? 18.508  -8.856  -4.838  1.00 106.89 ? 6   DT  A "C3'" 1 
ATOM   113 O  "O3'" . DT  A 1 6  ? 18.753  -10.057 -4.134  1.00 108.43 ? 6   DT  A "O3'" 1 
ATOM   114 C  "C2'" . DT  A 1 6  ? 18.998  -7.634  -4.044  1.00 103.13 ? 6   DT  A "C2'" 1 
ATOM   115 C  "C1'" . DT  A 1 6  ? 19.880  -6.872  -5.031  1.00 101.10 ? 6   DT  A "C1'" 1 
ATOM   116 N  N1    . DT  A 1 6  ? 19.586  -5.403  -5.119  1.00 93.98  ? 6   DT  A N1    1 
ATOM   117 C  C2    . DT  A 1 6  ? 19.830  -4.596  -4.027  1.00 96.94  ? 6   DT  A C2    1 
ATOM   118 O  O2    . DT  A 1 6  ? 20.256  -5.015  -2.966  1.00 105.08 ? 6   DT  A O2    1 
ATOM   119 N  N3    . DT  A 1 6  ? 19.549  -3.269  -4.219  1.00 89.49  ? 6   DT  A N3    1 
ATOM   120 C  C4    . DT  A 1 6  ? 19.069  -2.677  -5.372  1.00 91.22  ? 6   DT  A C4    1 
ATOM   121 O  O4    . DT  A 1 6  ? 18.850  -1.471  -5.449  1.00 86.43  ? 6   DT  A O4    1 
ATOM   122 C  C5    . DT  A 1 6  ? 18.843  -3.578  -6.481  1.00 91.39  ? 6   DT  A C5    1 
ATOM   123 C  C7    . DT  A 1 6  ? 18.321  -3.051  -7.785  1.00 91.28  ? 6   DT  A C7    1 
ATOM   124 C  C6    . DT  A 1 6  ? 19.114  -4.880  -6.304  1.00 90.78  ? 6   DT  A C6    1 
ATOM   125 P  P     . DT  A 1 7  ? 17.610  -10.683 -3.199  1.00 115.07 ? 7   DT  A P     1 
ATOM   126 O  OP1   . DT  A 1 7  ? 18.278  -11.389 -2.083  1.00 117.80 ? 7   DT  A OP1   1 
ATOM   127 O  OP2   . DT  A 1 7  ? 16.676  -11.413 -4.087  1.00 123.29 ? 7   DT  A OP2   1 
ATOM   128 O  "O5'" . DT  A 1 7  ? 16.852  -9.403  -2.610  1.00 113.22 ? 7   DT  A "O5'" 1 
ATOM   129 C  "C5'" . DT  A 1 7  ? 16.561  -9.317  -1.217  1.00 112.87 ? 7   DT  A "C5'" 1 
ATOM   130 C  "C4'" . DT  A 1 7  ? 16.807  -7.907  -0.714  1.00 108.18 ? 7   DT  A "C4'" 1 
ATOM   131 O  "O4'" . DT  A 1 7  ? 17.050  -7.050  -1.833  1.00 107.12 ? 7   DT  A "O4'" 1 
ATOM   132 C  "C3'" . DT  A 1 7  ? 15.630  -7.256  -0.011  1.00 109.77 ? 7   DT  A "C3'" 1 
ATOM   133 O  "O3'" . DT  A 1 7  ? 15.662  -7.549  1.374   1.00 113.21 ? 7   DT  A "O3'" 1 
ATOM   134 C  "C2'" . DT  A 1 7  ? 15.851  -5.757  -0.264  1.00 103.54 ? 7   DT  A "C2'" 1 
ATOM   135 C  "C1'" . DT  A 1 7  ? 16.839  -5.723  -1.425  1.00 101.32 ? 7   DT  A "C1'" 1 
ATOM   136 N  N1    . DT  A 1 7  ? 16.404  -4.910  -2.609  1.00 95.87  ? 7   DT  A N1    1 
ATOM   137 C  C2    . DT  A 1 7  ? 16.419  -3.537  -2.522  1.00 93.76  ? 7   DT  A C2    1 
ATOM   138 O  O2    . DT  A 1 7  ? 16.728  -2.938  -1.509  1.00 97.81  ? 7   DT  A O2    1 
ATOM   139 N  N3    . DT  A 1 7  ? 16.042  -2.884  -3.666  1.00 85.97  ? 7   DT  A N3    1 
ATOM   140 C  C4    . DT  A 1 7  ? 15.669  -3.453  -4.867  1.00 86.66  ? 7   DT  A C4    1 
ATOM   141 O  O4    . DT  A 1 7  ? 15.346  -2.779  -5.839  1.00 86.65  ? 7   DT  A O4    1 
ATOM   142 C  C5    . DT  A 1 7  ? 15.685  -4.896  -4.898  1.00 92.95  ? 7   DT  A C5    1 
ATOM   143 C  C7    . DT  A 1 7  ? 15.301  -5.625  -6.151  1.00 90.64  ? 7   DT  A C7    1 
ATOM   144 C  C6    . DT  A 1 7  ? 16.055  -5.549  -3.783  1.00 97.25  ? 7   DT  A C6    1 
ATOM   145 P  P     . DC  A 1 8  ? 14.458  -8.370  2.048   1.00 123.38 ? 8   DC  A P     1 
ATOM   146 O  OP1   . DC  A 1 8  ? 14.810  -8.598  3.468   1.00 119.16 ? 8   DC  A OP1   1 
ATOM   147 O  OP2   . DC  A 1 8  ? 14.170  -9.521  1.161   1.00 113.01 ? 8   DC  A OP2   1 
ATOM   148 O  "O5'" . DC  A 1 8  ? 13.215  -7.361  1.979   1.00 111.70 ? 8   DC  A "O5'" 1 
ATOM   149 C  "C5'" . DC  A 1 8  ? 12.896  -6.538  3.100   1.00 110.64 ? 8   DC  A "C5'" 1 
ATOM   150 C  "C4'" . DC  A 1 8  ? 13.325  -5.103  2.857   1.00 105.83 ? 8   DC  A "C4'" 1 
ATOM   151 O  "O4'" . DC  A 1 8  ? 13.570  -4.906  1.461   1.00 104.64 ? 8   DC  A "O4'" 1 
ATOM   152 C  "C3'" . DC  A 1 8  ? 12.284  -4.048  3.207   1.00 104.91 ? 8   DC  A "C3'" 1 
ATOM   153 O  "O3'" . DC  A 1 8  ? 12.472  -3.610  4.551   1.00 106.67 ? 8   DC  A "O3'" 1 
ATOM   154 C  "C2'" . DC  A 1 8  ? 12.547  -2.918  2.188   1.00 98.54  ? 8   DC  A "C2'" 1 
ATOM   155 C  "C1'" . DC  A 1 8  ? 13.551  -3.526  1.207   1.00 100.04 ? 8   DC  A "C1'" 1 
ATOM   156 N  N1    . DC  A 1 8  ? 13.230  -3.299  -0.258  1.00 91.27  ? 8   DC  A N1    1 
ATOM   157 C  C2    . DC  A 1 8  ? 13.227  -1.996  -0.785  1.00 87.15  ? 8   DC  A C2    1 
ATOM   158 O  O2    . DC  A 1 8  ? 13.464  -1.038  -0.041  1.00 91.44  ? 8   DC  A O2    1 
ATOM   159 N  N3    . DC  A 1 8  ? 12.952  -1.821  -2.103  1.00 83.80  ? 8   DC  A N3    1 
ATOM   160 C  C4    . DC  A 1 8  ? 12.701  -2.875  -2.881  1.00 88.67  ? 8   DC  A C4    1 
ATOM   161 N  N4    . DC  A 1 8  ? 12.437  -2.650  -4.172  1.00 83.26  ? 8   DC  A N4    1 
ATOM   162 C  C5    . DC  A 1 8  ? 12.710  -4.208  -2.370  1.00 90.40  ? 8   DC  A C5    1 
ATOM   163 C  C6    . DC  A 1 8  ? 12.974  -4.370  -1.068  1.00 91.62  ? 8   DC  A C6    1 
ATOM   164 P  P     . DC  A 1 9  ? 11.864  -2.211  5.061   1.00 114.05 ? 9   DC  A P     1 
ATOM   165 O  OP1   . DC  A 1 9  ? 12.854  -1.152  4.744   1.00 107.10 ? 9   DC  A OP1   1 
ATOM   166 O  OP2   . DC  A 1 9  ? 11.437  -2.417  6.464   1.00 115.32 ? 9   DC  A OP2   1 
ATOM   167 O  "O5'" . DC  A 1 9  ? 10.537  -2.010  4.190   1.00 100.85 ? 9   DC  A "O5'" 1 
ATOM   168 C  "C5'" . DC  A 1 9  ? 9.643   -0.948  4.486   1.00 105.85 ? 9   DC  A "C5'" 1 
ATOM   169 C  "C4'" . DC  A 1 9  ? 10.310  0.401   4.293   1.00 96.52  ? 9   DC  A "C4'" 1 
ATOM   170 O  "O4'" . DC  A 1 9  ? 11.039  0.408   3.038   1.00 95.61  ? 9   DC  A "O4'" 1 
ATOM   171 C  "C3'" . DC  A 1 9  ? 9.351   1.569   4.204   1.00 97.43  ? 9   DC  A "C3'" 1 
ATOM   172 O  "O3'" . DC  A 1 9  ? 9.985   2.747   4.632   1.00 100.07 ? 9   DC  A "O3'" 1 
ATOM   173 C  "C2'" . DC  A 1 9  ? 9.027   1.616   2.716   1.00 97.17  ? 9   DC  A "C2'" 1 
ATOM   174 C  "C1'" . DC  A 1 9  ? 10.344  1.185   2.075   1.00 92.48  ? 9   DC  A "C1'" 1 
ATOM   175 N  N1    . DC  A 1 9  ? 10.155  0.354   0.838   1.00 83.12  ? 9   DC  A N1    1 
ATOM   176 C  C2    . DC  A 1 9  ? 9.997   0.978   -0.410  1.00 82.23  ? 9   DC  A C2    1 
ATOM   177 O  O2    . DC  A 1 9  ? 10.031  2.214   -0.478  1.00 86.09  ? 9   DC  A O2    1 
ATOM   178 N  N3    . DC  A 1 9  ? 9.825   0.206   -1.515  1.00 79.10  ? 9   DC  A N3    1 
ATOM   179 C  C4    . DC  A 1 9  ? 9.801   -1.125  -1.402  1.00 80.15  ? 9   DC  A C4    1 
ATOM   180 N  N4    . DC  A 1 9  ? 9.628   -1.844  -2.515  1.00 78.05  ? 9   DC  A N4    1 
ATOM   181 C  C5    . DC  A 1 9  ? 9.952   -1.775  -0.142  1.00 82.82  ? 9   DC  A C5    1 
ATOM   182 C  C6    . DC  A 1 9  ? 10.122  -1.004  0.938   1.00 84.02  ? 9   DC  A C6    1 
ATOM   183 P  P     . DT  A 1 10 ? 9.120   3.894   5.344   1.00 114.65 ? 10  DT  A P     1 
ATOM   184 O  OP1   . DT  A 1 10 ? 10.067  4.848   5.962   1.00 122.20 ? 10  DT  A OP1   1 
ATOM   185 O  OP2   . DT  A 1 10 ? 8.100   3.218   6.182   1.00 112.93 ? 10  DT  A OP2   1 
ATOM   186 O  "O5'" . DT  A 1 10 ? 8.367   4.610   4.128   1.00 104.71 ? 10  DT  A "O5'" 1 
ATOM   187 C  "C5'" . DT  A 1 10 ? 9.113   5.114   3.023   1.00 102.95 ? 10  DT  A "C5'" 1 
ATOM   188 C  "C4'" . DT  A 1 10 ? 8.193   5.785   2.024   1.00 101.70 ? 10  DT  A "C4'" 1 
ATOM   189 O  "O4'" . DT  A 1 10 ? 8.100   4.986   0.814   1.00 93.23  ? 10  DT  A "O4'" 1 
ATOM   190 C  "C3'" . DT  A 1 10 ? 6.762   5.984   2.514   1.00 106.62 ? 10  DT  A "C3'" 1 
ATOM   191 O  "O3'" . DT  A 1 10 ? 6.351   7.304   2.242   1.00 99.88  ? 10  DT  A "O3'" 1 
ATOM   192 C  "C2'" . DT  A 1 10 ? 5.956   4.959   1.708   1.00 98.11  ? 10  DT  A "C2'" 1 
ATOM   193 C  "C1'" . DT  A 1 10 ? 6.751   4.894   0.418   1.00 90.36  ? 10  DT  A "C1'" 1 
ATOM   194 N  N1    . DT  A 1 10 ? 6.576   3.622   -0.354  1.00 80.73  ? 10  DT  A N1    1 
ATOM   195 C  C2    . DT  A 1 10 ? 6.293   3.683   -1.700  1.00 81.50  ? 10  DT  A C2    1 
ATOM   196 O  O2    . DT  A 1 10 ? 6.157   4.729   -2.308  1.00 88.57  ? 10  DT  A O2    1 
ATOM   197 N  N3    . DT  A 1 10 ? 6.167   2.467   -2.314  1.00 71.56  ? 10  DT  A N3    1 
ATOM   198 C  C4    . DT  A 1 10 ? 6.295   1.222   -1.733  1.00 77.93  ? 10  DT  A C4    1 
ATOM   199 O  O4    . DT  A 1 10 ? 6.167   0.180   -2.374  1.00 81.95  ? 10  DT  A O4    1 
ATOM   200 C  C5    . DT  A 1 10 ? 6.596   1.229   -0.324  1.00 73.86  ? 10  DT  A C5    1 
ATOM   201 C  C7    . DT  A 1 10 ? 6.759   -0.063  0.414   1.00 75.84  ? 10  DT  A C7    1 
ATOM   202 C  C6    . DT  A 1 10 ? 6.723   2.414   0.290   1.00 76.93  ? 10  DT  A C6    1 
ATOM   203 P  P     . DG  A 1 11 ? 5.639   8.169   3.390   1.00 112.52 ? 11  DG  A P     1 
ATOM   204 O  OP1   . DG  A 1 11 ? 6.585   9.223   3.821   1.00 109.70 ? 11  DG  A OP1   1 
ATOM   205 O  OP2   . DG  A 1 11 ? 5.088   7.210   4.379   1.00 98.72  ? 11  DG  A OP2   1 
ATOM   206 O  "O5'" . DG  A 1 11 ? 4.415   8.851   2.628   1.00 97.42  ? 11  DG  A "O5'" 1 
ATOM   207 C  "C5'" . DG  A 1 11 ? 4.573   9.285   1.286   1.00 90.07  ? 11  DG  A "C5'" 1 
ATOM   208 C  "C4'" . DG  A 1 11 ? 3.329   8.981   0.479   1.00 89.03  ? 11  DG  A "C4'" 1 
ATOM   209 O  "O4'" . DG  A 1 11 ? 3.459   7.676   -0.157  1.00 95.47  ? 11  DG  A "O4'" 1 
ATOM   210 C  "C3'" . DG  A 1 11 ? 2.031   8.911   1.295   1.00 87.35  ? 11  DG  A "C3'" 1 
ATOM   211 O  "O3'" . DG  A 1 11 ? 0.967   9.451   0.536   1.00 91.19  ? 11  DG  A "O3'" 1 
ATOM   212 C  "C2'" . DG  A 1 11 ? 1.846   7.410   1.464   1.00 81.70  ? 11  DG  A "C2'" 1 
ATOM   213 C  "C1'" . DG  A 1 11 ? 2.271   6.969   0.081   1.00 80.53  ? 11  DG  A "C1'" 1 
ATOM   214 N  N9    . DG  A 1 11 ? 2.488   5.529   -0.060  1.00 80.11  ? 11  DG  A N9    1 
ATOM   215 C  C8    . DG  A 1 11 ? 2.751   4.621   0.937   1.00 79.48  ? 11  DG  A C8    1 
ATOM   216 N  N7    . DG  A 1 11 ? 2.867   3.394   0.503   1.00 73.02  ? 11  DG  A N7    1 
ATOM   217 C  C5    . DG  A 1 11 ? 2.649   3.494   -0.865  1.00 71.22  ? 11  DG  A C5    1 
ATOM   218 C  C6    . DG  A 1 11 ? 2.646   2.493   -1.867  1.00 77.34  ? 11  DG  A C6    1 
ATOM   219 O  O6    . DG  A 1 11 ? 2.848   1.276   -1.739  1.00 77.27  ? 11  DG  A O6    1 
ATOM   220 N  N1    . DG  A 1 11 ? 2.380   3.027   -3.128  1.00 76.01  ? 11  DG  A N1    1 
ATOM   221 C  C2    . DG  A 1 11 ? 2.146   4.361   -3.384  1.00 73.22  ? 11  DG  A C2    1 
ATOM   222 N  N2    . DG  A 1 11 ? 1.905   4.691   -4.663  1.00 68.98  ? 11  DG  A N2    1 
ATOM   223 N  N3    . DG  A 1 11 ? 2.149   5.303   -2.457  1.00 73.88  ? 11  DG  A N3    1 
ATOM   224 C  C4    . DG  A 1 11 ? 2.407   4.801   -1.226  1.00 75.07  ? 11  DG  A C4    1 
ATOM   225 P  P     . DA  A 1 12 ? 0.593   11.007  0.635   1.00 88.86  ? 12  DA  A P     1 
ATOM   226 O  OP1   . DA  A 1 12 ? 1.842   11.786  0.473   1.00 85.56  ? 12  DA  A OP1   1 
ATOM   227 O  OP2   . DA  A 1 12 ? -0.238  11.188  1.846   1.00 93.10  ? 12  DA  A OP2   1 
ATOM   228 O  "O5'" . DA  A 1 12 ? -0.330  11.245  -0.650  1.00 75.73  ? 12  DA  A "O5'" 1 
ATOM   229 C  "C5'" . DA  A 1 12 ? 0.235   11.141  -1.952  1.00 82.26  ? 12  DA  A "C5'" 1 
ATOM   230 C  "C4'" . DA  A 1 12 ? -0.677  10.361  -2.888  1.00 86.88  ? 12  DA  A "C4'" 1 
ATOM   231 O  "O4'" . DA  A 1 12 ? -0.448  8.935   -2.748  1.00 84.88  ? 12  DA  A "O4'" 1 
ATOM   232 C  "C3'" . DA  A 1 12 ? -2.171  10.591  -2.682  1.00 82.81  ? 12  DA  A "C3'" 1 
ATOM   233 O  "O3'" . DA  A 1 12 ? -2.764  10.896  -3.930  1.00 83.70  ? 12  DA  A "O3'" 1 
ATOM   234 C  "C2'" . DA  A 1 12 ? -2.681  9.262   -2.103  1.00 81.08  ? 12  DA  A "C2'" 1 
ATOM   235 C  "C1'" . DA  A 1 12 ? -1.678  8.248   -2.640  1.00 78.19  ? 12  DA  A "C1'" 1 
ATOM   236 N  N9    . DA  A 1 12 ? -1.459  7.100   -1.755  1.00 70.26  ? 12  DA  A N9    1 
ATOM   237 C  C8    . DA  A 1 12 ? -1.234  7.131   -0.408  1.00 75.44  ? 12  DA  A C8    1 
ATOM   238 N  N7    . DA  A 1 12 ? -1.039  5.947   0.129   1.00 69.51  ? 12  DA  A N7    1 
ATOM   239 C  C5    . DA  A 1 12 ? -1.126  5.078   -0.941  1.00 69.21  ? 12  DA  A C5    1 
ATOM   240 C  C6    . DA  A 1 12 ? -1.005  3.675   -1.035  1.00 66.65  ? 12  DA  A C6    1 
ATOM   241 N  N6    . DA  A 1 12 ? -0.765  2.887   0.016   1.00 63.72  ? 12  DA  A N6    1 
ATOM   242 N  N1    . DA  A 1 12 ? -1.144  3.115   -2.255  1.00 66.14  ? 12  DA  A N1    1 
ATOM   243 C  C2    . DA  A 1 12 ? -1.387  3.913   -3.305  1.00 70.08  ? 12  DA  A C2    1 
ATOM   244 N  N3    . DA  A 1 12 ? -1.521  5.240   -3.341  1.00 69.00  ? 12  DA  A N3    1 
ATOM   245 C  C4    . DA  A 1 12 ? -1.379  5.768   -2.115  1.00 68.40  ? 12  DA  A C4    1 
ATOM   246 P  P     . DC  A 1 13 ? -4.331  11.216  -4.033  1.00 99.05  ? 13  DC  A P     1 
ATOM   247 O  OP1   . DC  A 1 13 ? -4.530  12.139  -5.175  1.00 98.80  ? 13  DC  A OP1   1 
ATOM   248 O  OP2   . DC  A 1 13 ? -4.798  11.597  -2.681  1.00 95.76  ? 13  DC  A OP2   1 
ATOM   249 O  "O5'" . DC  A 1 13 ? -4.966  9.801   -4.408  1.00 91.49  ? 13  DC  A "O5'" 1 
ATOM   250 C  "C5'" . DC  A 1 13 ? -4.352  9.006   -5.407  1.00 86.97  ? 13  DC  A "C5'" 1 
ATOM   251 C  "C4'" . DC  A 1 13 ? -4.996  7.637   -5.473  1.00 84.79  ? 13  DC  A "C4'" 1 
ATOM   252 O  "O4'" . DC  A 1 13 ? -4.425  6.779   -4.468  1.00 84.56  ? 13  DC  A "O4'" 1 
ATOM   253 C  "C3'" . DC  A 1 13 ? -6.501  7.629   -5.219  1.00 83.23  ? 13  DC  A "C3'" 1 
ATOM   254 O  "O3'" . DC  A 1 13 ? -7.190  7.370   -6.436  1.00 81.78  ? 13  DC  A "O3'" 1 
ATOM   255 C  "C2'" . DC  A 1 13 ? -6.715  6.508   -4.182  1.00 79.73  ? 13  DC  A "C2'" 1 
ATOM   256 C  "C1'" . DC  A 1 13 ? -5.368  5.798   -4.145  1.00 72.01  ? 13  DC  A "C1'" 1 
ATOM   257 N  N1    . DC  A 1 13 ? -5.007  5.237   -2.809  1.00 67.82  ? 13  DC  A N1    1 
ATOM   258 C  C2    . DC  A 1 13 ? -4.782  3.859   -2.667  1.00 72.24  ? 13  DC  A C2    1 
ATOM   259 O  O2    . DC  A 1 13 ? -4.905  3.119   -3.655  1.00 73.83  ? 13  DC  A O2    1 
ATOM   260 N  N3    . DC  A 1 13 ? -4.439  3.372   -1.447  1.00 65.20  ? 13  DC  A N3    1 
ATOM   261 C  C4    . DC  A 1 13 ? -4.316  4.201   -0.408  1.00 68.02  ? 13  DC  A C4    1 
ATOM   262 N  N4    . DC  A 1 13 ? -3.977  3.679   0.774   1.00 69.38  ? 13  DC  A N4    1 
ATOM   263 C  C5    . DC  A 1 13 ? -4.537  5.605   -0.536  1.00 68.25  ? 13  DC  A C5    1 
ATOM   264 C  C6    . DC  A 1 13 ? -4.872  6.074   -1.743  1.00 69.98  ? 13  DC  A C6    1 
ATOM   265 P  P     . DG  A 1 14 ? -8.794  7.410   -6.488  1.00 94.41  ? 14  DG  A P     1 
ATOM   266 O  OP1   . DG  A 1 14 ? -9.175  7.973   -7.804  1.00 99.88  ? 14  DG  A OP1   1 
ATOM   267 O  OP2   . DG  A 1 14 ? -9.286  8.063   -5.252  1.00 83.68  ? 14  DG  A OP2   1 
ATOM   268 O  "O5'" . DG  A 1 14 ? -9.194  5.863   -6.476  1.00 77.31  ? 14  DG  A "O5'" 1 
ATOM   269 C  "C5'" . DG  A 1 14 ? -8.685  5.015   -7.489  1.00 81.22  ? 14  DG  A "C5'" 1 
ATOM   270 C  "C4'" . DG  A 1 14 ? -8.918  3.558   -7.153  1.00 85.44  ? 14  DG  A "C4'" 1 
ATOM   271 O  "O4'" . DG  A 1 14 ? -8.280  3.242   -5.892  1.00 87.27  ? 14  DG  A "O4'" 1 
ATOM   272 C  "C3'" . DG  A 1 14 ? -10.380 3.151   -7.009  1.00 84.10  ? 14  DG  A "C3'" 1 
ATOM   273 O  "O3'" . DG  A 1 14 ? -10.582 1.876   -7.612  1.00 88.48  ? 14  DG  A "O3'" 1 
ATOM   274 C  "C2'" . DG  A 1 14 ? -10.583 3.106   -5.494  1.00 84.12  ? 14  DG  A "C2'" 1 
ATOM   275 C  "C1'" . DG  A 1 14 ? -9.211  2.654   -5.014  1.00 79.79  ? 14  DG  A "C1'" 1 
ATOM   276 N  N9    . DG  A 1 14 ? -8.885  3.095   -3.663  1.00 67.59  ? 14  DG  A N9    1 
ATOM   277 C  C8    . DG  A 1 14 ? -8.983  4.371   -3.167  1.00 70.34  ? 14  DG  A C8    1 
ATOM   278 N  N7    . DG  A 1 14 ? -8.608  4.474   -1.922  1.00 68.68  ? 14  DG  A N7    1 
ATOM   279 C  C5    . DG  A 1 14 ? -8.233  3.186   -1.571  1.00 63.33  ? 14  DG  A C5    1 
ATOM   280 C  C6    . DG  A 1 14 ? -7.742  2.685   -0.344  1.00 66.77  ? 14  DG  A C6    1 
ATOM   281 O  O6    . DG  A 1 14 ? -7.533  3.304   0.708   1.00 67.38  ? 14  DG  A O6    1 
ATOM   282 N  N1    . DG  A 1 14 ? -7.491  1.317   -0.410  1.00 66.96  ? 14  DG  A N1    1 
ATOM   283 C  C2    . DG  A 1 14 ? -7.686  0.536   -1.527  1.00 72.52  ? 14  DG  A C2    1 
ATOM   284 N  N2    . DG  A 1 14 ? -7.380  -0.763  -1.404  1.00 69.29  ? 14  DG  A N2    1 
ATOM   285 N  N3    . DG  A 1 14 ? -8.146  0.996   -2.686  1.00 71.92  ? 14  DG  A N3    1 
ATOM   286 C  C4    . DG  A 1 14 ? -8.398  2.325   -2.633  1.00 64.31  ? 14  DG  A C4    1 
ATOM   287 P  P     . DG  A 1 15 ? -12.066 1.300   -7.829  1.00 97.75  ? 15  DG  A P     1 
ATOM   288 O  OP1   . DG  A 1 15 ? -12.114 0.659   -9.164  1.00 81.59  ? 15  DG  A OP1   1 
ATOM   289 O  OP2   . DG  A 1 15 ? -13.031 2.372   -7.479  1.00 77.94  ? 15  DG  A OP2   1 
ATOM   290 O  "O5'" . DG  A 1 15 ? -12.177 0.156   -6.727  1.00 86.16  ? 15  DG  A "O5'" 1 
ATOM   291 C  "C5'" . DG  A 1 15 ? -11.129 -0.785  -6.595  1.00 85.31  ? 15  DG  A "C5'" 1 
ATOM   292 C  "C4'" . DG  A 1 15 ? -11.293 -1.587  -5.324  1.00 87.66  ? 15  DG  A "C4'" 1 
ATOM   293 O  "O4'" . DG  A 1 15 ? -10.815 -0.813  -4.190  1.00 92.08  ? 15  DG  A "O4'" 1 
ATOM   294 C  "C3'" . DG  A 1 15 ? -12.735 -1.974  -4.991  1.00 82.05  ? 15  DG  A "C3'" 1 
ATOM   295 O  "O3'" . DG  A 1 15 ? -12.778 -3.326  -4.575  1.00 81.82  ? 15  DG  A "O3'" 1 
ATOM   296 C  "C2'" . DG  A 1 15 ? -13.086 -1.030  -3.843  1.00 82.26  ? 15  DG  A "C2'" 1 
ATOM   297 C  "C1'" . DG  A 1 15 ? -11.746 -0.929  -3.145  1.00 74.83  ? 15  DG  A "C1'" 1 
ATOM   298 N  N9    . DG  A 1 15 ? -11.622 0.227   -2.261  1.00 71.54  ? 15  DG  A N9    1 
ATOM   299 C  C8    . DG  A 1 15 ? -12.002 1.524   -2.524  1.00 67.88  ? 15  DG  A C8    1 
ATOM   300 N  N7    . DG  A 1 15 ? -11.771 2.344   -1.534  1.00 63.84  ? 15  DG  A N7    1 
ATOM   301 C  C5    . DG  A 1 15 ? -11.197 1.537   -0.552  1.00 65.75  ? 15  DG  A C5    1 
ATOM   302 C  C6    . DG  A 1 15 ? -10.732 1.869   0.745   1.00 67.15  ? 15  DG  A C6    1 
ATOM   303 O  O6    . DG  A 1 15 ? -10.737 2.976   1.303   1.00 67.04  ? 15  DG  A O6    1 
ATOM   304 N  N1    . DG  A 1 15 ? -10.219 0.756   1.410   1.00 64.07  ? 15  DG  A N1    1 
ATOM   305 C  C2    . DG  A 1 15 ? -10.166 -0.517  0.889   1.00 73.83  ? 15  DG  A C2    1 
ATOM   306 N  N2    . DG  A 1 15 ? -9.635  -1.466  1.681   1.00 64.62  ? 15  DG  A N2    1 
ATOM   307 N  N3    . DG  A 1 15 ? -10.599 -0.840  -0.325  1.00 74.97  ? 15  DG  A N3    1 
ATOM   308 C  C4    . DG  A 1 15 ? -11.100 0.234   -0.986  1.00 68.17  ? 15  DG  A C4    1 
ATOM   309 P  P     . DA  A 1 16 ? -14.135 -4.171  -4.713  1.00 93.92  ? 16  DA  A P     1 
ATOM   310 O  OP1   . DA  A 1 16 ? -14.085 -4.877  -6.012  1.00 88.88  ? 16  DA  A OP1   1 
ATOM   311 O  OP2   . DA  A 1 16 ? -15.279 -3.285  -4.391  1.00 78.41  ? 16  DA  A OP2   1 
ATOM   312 O  "O5'" . DA  A 1 16 ? -14.018 -5.244  -3.544  1.00 89.27  ? 16  DA  A "O5'" 1 
ATOM   313 C  "C5'" . DA  A 1 16 ? -12.772 -5.863  -3.284  1.00 83.19  ? 16  DA  A "C5'" 1 
ATOM   314 C  "C4'" . DA  A 1 16 ? -12.617 -6.139  -1.802  1.00 92.17  ? 16  DA  A "C4'" 1 
ATOM   315 O  "O4'" . DA  A 1 16 ? -12.330 -4.900  -1.102  1.00 87.08  ? 16  DA  A "O4'" 1 
ATOM   316 C  "C3'" . DA  A 1 16 ? -13.851 -6.735  -1.124  1.00 91.18  ? 16  DA  A "C3'" 1 
ATOM   317 O  "O3'" . DA  A 1 16 ? -13.455 -7.783  -0.252  1.00 89.52  ? 16  DA  A "O3'" 1 
ATOM   318 C  "C2'" . DA  A 1 16 ? -14.444 -5.549  -0.359  1.00 84.03  ? 16  DA  A "C2'" 1 
ATOM   319 C  "C1'" . DA  A 1 16 ? -13.193 -4.769  0.005   1.00 83.56  ? 16  DA  A "C1'" 1 
ATOM   320 N  N9    . DA  A 1 16 ? -13.421 -3.345  0.228   1.00 79.68  ? 16  DA  A N9    1 
ATOM   321 C  C8    . DA  A 1 16 ? -13.912 -2.440  -0.672  1.00 83.12  ? 16  DA  A C8    1 
ATOM   322 N  N7    . DA  A 1 16 ? -13.993 -1.217  -0.202  1.00 79.56  ? 16  DA  A N7    1 
ATOM   323 C  C5    . DA  A 1 16 ? -13.511 -1.325  1.091   1.00 70.17  ? 16  DA  A C5    1 
ATOM   324 C  C6    . DA  A 1 16 ? -13.336 -0.379  2.117   1.00 68.89  ? 16  DA  A C6    1 
ATOM   325 N  N6    . DA  A 1 16 ? -13.646 0.914   1.984   1.00 65.59  ? 16  DA  A N6    1 
ATOM   326 N  N1    . DA  A 1 16 ? -12.839 -0.818  3.291   1.00 63.44  ? 16  DA  A N1    1 
ATOM   327 C  C2    . DA  A 1 16 ? -12.534 -2.113  3.419   1.00 68.30  ? 16  DA  A C2    1 
ATOM   328 N  N3    . DA  A 1 16 ? -12.652 -3.093  2.526   1.00 73.59  ? 16  DA  A N3    1 
ATOM   329 C  C4    . DA  A 1 16 ? -13.150 -2.628  1.371   1.00 69.29  ? 16  DA  A C4    1 
ATOM   330 P  P     . DA  A 1 17 ? -14.563 -8.696  0.464   1.00 98.61  ? 17  DA  A P     1 
ATOM   331 O  OP1   . DA  A 1 17 ? -14.009 -10.062 0.608   1.00 90.66  ? 17  DA  A OP1   1 
ATOM   332 O  OP2   . DA  A 1 17 ? -15.843 -8.477  -0.249  1.00 97.57  ? 17  DA  A OP2   1 
ATOM   333 O  "O5'" . DA  A 1 17 ? -14.698 -8.057  1.919   1.00 89.16  ? 17  DA  A "O5'" 1 
ATOM   334 C  "C5'" . DA  A 1 17 ? -13.586 -8.064  2.789   1.00 80.31  ? 17  DA  A "C5'" 1 
ATOM   335 C  "C4'" . DA  A 1 17 ? -13.935 -7.415  4.111   1.00 78.24  ? 17  DA  A "C4'" 1 
ATOM   336 O  "O4'" . DA  A 1 17 ? -14.058 -5.977  3.946   1.00 83.87  ? 17  DA  A "O4'" 1 
ATOM   337 C  "C3'" . DA  A 1 17 ? -15.242 -7.882  4.734   1.00 83.13  ? 17  DA  A "C3'" 1 
ATOM   338 O  "O3'" . DA  A 1 17 ? -15.043 -8.071  6.116   1.00 87.21  ? 17  DA  A "O3'" 1 
ATOM   339 C  "C2'" . DA  A 1 17 ? -16.208 -6.725  4.445   1.00 81.87  ? 17  DA  A "C2'" 1 
ATOM   340 C  "C1'" . DA  A 1 17 ? -15.270 -5.533  4.518   1.00 79.63  ? 17  DA  A "C1'" 1 
ATOM   341 N  N9    . DA  A 1 17 ? -15.716 -4.365  3.761   1.00 71.92  ? 17  DA  A N9    1 
ATOM   342 C  C8    . DA  A 1 17 ? -16.175 -4.342  2.474   1.00 73.95  ? 17  DA  A C8    1 
ATOM   343 N  N7    . DA  A 1 17 ? -16.474 -3.137  2.041   1.00 73.53  ? 17  DA  A N7    1 
ATOM   344 C  C5    . DA  A 1 17 ? -16.181 -2.313  3.116   1.00 67.32  ? 17  DA  A C5    1 
ATOM   345 C  C6    . DA  A 1 17 ? -16.277 -0.916  3.301   1.00 66.49  ? 17  DA  A C6    1 
ATOM   346 N  N6    . DA  A 1 17 ? -16.716 -0.077  2.356   1.00 70.67  ? 17  DA  A N6    1 
ATOM   347 N  N1    . DA  A 1 17 ? -15.903 -0.414  4.494   1.00 59.45  ? 17  DA  A N1    1 
ATOM   348 C  C2    . DA  A 1 17 ? -15.462 -1.255  5.435   1.00 63.94  ? 17  DA  A C2    1 
ATOM   349 N  N3    . DA  A 1 17 ? -15.326 -2.581  5.378   1.00 72.98  ? 17  DA  A N3    1 
ATOM   350 C  C4    . DA  A 1 17 ? -15.705 -3.052  4.180   1.00 69.73  ? 17  DA  A C4    1 
ATOM   351 P  P     . DA  A 1 18 ? -16.194 -8.734  7.011   1.00 94.27  ? 18  DA  A P     1 
ATOM   352 O  OP1   . DA  A 1 18 ? -15.531 -9.644  7.976   1.00 97.84  ? 18  DA  A OP1   1 
ATOM   353 O  OP2   . DA  A 1 18 ? -17.225 -9.254  6.085   1.00 83.29  ? 18  DA  A OP2   1 
ATOM   354 O  "O5'" . DA  A 1 18 ? -16.803 -7.493  7.814   1.00 76.11  ? 18  DA  A "O5'" 1 
ATOM   355 C  "C5'" . DA  A 1 18 ? -15.980 -6.785  8.723   1.00 79.60  ? 18  DA  A "C5'" 1 
ATOM   356 C  "C4'" . DA  A 1 18 ? -16.611 -5.463  9.114   1.00 78.04  ? 18  DA  A "C4'" 1 
ATOM   357 O  "O4'" . DA  A 1 18 ? -16.829 -4.653  7.945   1.00 75.70  ? 18  DA  A "O4'" 1 
ATOM   358 C  "C3'" . DA  A 1 18 ? -17.962 -5.571  9.812   1.00 76.00  ? 18  DA  A "C3'" 1 
ATOM   359 O  "O3'" . DA  A 1 18 ? -17.821 -5.104  11.136  1.00 81.57  ? 18  DA  A "O3'" 1 
ATOM   360 C  "C2'" . DA  A 1 18 ? -18.908 -4.676  8.977   1.00 76.73  ? 18  DA  A "C2'" 1 
ATOM   361 C  "C1'" . DA  A 1 18 ? -17.937 -3.824  8.176   1.00 67.99  ? 18  DA  A "C1'" 1 
ATOM   362 N  N9    . DA  A 1 18 ? -18.425 -3.388  6.870   1.00 66.13  ? 18  DA  A N9    1 
ATOM   363 C  C8    . DA  A 1 18 ? -18.726 -4.184  5.801   1.00 75.78  ? 18  DA  A C8    1 
ATOM   364 N  N7    . DA  A 1 18 ? -19.102 -3.519  4.732   1.00 73.93  ? 18  DA  A N7    1 
ATOM   365 C  C5    . DA  A 1 18 ? -19.020 -2.192  5.118   1.00 64.48  ? 18  DA  A C5    1 
ATOM   366 C  C6    . DA  A 1 18 ? -19.287 -0.989  4.434   1.00 63.40  ? 18  DA  A C6    1 
ATOM   367 N  N6    . DA  A 1 18 ? -19.701 -0.946  3.166   1.00 63.50  ? 18  DA  A N6    1 
ATOM   368 N  N1    . DA  A 1 18 ? -19.111 0.170   5.107   1.00 61.74  ? 18  DA  A N1    1 
ATOM   369 C  C2    . DA  A 1 18 ? -18.695 0.116   6.380   1.00 66.51  ? 18  DA  A C2    1 
ATOM   370 N  N3    . DA  A 1 18 ? -18.412 -0.955  7.128   1.00 68.16  ? 18  DA  A N3    1 
ATOM   371 C  C4    . DA  A 1 18 ? -18.598 -2.090  6.431   1.00 65.25  ? 18  DA  A C4    1 
ATOM   372 P  P     . DT  A 1 19 ? -19.016 -5.270  12.188  1.00 88.00  ? 19  DT  A P     1 
ATOM   373 O  OP1   . DT  A 1 19 ? -18.392 -5.265  13.530  1.00 86.18  ? 19  DT  A OP1   1 
ATOM   374 O  OP2   . DT  A 1 19 ? -19.852 -6.414  11.754  1.00 89.41  ? 19  DT  A OP2   1 
ATOM   375 O  "O5'" . DT  A 1 19 ? -19.863 -3.927  12.001  1.00 74.43  ? 19  DT  A "O5'" 1 
ATOM   376 C  "C5'" . DT  A 1 19 ? -19.211 -2.676  12.116  1.00 75.75  ? 19  DT  A "C5'" 1 
ATOM   377 C  "C4'" . DT  A 1 19 ? -20.112 -1.542  11.671  1.00 75.90  ? 19  DT  A "C4'" 1 
ATOM   378 O  "O4'" . DT  A 1 19 ? -20.247 -1.545  10.242  1.00 76.69  ? 19  DT  A "O4'" 1 
ATOM   379 C  "C3'" . DT  A 1 19 ? -21.535 -1.581  12.220  1.00 84.24  ? 19  DT  A "C3'" 1 
ATOM   380 O  "O3'" . DT  A 1 19 ? -21.682 -0.543  13.154  1.00 92.44  ? 19  DT  A "O3'" 1 
ATOM   381 C  "C2'" . DT  A 1 19 ? -22.438 -1.372  10.981  1.00 79.31  ? 19  DT  A "C2'" 1 
ATOM   382 C  "C1'" . DT  A 1 19 ? -21.448 -0.898  9.925   1.00 77.04  ? 19  DT  A "C1'" 1 
ATOM   383 N  N1    . DT  A 1 19 ? -21.801 -1.258  8.515   1.00 71.16  ? 19  DT  A N1    1 
ATOM   384 C  C2    . DT  A 1 19 ? -21.927 -0.256  7.575   1.00 71.46  ? 19  DT  A C2    1 
ATOM   385 O  O2    . DT  A 1 19 ? -21.802 0.926   7.839   1.00 76.47  ? 19  DT  A O2    1 
ATOM   386 N  N3    . DT  A 1 19 ? -22.219 -0.688  6.309   1.00 65.79  ? 19  DT  A N3    1 
ATOM   387 C  C4    . DT  A 1 19 ? -22.382 -1.995  5.893   1.00 69.10  ? 19  DT  A C4    1 
ATOM   388 O  O4    . DT  A 1 19 ? -22.646 -2.283  4.729   1.00 64.86  ? 19  DT  A O4    1 
ATOM   389 C  C5    . DT  A 1 19 ? -22.225 -2.999  6.927   1.00 66.35  ? 19  DT  A C5    1 
ATOM   390 C  C7    . DT  A 1 19 ? -22.382 -4.453  6.600   1.00 62.42  ? 19  DT  A C7    1 
ATOM   391 C  C6    . DT  A 1 19 ? -21.937 -2.585  8.170   1.00 65.90  ? 19  DT  A C6    1 
ATOM   392 P  P     . DT  A 1 20 ? -23.082 -0.314  13.894  1.00 93.84  ? 20  DT  A P     1 
ATOM   393 O  OP1   . DT  A 1 20 ? -22.762 0.269   15.219  1.00 86.32  ? 20  DT  A OP1   1 
ATOM   394 O  OP2   . DT  A 1 20 ? -23.831 -1.593  13.817  1.00 91.94  ? 20  DT  A OP2   1 
ATOM   395 O  "O5'" . DT  A 1 20 ? -23.811 0.786   12.982  1.00 67.76  ? 20  DT  A "O5'" 1 
ATOM   396 C  "C5'" . DT  A 1 20 ? -23.213 2.058   12.817  1.00 70.46  ? 20  DT  A "C5'" 1 
ATOM   397 C  "C4'" . DT  A 1 20 ? -24.020 2.932   11.870  1.00 84.99  ? 20  DT  A "C4'" 1 
ATOM   398 O  "O4'" . DT  A 1 20 ? -24.058 2.345   10.543  1.00 84.32  ? 20  DT  A "O4'" 1 
ATOM   399 C  "C3'" . DT  A 1 20 ? -25.478 3.172   12.269  1.00 92.20  ? 20  DT  A "C3'" 1 
ATOM   400 O  "O3'" . DT  A 1 20 ? -25.772 4.550   12.124  1.00 90.47  ? 20  DT  A "O3'" 1 
ATOM   401 C  "C2'" . DT  A 1 20 ? -26.259 2.326   11.256  1.00 88.53  ? 20  DT  A "C2'" 1 
ATOM   402 C  "C1'" . DT  A 1 20 ? -25.366 2.458   10.036  1.00 81.54  ? 20  DT  A "C1'" 1 
ATOM   403 N  N1    . DT  A 1 20 ? -25.559 1.401   8.992   1.00 71.22  ? 20  DT  A N1    1 
ATOM   404 C  C2    . DT  A 1 20 ? -25.653 1.774   7.667   1.00 77.07  ? 20  DT  A C2    1 
ATOM   405 O  O2    . DT  A 1 20 ? -25.611 2.933   7.294   1.00 82.68  ? 20  DT  A O2    1 
ATOM   406 N  N3    . DT  A 1 20 ? -25.804 0.735   6.787   1.00 67.99  ? 20  DT  A N3    1 
ATOM   407 C  C4    . DT  A 1 20 ? -25.865 -0.610  7.091   1.00 73.21  ? 20  DT  A C4    1 
ATOM   408 O  O4    . DT  A 1 20 ? -26.000 -1.472  6.226   1.00 75.33  ? 20  DT  A O4    1 
ATOM   409 C  C5    . DT  A 1 20 ? -25.754 -0.934  8.496   1.00 73.31  ? 20  DT  A C5    1 
ATOM   410 C  C7    . DT  A 1 20 ? -25.807 -2.364  8.944   1.00 71.06  ? 20  DT  A C7    1 
ATOM   411 C  C6    . DT  A 1 20 ? -25.601 0.076   9.367   1.00 71.96  ? 20  DT  A C6    1 
ATOM   412 P  P     . DA  A 1 21 ? -26.879 5.246   13.051  1.00 97.08  ? 21  DA  A P     1 
ATOM   413 O  OP1   . DA  A 1 21 ? -26.221 6.345   13.796  1.00 97.15  ? 21  DA  A OP1   1 
ATOM   414 O  OP2   . DA  A 1 21 ? -27.572 4.163   13.788  1.00 103.45 ? 21  DA  A OP2   1 
ATOM   415 O  "O5'" . DA  A 1 21 ? -27.894 5.887   11.996  1.00 94.49  ? 21  DA  A "O5'" 1 
ATOM   416 C  "C5'" . DA  A 1 21 ? -27.400 6.742   10.972  1.00 94.08  ? 21  DA  A "C5'" 1 
ATOM   417 C  "C4'" . DA  A 1 21 ? -28.260 6.645   9.722   1.00 97.82  ? 21  DA  A "C4'" 1 
ATOM   418 O  "O4'" . DA  A 1 21 ? -28.141 5.316   9.144   1.00 95.34  ? 21  DA  A "O4'" 1 
ATOM   419 C  "C3'" . DA  A 1 21 ? -29.756 6.885   9.947   1.00 95.27  ? 21  DA  A "C3'" 1 
ATOM   420 O  "O3'" . DA  A 1 21 ? -30.256 7.783   8.964   1.00 90.87  ? 21  DA  A "O3'" 1 
ATOM   421 C  "C2'" . DA  A 1 21 ? -30.367 5.490   9.799   1.00 93.92  ? 21  DA  A "C2'" 1 
ATOM   422 C  "C1'" . DA  A 1 21 ? -29.422 4.849   8.797   1.00 88.87  ? 21  DA  A "C1'" 1 
ATOM   423 N  N9    . DA  A 1 21 ? -29.423 3.386   8.844   1.00 83.75  ? 21  DA  A N9    1 
ATOM   424 C  C8    . DA  A 1 21 ? -29.441 2.594   9.960   1.00 82.83  ? 21  DA  A C8    1 
ATOM   425 N  N7    . DA  A 1 21 ? -29.442 1.305   9.698   1.00 77.29  ? 21  DA  A N7    1 
ATOM   426 C  C5    . DA  A 1 21 ? -29.425 1.247   8.314   1.00 75.90  ? 21  DA  A C5    1 
ATOM   427 C  C6    . DA  A 1 21 ? -29.418 0.164   7.408   1.00 76.23  ? 21  DA  A C6    1 
ATOM   428 N  N6    . DA  A 1 21 ? -29.425 -1.117  7.792   1.00 76.34  ? 21  DA  A N6    1 
ATOM   429 N  N1    . DA  A 1 21 ? -29.405 0.451   6.088   1.00 71.57  ? 21  DA  A N1    1 
ATOM   430 C  C2    . DA  A 1 21 ? -29.397 1.736   5.708   1.00 76.35  ? 21  DA  A C2    1 
ATOM   431 N  N3    . DA  A 1 21 ? -29.401 2.836   6.464   1.00 75.80  ? 21  DA  A N3    1 
ATOM   432 C  C4    . DA  A 1 21 ? -29.415 2.519   7.769   1.00 77.00  ? 21  DA  A C4    1 
ATOM   433 P  P     . DC  B 2 1  ? -4.905  0.884   9.602   1.00 94.13  ? 0   DC  B P     1 
ATOM   434 O  OP1   . DC  B 2 1  ? -4.000  -0.043  8.880   1.00 106.71 ? 0   DC  B OP1   1 
ATOM   435 O  OP2   . DC  B 2 1  ? -5.498  2.045   8.901   1.00 68.69  ? 0   DC  B OP2   1 
ATOM   436 O  "O5'" . DC  B 2 1  ? -6.128  0.055   10.206  1.00 79.66  ? 0   DC  B "O5'" 1 
ATOM   437 C  "C5'" . DC  B 2 1  ? -7.397  0.125   9.576   1.00 73.07  ? 0   DC  B "C5'" 1 
ATOM   438 C  "C4'" . DC  B 2 1  ? -7.831  -1.237  9.078   1.00 74.05  ? 0   DC  B "C4'" 1 
ATOM   439 O  "O4'" . DC  B 2 1  ? -8.891  -1.064  8.108   1.00 69.02  ? 0   DC  B "O4'" 1 
ATOM   440 C  "C3'" . DC  B 2 1  ? -6.757  -2.008  8.339   1.00 72.67  ? 0   DC  B "C3'" 1 
ATOM   441 O  "O3'" . DC  B 2 1  ? -7.063  -3.393  8.338   1.00 67.83  ? 0   DC  B "O3'" 1 
ATOM   442 C  "C2'" . DC  B 2 1  ? -6.863  -1.415  6.944   1.00 79.57  ? 0   DC  B "C2'" 1 
ATOM   443 C  "C1'" . DC  B 2 1  ? -8.371  -1.219  6.801   1.00 66.86  ? 0   DC  B "C1'" 1 
ATOM   444 N  N1    . DC  B 2 1  ? -8.751  -0.017  5.998   1.00 56.48  ? 0   DC  B N1    1 
ATOM   445 C  C2    . DC  B 2 1  ? -9.110  -0.171  4.655   1.00 60.66  ? 0   DC  B C2    1 
ATOM   446 O  O2    . DC  B 2 1  ? -9.100  -1.303  4.155   1.00 71.54  ? 0   DC  B O2    1 
ATOM   447 N  N3    . DC  B 2 1  ? -9.461  0.922   3.941   1.00 59.24  ? 0   DC  B N3    1 
ATOM   448 C  C4    . DC  B 2 1  ? -9.463  2.124   4.517   1.00 59.77  ? 0   DC  B C4    1 
ATOM   449 N  N4    . DC  B 2 1  ? -9.819  3.175   3.770   1.00 60.54  ? 0   DC  B N4    1 
ATOM   450 C  C5    . DC  B 2 1  ? -9.103  2.301   5.884   1.00 54.65  ? 0   DC  B C5    1 
ATOM   451 C  C6    . DC  B 2 1  ? -8.756  1.213   6.579   1.00 52.83  ? 0   DC  B C6    1 
ATOM   452 P  P     . DC  B 2 2  ? -5.900  -4.475  8.078   1.00 95.01  ? 1   DC  B P     1 
ATOM   453 O  OP1   . DC  B 2 2  ? -6.467  -5.825  8.310   1.00 84.72  ? 1   DC  B OP1   1 
ATOM   454 O  OP2   . DC  B 2 2  ? -4.694  -4.035  8.813   1.00 91.23  ? 1   DC  B OP2   1 
ATOM   455 O  "O5'" . DC  B 2 2  ? -5.584  -4.331  6.521   1.00 87.60  ? 1   DC  B "O5'" 1 
ATOM   456 C  "C5'" . DC  B 2 2  ? -6.486  -4.867  5.568   1.00 83.43  ? 1   DC  B "C5'" 1 
ATOM   457 C  "C4'" . DC  B 2 2  ? -5.884  -4.816  4.179   1.00 82.04  ? 1   DC  B "C4'" 1 
ATOM   458 O  "O4'" . DC  B 2 2  ? -6.329  -3.614  3.501   1.00 80.63  ? 1   DC  B "O4'" 1 
ATOM   459 C  "C3'" . DC  B 2 2  ? -4.357  -4.785  4.145   1.00 83.03  ? 1   DC  B "C3'" 1 
ATOM   460 O  "O3'" . DC  B 2 2  ? -3.876  -5.651  3.132   1.00 85.10  ? 1   DC  B "O3'" 1 
ATOM   461 C  "C2'" . DC  B 2 2  ? -4.041  -3.325  3.834   1.00 81.15  ? 1   DC  B "C2'" 1 
ATOM   462 C  "C1'" . DC  B 2 2  ? -5.220  -2.941  2.957   1.00 73.04  ? 1   DC  B "C1'" 1 
ATOM   463 N  N1    . DC  B 2 2  ? -5.509  -1.481  2.958   1.00 65.75  ? 1   DC  B N1    1 
ATOM   464 C  C2    . DC  B 2 2  ? -5.998  -0.871  1.799   1.00 71.49  ? 1   DC  B C2    1 
ATOM   465 O  O2    . DC  B 2 2  ? -6.190  -1.563  0.789   1.00 71.42  ? 1   DC  B O2    1 
ATOM   466 N  N3    . DC  B 2 2  ? -6.251  0.463   1.817   1.00 68.32  ? 1   DC  B N3    1 
ATOM   467 C  C4    . DC  B 2 2  ? -6.030  1.169   2.927   1.00 65.31  ? 1   DC  B C4    1 
ATOM   468 N  N4    . DC  B 2 2  ? -6.297  2.479   2.901   1.00 63.97  ? 1   DC  B N4    1 
ATOM   469 C  C5    . DC  B 2 2  ? -5.527  0.562   4.113   1.00 61.55  ? 1   DC  B C5    1 
ATOM   470 C  C6    . DC  B 2 2  ? -5.280  -0.750  4.082   1.00 62.58  ? 1   DC  B C6    1 
ATOM   471 P  P     . DG  B 2 3  ? -2.748  -6.739  3.485   1.00 99.77  ? 2   DG  B P     1 
ATOM   472 O  OP1   . DG  B 2 3  ? -3.414  -7.881  4.151   1.00 96.39  ? 2   DG  B OP1   1 
ATOM   473 O  OP2   . DG  B 2 3  ? -1.638  -6.033  4.167   1.00 91.80  ? 2   DG  B OP2   1 
ATOM   474 O  "O5'" . DG  B 2 3  ? -2.223  -7.213  2.056   1.00 93.29  ? 2   DG  B "O5'" 1 
ATOM   475 C  "C5'" . DG  B 2 3  ? -1.902  -6.251  1.069   1.00 83.93  ? 2   DG  B "C5'" 1 
ATOM   476 C  "C4'" . DG  B 2 3  ? -2.797  -6.413  -0.146  1.00 90.46  ? 2   DG  B "C4'" 1 
ATOM   477 O  "O4'" . DG  B 2 3  ? -3.729  -5.312  -0.212  1.00 92.08  ? 2   DG  B "O4'" 1 
ATOM   478 C  "C3'" . DG  B 2 3  ? -2.069  -6.397  -1.476  1.00 87.08  ? 2   DG  B "C3'" 1 
ATOM   479 O  "O3'" . DG  B 2 3  ? -2.788  -7.149  -2.440  1.00 94.71  ? 2   DG  B "O3'" 1 
ATOM   480 C  "C2'" . DG  B 2 3  ? -2.029  -4.910  -1.831  1.00 78.80  ? 2   DG  B "C2'" 1 
ATOM   481 C  "C1'" . DG  B 2 3  ? -3.276  -4.345  -1.145  1.00 81.71  ? 2   DG  B "C1'" 1 
ATOM   482 N  N9    . DG  B 2 3  ? -3.035  -3.099  -0.416  1.00 76.73  ? 2   DG  B N9    1 
ATOM   483 C  C8    . DG  B 2 3  ? -2.455  -2.972  0.823   1.00 78.22  ? 2   DG  B C8    1 
ATOM   484 N  N7    . DG  B 2 3  ? -2.386  -1.741  1.243   1.00 74.28  ? 2   DG  B N7    1 
ATOM   485 C  C5    . DG  B 2 3  ? -2.961  -1.000  0.223   1.00 60.61  ? 2   DG  B C5    1 
ATOM   486 C  C6    . DG  B 2 3  ? -3.166  0.390   0.124   1.00 66.53  ? 2   DG  B C6    1 
ATOM   487 O  O6    . DG  B 2 3  ? -2.865  1.270   0.942   1.00 73.60  ? 2   DG  B O6    1 
ATOM   488 N  N1    . DG  B 2 3  ? -3.787  0.737   -1.072  1.00 70.99  ? 2   DG  B N1    1 
ATOM   489 C  C2    . DG  B 2 3  ? -4.166  -0.153  -2.047  1.00 72.31  ? 2   DG  B C2    1 
ATOM   490 N  N2    . DG  B 2 3  ? -4.755  0.374   -3.131  1.00 66.04  ? 2   DG  B N2    1 
ATOM   491 N  N3    . DG  B 2 3  ? -3.981  -1.467  -1.967  1.00 74.48  ? 2   DG  B N3    1 
ATOM   492 C  C4    . DG  B 2 3  ? -3.372  -1.818  -0.806  1.00 68.73  ? 2   DG  B C4    1 
ATOM   493 P  P     . DT  B 2 4  ? -2.106  -7.497  -3.853  1.00 108.74 ? 3   DT  B P     1 
ATOM   494 O  OP1   . DT  B 2 4  ? -2.720  -8.735  -4.387  1.00 107.94 ? 3   DT  B OP1   1 
ATOM   495 O  OP2   . DT  B 2 4  ? -0.640  -7.421  -3.669  1.00 94.52  ? 3   DT  B OP2   1 
ATOM   496 O  "O5'" . DT  B 2 4  ? -2.517  -6.270  -4.781  1.00 89.31  ? 3   DT  B "O5'" 1 
ATOM   497 C  "C5'" . DT  B 2 4  ? -1.521  -5.569  -5.484  1.00 81.79  ? 3   DT  B "C5'" 1 
ATOM   498 C  "C4'" . DT  B 2 4  ? -2.130  -4.470  -6.323  1.00 77.55  ? 3   DT  B "C4'" 1 
ATOM   499 O  "O4'" . DT  B 2 4  ? -2.381  -3.309  -5.482  1.00 76.15  ? 3   DT  B "O4'" 1 
ATOM   500 C  "C3'" . DT  B 2 4  ? -1.225  -3.955  -7.423  1.00 81.09  ? 3   DT  B "C3'" 1 
ATOM   501 O  "O3'" . DT  B 2 4  ? -2.011  -3.312  -8.424  1.00 77.73  ? 3   DT  B "O3'" 1 
ATOM   502 C  "C2'" . DT  B 2 4  ? -0.389  -2.954  -6.644  1.00 86.27  ? 3   DT  B "C2'" 1 
ATOM   503 C  "C1'" . DT  B 2 4  ? -1.483  -2.274  -5.837  1.00 77.40  ? 3   DT  B "C1'" 1 
ATOM   504 N  N1    . DT  B 2 4  ? -1.010  -1.594  -4.582  1.00 77.32  ? 3   DT  B N1    1 
ATOM   505 C  C2    . DT  B 2 4  ? -1.158  -0.226  -4.459  1.00 73.50  ? 3   DT  B C2    1 
ATOM   506 O  O2    . DT  B 2 4  ? -1.642  0.478   -5.329  1.00 72.94  ? 3   DT  B O2    1 
ATOM   507 N  N3    . DT  B 2 4  ? -0.709  0.295   -3.274  1.00 69.66  ? 3   DT  B N3    1 
ATOM   508 C  C4    . DT  B 2 4  ? -0.142  -0.399  -2.218  1.00 71.69  ? 3   DT  B C4    1 
ATOM   509 O  O4    . DT  B 2 4  ? 0.233   0.158   -1.190  1.00 70.89  ? 3   DT  B O4    1 
ATOM   510 C  C5    . DT  B 2 4  ? -0.019  -1.823  -2.407  1.00 70.09  ? 3   DT  B C5    1 
ATOM   511 C  C7    . DT  B 2 4  ? 0.583   -2.670  -1.325  1.00 65.94  ? 3   DT  B C7    1 
ATOM   512 C  C6    . DT  B 2 4  ? -0.454  -2.350  -3.567  1.00 73.47  ? 3   DT  B C6    1 
ATOM   513 P  P     . DC  B 2 5  ? -1.553  -3.338  -9.966  1.00 92.35  ? 4   DC  B P     1 
ATOM   514 O  OP1   . DC  B 2 5  ? -2.701  -3.794  -10.779 1.00 94.93  ? 4   DC  B OP1   1 
ATOM   515 O  OP2   . DC  B 2 5  ? -0.266  -4.069  -10.025 1.00 85.12  ? 4   DC  B OP2   1 
ATOM   516 O  "O5'" . DC  B 2 5  ? -1.285  -1.799  -10.304 1.00 85.95  ? 4   DC  B "O5'" 1 
ATOM   517 C  "C5'" . DC  B 2 5  ? -0.607  -0.998  -9.363  1.00 74.64  ? 4   DC  B "C5'" 1 
ATOM   518 C  "C4'" . DC  B 2 5  ? -0.593  0.453   -9.774  1.00 75.31  ? 4   DC  B "C4'" 1 
ATOM   519 O  "O4'" . DC  B 2 5  ? -0.302  1.265   -8.612  1.00 86.32  ? 4   DC  B "O4'" 1 
ATOM   520 C  "C3'" . DC  B 2 5  ? 0.504   0.816   -10.737 1.00 71.86  ? 4   DC  B "C3'" 1 
ATOM   521 O  "O3'" . DC  B 2 5  ? 0.222   2.084   -11.293 1.00 65.30  ? 4   DC  B "O3'" 1 
ATOM   522 C  "C2'" . DC  B 2 5  ? 1.708   0.869   -9.796  1.00 81.38  ? 4   DC  B "C2'" 1 
ATOM   523 C  "C1'" . DC  B 2 5  ? 1.096   1.507   -8.543  1.00 77.37  ? 4   DC  B "C1'" 1 
ATOM   524 N  N1    . DC  B 2 5  ? 1.589   0.940   -7.247  1.00 75.42  ? 4   DC  B N1    1 
ATOM   525 C  C2    . DC  B 2 5  ? 1.771   1.789   -6.148  1.00 74.65  ? 4   DC  B C2    1 
ATOM   526 O  O2    . DC  B 2 5  ? 1.551   3.000   -6.282  1.00 69.85  ? 4   DC  B O2    1 
ATOM   527 N  N3    . DC  B 2 5  ? 2.193   1.260   -4.969  1.00 67.69  ? 4   DC  B N3    1 
ATOM   528 C  C4    . DC  B 2 5  ? 2.424   -0.052  -4.872  1.00 72.52  ? 4   DC  B C4    1 
ATOM   529 N  N4    . DC  B 2 5  ? 2.841   -0.530  -3.696  1.00 75.31  ? 4   DC  B N4    1 
ATOM   530 C  C5    . DC  B 2 5  ? 2.240   -0.931  -5.980  1.00 69.85  ? 4   DC  B C5    1 
ATOM   531 C  C6    . DC  B 2 5  ? 1.821   -0.399  -7.134  1.00 70.56  ? 4   DC  B C6    1 
ATOM   532 P  P     . DA  B 2 6  ? 0.806   2.481   -12.732 1.00 84.11  ? 5   DA  B P     1 
ATOM   533 O  OP1   . DA  B 2 6  ? -0.173  3.353   -13.421 1.00 76.75  ? 5   DA  B OP1   1 
ATOM   534 O  OP2   . DA  B 2 6  ? 1.267   1.217   -13.363 1.00 77.11  ? 5   DA  B OP2   1 
ATOM   535 O  "O5'" . DA  B 2 6  ? 2.073   3.380   -12.374 1.00 74.77  ? 5   DA  B "O5'" 1 
ATOM   536 C  "C5'" . DA  B 2 6  ? 1.910   4.496   -11.536 1.00 69.54  ? 5   DA  B "C5'" 1 
ATOM   537 C  "C4'" . DA  B 2 6  ? 3.201   4.820   -10.814 1.00 71.43  ? 5   DA  B "C4'" 1 
ATOM   538 O  "O4'" . DA  B 2 6  ? 3.382   3.927   -9.686  1.00 72.22  ? 5   DA  B "O4'" 1 
ATOM   539 C  "C3'" . DA  B 2 6  ? 4.475   4.684   -11.657 1.00 65.85  ? 5   DA  B "C3'" 1 
ATOM   540 O  "O3'" . DA  B 2 6  ? 5.267   5.817   -11.468 1.00 67.35  ? 5   DA  B "O3'" 1 
ATOM   541 C  "C2'" . DA  B 2 6  ? 5.158   3.461   -11.053 1.00 70.59  ? 5   DA  B "C2'" 1 
ATOM   542 C  "C1'" . DA  B 2 6  ? 4.746   3.625   -9.610  1.00 67.72  ? 5   DA  B "C1'" 1 
ATOM   543 N  N9    . DA  B 2 6  ? 4.946   2.440   -8.790  1.00 66.64  ? 5   DA  B N9    1 
ATOM   544 C  C8    . DA  B 2 6  ? 4.985   1.140   -9.205  1.00 67.21  ? 5   DA  B C8    1 
ATOM   545 N  N7    . DA  B 2 6  ? 5.189   0.283   -8.231  1.00 72.49  ? 5   DA  B N7    1 
ATOM   546 C  C5    . DA  B 2 6  ? 5.305   1.081   -7.107  1.00 68.96  ? 5   DA  B C5    1 
ATOM   547 C  C6    . DA  B 2 6  ? 5.534   0.783   -5.749  1.00 72.68  ? 5   DA  B C6    1 
ATOM   548 N  N6    . DA  B 2 6  ? 5.693   -0.460  -5.289  1.00 72.55  ? 5   DA  B N6    1 
ATOM   549 N  N1    . DA  B 2 6  ? 5.592   1.819   -4.881  1.00 74.74  ? 5   DA  B N1    1 
ATOM   550 C  C2    . DA  B 2 6  ? 5.432   3.063   -5.354  1.00 72.31  ? 5   DA  B C2    1 
ATOM   551 N  N3    . DA  B 2 6  ? 5.212   3.460   -6.604  1.00 64.62  ? 5   DA  B N3    1 
ATOM   552 C  C4    . DA  B 2 6  ? 5.160   2.412   -7.437  1.00 65.80  ? 5   DA  B C4    1 
ATOM   553 O  "O5'" . DT  C 3 1  ? -38.452 -10.937 3.686   1.00 119.49 ? 1   DT  C "O5'" 1 
ATOM   554 C  "C5'" . DT  C 3 1  ? -37.031 -11.008 3.723   1.00 123.80 ? 1   DT  C "C5'" 1 
ATOM   555 C  "C4'" . DT  C 3 1  ? -36.415 -9.985  2.789   1.00 121.92 ? 1   DT  C "C4'" 1 
ATOM   556 O  "O4'" . DT  C 3 1  ? -36.739 -8.637  3.239   1.00 113.85 ? 1   DT  C "O4'" 1 
ATOM   557 C  "C3'" . DT  C 3 1  ? -34.888 -10.038 2.687   1.00 117.74 ? 1   DT  C "C3'" 1 
ATOM   558 O  "O3'" . DT  C 3 1  ? -34.506 -9.910  1.317   1.00 116.12 ? 1   DT  C "O3'" 1 
ATOM   559 C  "C2'" . DT  C 3 1  ? -34.452 -8.828  3.515   1.00 112.62 ? 1   DT  C "C2'" 1 
ATOM   560 C  "C1'" . DT  C 3 1  ? -35.568 -7.857  3.188   1.00 107.71 ? 1   DT  C "C1'" 1 
ATOM   561 N  N1    . DT  C 3 1  ? -35.697 -6.718  4.148   1.00 100.41 ? 1   DT  C N1    1 
ATOM   562 C  C2    . DT  C 3 1  ? -35.849 -5.441  3.655   1.00 97.72  ? 1   DT  C C2    1 
ATOM   563 O  O2    . DT  C 3 1  ? -35.883 -5.185  2.463   1.00 98.89  ? 1   DT  C O2    1 
ATOM   564 N  N3    . DT  C 3 1  ? -35.961 -4.465  4.610   1.00 93.84  ? 1   DT  C N3    1 
ATOM   565 C  C4    . DT  C 3 1  ? -35.934 -4.635  5.985   1.00 92.42  ? 1   DT  C C4    1 
ATOM   566 O  O4    . DT  C 3 1  ? -36.040 -3.691  6.766   1.00 82.74  ? 1   DT  C O4    1 
ATOM   567 C  C5    . DT  C 3 1  ? -35.772 -6.001  6.436   1.00 93.03  ? 1   DT  C C5    1 
ATOM   568 C  C7    . DT  C 3 1  ? -35.728 -6.310  7.903   1.00 87.71  ? 1   DT  C C7    1 
ATOM   569 C  C6    . DT  C 3 1  ? -35.661 -6.964  5.505   1.00 98.96  ? 1   DT  C C6    1 
ATOM   570 P  P     . DC  C 3 2  ? -33.010 -10.257 0.837   1.00 125.67 ? 2   DC  C P     1 
ATOM   571 O  OP1   . DC  C 3 2  ? -33.111 -11.312 -0.196  1.00 127.19 ? 2   DC  C OP1   1 
ATOM   572 O  OP2   . DC  C 3 2  ? -32.171 -10.481 2.035   1.00 116.43 ? 2   DC  C OP2   1 
ATOM   573 O  "O5'" . DC  C 3 2  ? -32.527 -8.905  0.135   1.00 112.88 ? 2   DC  C "O5'" 1 
ATOM   574 C  "C5'" . DC  C 3 2  ? -32.856 -7.663  0.728   1.00 106.81 ? 2   DC  C "C5'" 1 
ATOM   575 C  "C4'" . DC  C 3 2  ? -32.853 -6.546  -0.290  1.00 105.84 ? 2   DC  C "C4'" 1 
ATOM   576 O  "O4'" . DC  C 3 2  ? -33.448 -5.367  0.304   1.00 100.94 ? 2   DC  C "O4'" 1 
ATOM   577 C  "C3'" . DC  C 3 2  ? -31.470 -6.115  -0.738  1.00 104.16 ? 2   DC  C "C3'" 1 
ATOM   578 O  "O3'" . DC  C 3 2  ? -31.515 -5.557  -2.039  1.00 108.55 ? 2   DC  C "O3'" 1 
ATOM   579 C  "C2'" . DC  C 3 2  ? -31.089 -5.072  0.308   1.00 102.33 ? 2   DC  C "C2'" 1 
ATOM   580 C  "C1'" . DC  C 3 2  ? -32.437 -4.454  0.693   1.00 96.02  ? 2   DC  C "C1'" 1 
ATOM   581 N  N1    . DC  C 3 2  ? -32.555 -4.196  2.166   1.00 87.03  ? 2   DC  C N1    1 
ATOM   582 C  C2    . DC  C 3 2  ? -32.794 -2.893  2.632   1.00 87.53  ? 2   DC  C C2    1 
ATOM   583 O  O2    . DC  C 3 2  ? -32.927 -1.969  1.813   1.00 84.65  ? 2   DC  C O2    1 
ATOM   584 N  N3    . DC  C 3 2  ? -32.879 -2.682  3.971   1.00 78.74  ? 2   DC  C N3    1 
ATOM   585 C  C4    . DC  C 3 2  ? -32.728 -3.704  4.817   1.00 84.81  ? 2   DC  C C4    1 
ATOM   586 N  N4    . DC  C 3 2  ? -32.821 -3.453  6.127   1.00 83.70  ? 2   DC  C N4    1 
ATOM   587 C  C5    . DC  C 3 2  ? -32.476 -5.031  4.359   1.00 85.82  ? 2   DC  C C5    1 
ATOM   588 C  C6    . DC  C 3 2  ? -32.393 -5.227  3.043   1.00 85.36  ? 2   DC  C C6    1 
ATOM   589 P  P     . DT  C 3 3  ? -30.144 -5.167  -2.783  1.00 113.53 ? 3   DT  C P     1 
ATOM   590 O  OP1   . DT  C 3 3  ? -30.370 -5.232  -4.246  1.00 112.76 ? 3   DT  C OP1   1 
ATOM   591 O  OP2   . DT  C 3 3  ? -29.073 -5.987  -2.174  1.00 99.04  ? 3   DT  C OP2   1 
ATOM   592 O  "O5'" . DT  C 3 3  ? -29.889 -3.649  -2.346  1.00 103.86 ? 3   DT  C "O5'" 1 
ATOM   593 C  "C5'" . DT  C 3 3  ? -30.934 -2.687  -2.460  1.00 101.73 ? 3   DT  C "C5'" 1 
ATOM   594 C  "C4'" . DT  C 3 3  ? -30.441 -1.309  -2.051  1.00 107.60 ? 3   DT  C "C4'" 1 
ATOM   595 O  "O4'" . DT  C 3 3  ? -30.619 -1.124  -0.617  1.00 105.72 ? 3   DT  C "O4'" 1 
ATOM   596 C  "C3'" . DT  C 3 3  ? -28.960 -1.048  -2.327  1.00 101.19 ? 3   DT  C "C3'" 1 
ATOM   597 O  "O3'" . DT  C 3 3  ? -28.782 0.295   -2.761  1.00 102.74 ? 3   DT  C "O3'" 1 
ATOM   598 C  "C2'" . DT  C 3 3  ? -28.324 -1.282  -0.960  1.00 90.77  ? 3   DT  C "C2'" 1 
ATOM   599 C  "C1'" . DT  C 3 3  ? -29.395 -0.712  -0.050  1.00 89.75  ? 3   DT  C "C1'" 1 
ATOM   600 N  N1    . DT  C 3 3  ? -29.325 -1.210  1.355   1.00 78.23  ? 3   DT  C N1    1 
ATOM   601 C  C2    . DT  C 3 3  ? -29.486 -0.319  2.395   1.00 82.56  ? 3   DT  C C2    1 
ATOM   602 O  O2    . DT  C 3 3  ? -29.688 0.874   2.231   1.00 82.06  ? 3   DT  C O2    1 
ATOM   603 N  N3    . DT  C 3 3  ? -29.402 -0.875  3.645   1.00 75.36  ? 3   DT  C N3    1 
ATOM   604 C  C4    . DT  C 3 3  ? -29.181 -2.206  3.952   1.00 76.85  ? 3   DT  C C4    1 
ATOM   605 O  O4    . DT  C 3 3  ? -29.124 -2.613  5.110   1.00 77.24  ? 3   DT  C O4    1 
ATOM   606 C  C5    . DT  C 3 3  ? -29.022 -3.085  2.817   1.00 73.23  ? 3   DT  C C5    1 
ATOM   607 C  C7    . DT  C 3 3  ? -28.777 -4.549  3.030   1.00 70.26  ? 3   DT  C C7    1 
ATOM   608 C  C6    . DT  C 3 3  ? -29.098 -2.549  1.588   1.00 75.21  ? 3   DT  C C6    1 
ATOM   609 P  P     . DA  C 3 4  ? -27.827 0.624   -4.011  1.00 113.47 ? 4   DA  C P     1 
ATOM   610 O  OP1   . DA  C 3 4  ? -28.649 0.620   -5.241  1.00 110.09 ? 4   DA  C OP1   1 
ATOM   611 O  OP2   . DA  C 3 4  ? -26.656 -0.277  -3.922  1.00 111.27 ? 4   DA  C OP2   1 
ATOM   612 O  "O5'" . DA  C 3 4  ? -27.348 2.125   -3.732  1.00 102.69 ? 4   DA  C "O5'" 1 
ATOM   613 C  "C5'" . DA  C 3 4  ? -28.310 3.165   -3.631  1.00 93.73  ? 4   DA  C "C5'" 1 
ATOM   614 C  "C4'" . DA  C 3 4  ? -27.964 4.120   -2.503  1.00 96.51  ? 4   DA  C "C4'" 1 
ATOM   615 O  "O4'" . DA  C 3 4  ? -27.986 3.412   -1.234  1.00 96.98  ? 4   DA  C "O4'" 1 
ATOM   616 C  "C3'" . DA  C 3 4  ? -26.588 4.772   -2.600  1.00 95.30  ? 4   DA  C "C3'" 1 
ATOM   617 O  "O3'" . DA  C 3 4  ? -26.682 6.141   -2.218  1.00 92.30  ? 4   DA  C "O3'" 1 
ATOM   618 C  "C2'" . DA  C 3 4  ? -25.749 3.962   -1.611  1.00 92.06  ? 4   DA  C "C2'" 1 
ATOM   619 C  "C1'" . DA  C 3 4  ? -26.777 3.637   -0.542  1.00 87.45  ? 4   DA  C "C1'" 1 
ATOM   620 N  N9    . DA  C 3 4  ? -26.470 2.434   0.226   1.00 84.96  ? 4   DA  C N9    1 
ATOM   621 C  C8    . DA  C 3 4  ? -26.170 1.194   -0.267  1.00 84.64  ? 4   DA  C C8    1 
ATOM   622 N  N7    . DA  C 3 4  ? -25.957 0.290   0.663   1.00 80.23  ? 4   DA  C N7    1 
ATOM   623 C  C5    . DA  C 3 4  ? -26.134 0.984   1.849   1.00 74.40  ? 4   DA  C C5    1 
ATOM   624 C  C6    . DA  C 3 4  ? -26.047 0.591   3.201   1.00 72.22  ? 4   DA  C C6    1 
ATOM   625 N  N6    . DA  C 3 4  ? -25.745 -0.653  3.590   1.00 70.70  ? 4   DA  C N6    1 
ATOM   626 N  N1    . DA  C 3 4  ? -26.281 1.530   4.141   1.00 68.28  ? 4   DA  C N1    1 
ATOM   627 C  C2    . DA  C 3 4  ? -26.583 2.774   3.746   1.00 76.92  ? 4   DA  C C2    1 
ATOM   628 N  N3    . DA  C 3 4  ? -26.693 3.262   2.508   1.00 75.86  ? 4   DA  C N3    1 
ATOM   629 C  C4    . DA  C 3 4  ? -26.455 2.306   1.598   1.00 73.65  ? 4   DA  C C4    1 
ATOM   630 P  P     . DA  C 3 5  ? -25.365 7.058   -2.142  1.00 105.09 ? 5   DA  C P     1 
ATOM   631 O  OP1   . DA  C 3 5  ? -25.776 8.454   -2.408  1.00 97.67  ? 5   DA  C OP1   1 
ATOM   632 O  OP2   . DA  C 3 5  ? -24.321 6.423   -2.981  1.00 97.62  ? 5   DA  C OP2   1 
ATOM   633 O  "O5'" . DA  C 3 5  ? -24.912 6.950   -0.610  1.00 97.95  ? 5   DA  C "O5'" 1 
ATOM   634 C  "C5'" . DA  C 3 5  ? -25.809 7.345   0.417   1.00 96.00  ? 5   DA  C "C5'" 1 
ATOM   635 C  "C4'" . DA  C 3 5  ? -25.120 7.369   1.770   1.00 90.52  ? 5   DA  C "C4'" 1 
ATOM   636 O  "O4'" . DA  C 3 5  ? -24.999 6.019   2.288   1.00 84.56  ? 5   DA  C "O4'" 1 
ATOM   637 C  "C3'" . DA  C 3 5  ? -23.716 7.963   1.774   1.00 88.93  ? 5   DA  C "C3'" 1 
ATOM   638 O  "O3'" . DA  C 3 5  ? -23.572 8.827   2.895   1.00 89.55  ? 5   DA  C "O3'" 1 
ATOM   639 C  "C2'" . DA  C 3 5  ? -22.807 6.732   1.875   1.00 85.28  ? 5   DA  C "C2'" 1 
ATOM   640 C  "C1'" . DA  C 3 5  ? -23.668 5.764   2.673   1.00 77.33  ? 5   DA  C "C1'" 1 
ATOM   641 N  N9    . DA  C 3 5  ? -23.391 4.354   2.401   1.00 71.99  ? 5   DA  C N9    1 
ATOM   642 C  C8    . DA  C 3 5  ? -23.294 3.754   1.176   1.00 76.19  ? 5   DA  C C8    1 
ATOM   643 N  N7    . DA  C 3 5  ? -23.057 2.462   1.235   1.00 69.43  ? 5   DA  C N7    1 
ATOM   644 C  C5    . DA  C 3 5  ? -23.006 2.195   2.593   1.00 66.12  ? 5   DA  C C5    1 
ATOM   645 C  C6    . DA  C 3 5  ? -22.787 1.005   3.322   1.00 67.80  ? 5   DA  C C6    1 
ATOM   646 N  N6    . DA  C 3 5  ? -22.573 -0.183  2.746   1.00 72.49  ? 5   DA  C N6    1 
ATOM   647 N  N1    . DA  C 3 5  ? -22.801 1.082   4.670   1.00 63.53  ? 5   DA  C N1    1 
ATOM   648 C  C2    . DA  C 3 5  ? -23.016 2.273   5.242   1.00 71.02  ? 5   DA  C C2    1 
ATOM   649 N  N3    . DA  C 3 5  ? -23.232 3.458   4.663   1.00 76.11  ? 5   DA  C N3    1 
ATOM   650 C  C4    . DA  C 3 5  ? -23.213 3.348   3.326   1.00 67.50  ? 5   DA  C C4    1 
ATOM   651 P  P     . DT  C 3 6  ? -22.328 9.838   2.993   1.00 94.99  ? 6   DT  C P     1 
ATOM   652 O  OP1   . DT  C 3 6  ? -22.841 11.130  3.506   1.00 89.24  ? 6   DT  C OP1   1 
ATOM   653 O  OP2   . DT  C 3 6  ? -21.597 9.794   1.704   1.00 88.21  ? 6   DT  C OP2   1 
ATOM   654 O  "O5'" . DT  C 3 6  ? -21.401 9.172   4.113   1.00 81.54  ? 6   DT  C "O5'" 1 
ATOM   655 C  "C5'" . DT  C 3 6  ? -21.909 8.993   5.423   1.00 76.36  ? 6   DT  C "C5'" 1 
ATOM   656 C  "C4'" . DT  C 3 6  ? -21.163 7.891   6.157   1.00 82.31  ? 6   DT  C "C4'" 1 
ATOM   657 O  "O4'" . DT  C 3 6  ? -21.247 6.660   5.420   1.00 77.51  ? 6   DT  C "O4'" 1 
ATOM   658 C  "C3'" . DT  C 3 6  ? -19.666 8.136   6.369   1.00 82.64  ? 6   DT  C "C3'" 1 
ATOM   659 O  "O3'" . DT  C 3 6  ? -19.427 8.486   7.732   1.00 86.08  ? 6   DT  C "O3'" 1 
ATOM   660 C  "C2'" . DT  C 3 6  ? -19.001 6.792   5.994   1.00 76.95  ? 6   DT  C "C2'" 1 
ATOM   661 C  "C1'" . DT  C 3 6  ? -20.191 5.849   5.844   1.00 73.82  ? 6   DT  C "C1'" 1 
ATOM   662 N  N1    . DT  C 3 6  ? -19.995 4.759   4.841   1.00 68.67  ? 6   DT  C N1    1 
ATOM   663 C  C2    . DT  C 3 6  ? -19.820 3.465   5.279   1.00 70.34  ? 6   DT  C C2    1 
ATOM   664 O  O2    . DT  C 3 6  ? -19.801 3.159   6.456   1.00 71.36  ? 6   DT  C O2    1 
ATOM   665 N  N3    . DT  C 3 6  ? -19.660 2.534   4.285   1.00 63.65  ? 6   DT  C N3    1 
ATOM   666 C  C4    . DT  C 3 6  ? -19.663 2.765   2.921   1.00 65.80  ? 6   DT  C C4    1 
ATOM   667 O  O4    . DT  C 3 6  ? -19.510 1.864   2.102   1.00 62.20  ? 6   DT  C O4    1 
ATOM   668 C  C5    . DT  C 3 6  ? -19.856 4.144   2.527   1.00 68.44  ? 6   DT  C C5    1 
ATOM   669 C  C7    . DT  C 3 6  ? -19.877 4.516   1.072   1.00 63.88  ? 6   DT  C C7    1 
ATOM   670 C  C6    . DT  C 3 6  ? -20.015 5.063   3.496   1.00 71.33  ? 6   DT  C C6    1 
ATOM   671 P  P     . DT  C 3 7  ? -17.944 8.841   8.242   1.00 86.13  ? 7   DT  C P     1 
ATOM   672 O  OP1   . DT  C 3 7  ? -18.069 9.652   9.475   1.00 81.27  ? 7   DT  C OP1   1 
ATOM   673 O  OP2   . DT  C 3 7  ? -17.162 9.361   7.097   1.00 85.81  ? 7   DT  C OP2   1 
ATOM   674 O  "O5'" . DT  C 3 7  ? -17.349 7.424   8.654   1.00 66.19  ? 7   DT  C "O5'" 1 
ATOM   675 C  "C5'" . DT  C 3 7  ? -18.093 6.588   9.505   1.00 71.18  ? 7   DT  C "C5'" 1 
ATOM   676 C  "C4'" . DT  C 3 7  ? -17.318 5.332   9.835   1.00 73.41  ? 7   DT  C "C4'" 1 
ATOM   677 O  "O4'" . DT  C 3 7  ? -17.414 4.380   8.741   1.00 69.95  ? 7   DT  C "O4'" 1 
ATOM   678 C  "C3'" . DT  C 3 7  ? -15.829 5.540   10.084  1.00 72.02  ? 7   DT  C "C3'" 1 
ATOM   679 O  "O3'" . DT  C 3 7  ? -15.444 4.739   11.173  1.00 77.90  ? 7   DT  C "O3'" 1 
ATOM   680 C  "C2'" . DT  C 3 7  ? -15.189 5.060   8.778   1.00 74.40  ? 7   DT  C "C2'" 1 
ATOM   681 C  "C1'" . DT  C 3 7  ? -16.125 3.927   8.397   1.00 69.05  ? 7   DT  C "C1'" 1 
ATOM   682 N  N1    . DT  C 3 7  ? -16.128 3.582   6.937   1.00 65.17  ? 7   DT  C N1    1 
ATOM   683 C  C2    . DT  C 3 7  ? -16.001 2.264   6.555   1.00 64.23  ? 7   DT  C C2    1 
ATOM   684 O  O2    . DT  C 3 7  ? -15.858 1.352   7.348   1.00 69.91  ? 7   DT  C O2    1 
ATOM   685 N  N3    . DT  C 3 7  ? -16.042 2.051   5.205   1.00 59.19  ? 7   DT  C N3    1 
ATOM   686 C  C4    . DT  C 3 7  ? -16.193 2.999   4.214   1.00 63.64  ? 7   DT  C C4    1 
ATOM   687 O  O4    . DT  C 3 7  ? -16.212 2.706   3.021   1.00 67.28  ? 7   DT  C O4    1 
ATOM   688 C  C5    . DT  C 3 7  ? -16.329 4.358   4.677   1.00 63.59  ? 7   DT  C C5    1 
ATOM   689 C  C7    . DT  C 3 7  ? -16.507 5.473   3.691   1.00 70.65  ? 7   DT  C C7    1 
ATOM   690 C  C6    . DT  C 3 7  ? -16.296 4.582   6.003   1.00 65.24  ? 7   DT  C C6    1 
ATOM   691 P  P     . DT  C 3 8  ? -14.073 5.015   11.954  1.00 76.22  ? 8   DT  C P     1 
ATOM   692 O  OP1   . DT  C 3 8  ? -14.404 5.135   13.399  1.00 74.05  ? 8   DT  C OP1   1 
ATOM   693 O  OP2   . DT  C 3 8  ? -13.400 6.141   11.262  1.00 61.49  ? 8   DT  C OP2   1 
ATOM   694 O  "O5'" . DT  C 3 8  ? -13.249 3.657   11.720  1.00 66.64  ? 8   DT  C "O5'" 1 
ATOM   695 C  "C5'" . DT  C 3 8  ? -13.891 2.538   11.111  1.00 63.08  ? 8   DT  C "C5'" 1 
ATOM   696 C  "C4'" . DT  C 3 8  ? -12.900 1.425   10.825  1.00 69.31  ? 8   DT  C "C4'" 1 
ATOM   697 O  "O4'" . DT  C 3 8  ? -13.052 0.977   9.450   1.00 67.42  ? 8   DT  C "O4'" 1 
ATOM   698 C  "C3'" . DT  C 3 8  ? -11.434 1.809   10.966  1.00 70.44  ? 8   DT  C "C3'" 1 
ATOM   699 O  "O3'" . DT  C 3 8  ? -10.698 0.692   11.378  1.00 59.21  ? 8   DT  C "O3'" 1 
ATOM   700 C  "C2'" . DT  C 3 8  ? -11.063 2.193   9.543   1.00 67.50  ? 8   DT  C "C2'" 1 
ATOM   701 C  "C1'" . DT  C 3 8  ? -11.828 1.138   8.765   1.00 55.00  ? 8   DT  C "C1'" 1 
ATOM   702 N  N1    . DT  C 3 8  ? -12.126 1.534   7.367   1.00 57.04  ? 8   DT  C N1    1 
ATOM   703 C  C2    . DT  C 3 8  ? -12.209 0.565   6.406   1.00 58.89  ? 8   DT  C C2    1 
ATOM   704 O  O2    . DT  C 3 8  ? -12.044 -0.617  6.640   1.00 68.36  ? 8   DT  C O2    1 
ATOM   705 N  N3    . DT  C 3 8  ? -12.492 1.028   5.151   1.00 54.23  ? 8   DT  C N3    1 
ATOM   706 C  C4    . DT  C 3 8  ? -12.696 2.340   4.772   1.00 61.28  ? 8   DT  C C4    1 
ATOM   707 O  O4    . DT  C 3 8  ? -12.947 2.658   3.613   1.00 68.09  ? 8   DT  C O4    1 
ATOM   708 C  C5    . DT  C 3 8  ? -12.594 3.309   5.832   1.00 55.38  ? 8   DT  C C5    1 
ATOM   709 C  C7    . DT  C 3 8  ? -12.798 4.763   5.544   1.00 62.87  ? 8   DT  C C7    1 
ATOM   710 C  C6    . DT  C 3 8  ? -12.321 2.866   7.064   1.00 58.81  ? 8   DT  C C6    1 
ATOM   711 P  P     . DG  D 4 1  ? 10.449  3.102   -12.793 1.00 76.47  ? 10  DG  D P     1 
ATOM   712 O  OP1   . DG  D 4 1  ? 10.501  4.090   -13.895 1.00 71.46  ? 10  DG  D OP1   1 
ATOM   713 O  OP2   . DG  D 4 1  ? 10.107  1.696   -13.081 1.00 68.46  ? 10  DG  D OP2   1 
ATOM   714 O  "O5'" . DG  D 4 1  ? 9.384   3.596   -11.709 1.00 75.70  ? 10  DG  D "O5'" 1 
ATOM   715 C  "C5'" . DG  D 4 1  ? 8.955   4.950   -11.698 1.00 75.10  ? 10  DG  D "C5'" 1 
ATOM   716 C  "C4'" . DG  D 4 1  ? 8.799   5.438   -10.275 1.00 67.70  ? 10  DG  D "C4'" 1 
ATOM   717 O  "O4'" . DG  D 4 1  ? 7.999   4.495   -9.541  1.00 68.36  ? 10  DG  D "O4'" 1 
ATOM   718 C  "C3'" . DG  D 4 1  ? 10.095  5.535   -9.501  1.00 73.26  ? 10  DG  D "C3'" 1 
ATOM   719 O  "O3'" . DG  D 4 1  ? 10.662  6.815   -9.694  1.00 79.81  ? 10  DG  D "O3'" 1 
ATOM   720 C  "C2'" . DG  D 4 1  ? 9.649   5.340   -8.054  1.00 74.15  ? 10  DG  D "C2'" 1 
ATOM   721 C  "C1'" . DG  D 4 1  ? 8.387   4.488   -8.184  1.00 67.69  ? 10  DG  D "C1'" 1 
ATOM   722 N  N9    . DG  D 4 1  ? 8.565   3.107   -7.776  1.00 65.36  ? 10  DG  D N9    1 
ATOM   723 C  C8    . DG  D 4 1  ? 8.568   2.003   -8.591  1.00 71.90  ? 10  DG  D C8    1 
ATOM   724 N  N7    . DG  D 4 1  ? 8.742   0.884   -7.950  1.00 71.59  ? 10  DG  D N7    1 
ATOM   725 C  C5    . DG  D 4 1  ? 8.860   1.272   -6.623  1.00 67.50  ? 10  DG  D C5    1 
ATOM   726 C  C6    . DG  D 4 1  ? 9.063   0.491   -5.466  1.00 72.42  ? 10  DG  D C6    1 
ATOM   727 O  O6    . DG  D 4 1  ? 9.181   -0.738  -5.385  1.00 81.82  ? 10  DG  D O6    1 
ATOM   728 N  N1    . DG  D 4 1  ? 9.127   1.277   -4.317  1.00 71.57  ? 10  DG  D N1    1 
ATOM   729 C  C2    . DG  D 4 1  ? 9.009   2.646   -4.293  1.00 77.36  ? 10  DG  D C2    1 
ATOM   730 N  N2    . DG  D 4 1  ? 9.096   3.230   -3.087  1.00 77.20  ? 10  DG  D N2    1 
ATOM   731 N  N3    . DG  D 4 1  ? 8.816   3.393   -5.376  1.00 70.92  ? 10  DG  D N3    1 
ATOM   732 C  C4    . DG  D 4 1  ? 8.752   2.638   -6.500  1.00 67.57  ? 10  DG  D C4    1 
ATOM   733 P  P     . DG  D 4 2  ? 12.237  7.035   -9.478  1.00 82.93  ? 11  DG  D P     1 
ATOM   734 O  OP1   . DG  D 4 2  ? 12.556  8.426   -9.875  1.00 76.08  ? 11  DG  D OP1   1 
ATOM   735 O  OP2   . DG  D 4 2  ? 12.931  5.896   -10.125 1.00 79.69  ? 11  DG  D OP2   1 
ATOM   736 O  "O5'" . DG  D 4 2  ? 12.425  6.894   -7.897  1.00 76.02  ? 11  DG  D "O5'" 1 
ATOM   737 C  "C5'" . DG  D 4 2  ? 11.829  7.846   -7.020  1.00 79.26  ? 11  DG  D "C5'" 1 
ATOM   738 C  "C4'" . DG  D 4 2  ? 12.066  7.449   -5.576  1.00 85.92  ? 11  DG  D "C4'" 1 
ATOM   739 O  "O4'" . DG  D 4 2  ? 11.631  6.088   -5.382  1.00 82.66  ? 11  DG  D "O4'" 1 
ATOM   740 C  "C3'" . DG  D 4 2  ? 13.526  7.513   -5.143  1.00 93.31  ? 11  DG  D "C3'" 1 
ATOM   741 O  "O3'" . DG  D 4 2  ? 13.687  8.465   -4.105  1.00 104.42 ? 11  DG  D "O3'" 1 
ATOM   742 C  "C2'" . DG  D 4 2  ? 13.885  6.091   -4.685  1.00 88.55  ? 11  DG  D "C2'" 1 
ATOM   743 C  "C1'" . DG  D 4 2  ? 12.543  5.381   -4.580  1.00 75.95  ? 11  DG  D "C1'" 1 
ATOM   744 N  N9    . DG  D 4 2  ? 12.578  4.014   -5.080  1.00 71.52  ? 11  DG  D N9    1 
ATOM   745 C  C8    . DG  D 4 2  ? 12.530  3.622   -6.392  1.00 74.64  ? 11  DG  D C8    1 
ATOM   746 N  N7    . DG  D 4 2  ? 12.565  2.328   -6.551  1.00 76.79  ? 11  DG  D N7    1 
ATOM   747 C  C5    . DG  D 4 2  ? 12.640  1.829   -5.260  1.00 70.30  ? 11  DG  D C5    1 
ATOM   748 C  C6    . DG  D 4 2  ? 12.709  0.488   -4.807  1.00 74.85  ? 11  DG  D C6    1 
ATOM   749 O  O6    . DG  D 4 2  ? 12.716  -0.552  -5.481  1.00 76.27  ? 11  DG  D O6    1 
ATOM   750 N  N1    . DG  D 4 2  ? 12.773  0.418   -3.420  1.00 72.66  ? 11  DG  D N1    1 
ATOM   751 C  C2    . DG  D 4 2  ? 12.771  1.505   -2.577  1.00 78.27  ? 11  DG  D C2    1 
ATOM   752 N  N2    . DG  D 4 2  ? 12.840  1.237   -1.266  1.00 77.44  ? 11  DG  D N2    1 
ATOM   753 N  N3    . DG  D 4 2  ? 12.709  2.770   -2.990  1.00 79.33  ? 11  DG  D N3    1 
ATOM   754 C  C4    . DG  D 4 2  ? 12.647  2.854   -4.339  1.00 73.21  ? 11  DG  D C4    1 
ATOM   755 P  P     . DA  D 4 3  ? 15.152  9.026   -3.765  1.00 115.63 ? 12  DA  D P     1 
ATOM   756 O  OP1   . DA  D 4 3  ? 14.998  10.337  -3.094  1.00 99.65  ? 12  DA  D OP1   1 
ATOM   757 O  OP2   . DA  D 4 3  ? 15.968  8.906   -4.996  1.00 100.76 ? 12  DA  D OP2   1 
ATOM   758 O  "O5'" . DA  D 4 3  ? 15.720  7.965   -2.718  1.00 99.37  ? 12  DA  D "O5'" 1 
ATOM   759 C  "C5'" . DA  D 4 3  ? 14.923  7.577   -1.616  1.00 97.14  ? 12  DA  D "C5'" 1 
ATOM   760 C  "C4'" . DA  D 4 3  ? 15.513  6.361   -0.940  1.00 98.52  ? 12  DA  D "C4'" 1 
ATOM   761 O  "O4'" . DA  D 4 3  ? 15.265  5.178   -1.747  1.00 99.47  ? 12  DA  D "O4'" 1 
ATOM   762 C  "C3'" . DA  D 4 3  ? 17.029  6.420   -0.728  1.00 94.83  ? 12  DA  D "C3'" 1 
ATOM   763 O  "O3'" . DA  D 4 3  ? 17.339  6.010   0.591   1.00 102.17 ? 12  DA  D "O3'" 1 
ATOM   764 C  "C2'" . DA  D 4 3  ? 17.561  5.424   -1.757  1.00 93.51  ? 12  DA  D "C2'" 1 
ATOM   765 C  "C1'" . DA  D 4 3  ? 16.438  4.408   -1.772  1.00 88.71  ? 12  DA  D "C1'" 1 
ATOM   766 N  N9    . DA  D 4 3  ? 16.429  3.557   -2.958  1.00 82.61  ? 12  DA  D N9    1 
ATOM   767 C  C8    . DA  D 4 3  ? 16.549  3.952   -4.262  1.00 82.00  ? 12  DA  D C8    1 
ATOM   768 N  N7    . DA  D 4 3  ? 16.512  2.957   -5.119  1.00 78.70  ? 12  DA  D N7    1 
ATOM   769 C  C5    . DA  D 4 3  ? 16.361  1.834   -4.320  1.00 73.54  ? 12  DA  D C5    1 
ATOM   770 C  C6    . DA  D 4 3  ? 16.255  0.463   -4.622  1.00 75.77  ? 12  DA  D C6    1 
ATOM   771 N  N6    . DA  D 4 3  ? 16.291  -0.020  -5.868  1.00 80.80  ? 12  DA  D N6    1 
ATOM   772 N  N1    . DA  D 4 3  ? 16.112  -0.396  -3.591  1.00 76.75  ? 12  DA  D N1    1 
ATOM   773 C  C2    . DA  D 4 3  ? 16.080  0.095   -2.346  1.00 78.68  ? 12  DA  D C2    1 
ATOM   774 N  N3    . DA  D 4 3  ? 16.170  1.360   -1.941  1.00 79.77  ? 12  DA  D N3    1 
ATOM   775 C  C4    . DA  D 4 3  ? 16.310  2.186   -2.987  1.00 75.23  ? 12  DA  D C4    1 
ATOM   776 P  P     . DA  D 4 4  ? 18.515  6.730   1.413   1.00 107.43 ? 13  DA  D P     1 
ATOM   777 O  OP1   . DA  D 4 4  ? 17.893  7.791   2.242   1.00 95.04  ? 13  DA  D OP1   1 
ATOM   778 O  OP2   . DA  D 4 4  ? 19.605  7.075   0.468   1.00 92.91  ? 13  DA  D OP2   1 
ATOM   779 O  "O5'" . DA  D 4 4  ? 19.040  5.574   2.379   1.00 89.34  ? 13  DA  D "O5'" 1 
ATOM   780 C  "C5'" . DA  D 4 4  ? 18.127  4.903   3.222   1.00 84.29  ? 13  DA  D "C5'" 1 
ATOM   781 C  "C4'" . DA  D 4 4  ? 18.379  3.409   3.210   1.00 99.37  ? 13  DA  D "C4'" 1 
ATOM   782 O  "O4'" . DA  D 4 4  ? 18.205  2.887   1.869   1.00 100.55 ? 13  DA  D "O4'" 1 
ATOM   783 C  "C3'" . DA  D 4 4  ? 19.777  2.977   3.660   1.00 105.01 ? 13  DA  D "C3'" 1 
ATOM   784 O  "O3'" . DA  D 4 4  ? 19.656  1.970   4.658   1.00 110.80 ? 13  DA  D "O3'" 1 
ATOM   785 C  "C2'" . DA  D 4 4  ? 20.425  2.439   2.376   1.00 103.75 ? 13  DA  D "C2'" 1 
ATOM   786 C  "C1'" . DA  D 4 4  ? 19.211  1.940   1.612   1.00 96.80  ? 13  DA  D "C1'" 1 
ATOM   787 N  N9    . DA  D 4 4  ? 19.395  1.863   0.164   1.00 90.99  ? 13  DA  D N9    1 
ATOM   788 C  C8    . DA  D 4 4  ? 19.587  2.908   -0.697  1.00 91.64  ? 13  DA  D C8    1 
ATOM   789 N  N7    . DA  D 4 4  ? 19.696  2.545   -1.955  1.00 90.37  ? 13  DA  D N7    1 
ATOM   790 C  C5    . DA  D 4 4  ? 19.557  1.167   -1.918  1.00 80.94  ? 13  DA  D C5    1 
ATOM   791 C  C6    . DA  D 4 4  ? 19.576  0.185   -2.927  1.00 81.75  ? 13  DA  D C6    1 
ATOM   792 N  N6    . DA  D 4 4  ? 19.753  0.468   -4.221  1.00 85.02  ? 13  DA  D N6    1 
ATOM   793 N  N1    . DA  D 4 4  ? 19.409  -1.099  -2.555  1.00 79.27  ? 13  DA  D N1    1 
ATOM   794 C  C2    . DA  D 4 4  ? 19.236  -1.373  -1.259  1.00 85.86  ? 13  DA  D C2    1 
ATOM   795 N  N3    . DA  D 4 4  ? 19.194  -0.539  -0.219  1.00 88.99  ? 13  DA  D N3    1 
ATOM   796 C  C4    . DA  D 4 4  ? 19.364  0.730   -0.621  1.00 85.17  ? 13  DA  D C4    1 
ATOM   797 P  P     . DT  D 4 5  ? 20.961  1.351   5.358   1.00 116.61 ? 14  DT  D P     1 
ATOM   798 O  OP1   . DT  D 4 5  ? 20.552  0.796   6.668   1.00 104.68 ? 14  DT  D OP1   1 
ATOM   799 O  OP2   . DT  D 4 5  ? 22.037  2.367   5.283   1.00 109.00 ? 14  DT  D OP2   1 
ATOM   800 O  "O5'" . DT  D 4 5  ? 21.352  0.132   4.407   1.00 104.49 ? 14  DT  D "O5'" 1 
ATOM   801 C  "C5'" . DT  D 4 5  ? 22.152  -0.914  4.902   1.00 110.18 ? 14  DT  D "C5'" 1 
ATOM   802 C  "C4'" . DT  D 4 5  ? 21.921  -2.179  4.105   1.00 107.74 ? 14  DT  D "C4'" 1 
ATOM   803 O  "O4'" . DT  D 4 5  ? 21.546  -1.830  2.749   1.00 103.78 ? 14  DT  D "O4'" 1 
ATOM   804 C  "C3'" . DT  D 4 5  ? 23.142  -3.091  4.001   1.00 107.70 ? 14  DT  D "C3'" 1 
ATOM   805 O  "O3'" . DT  D 4 5  ? 22.804  -4.416  4.384   1.00 112.17 ? 14  DT  D "O3'" 1 
ATOM   806 C  "C2'" . DT  D 4 5  ? 23.549  -3.008  2.530   1.00 106.00 ? 14  DT  D "C2'" 1 
ATOM   807 C  "C1'" . DT  D 4 5  ? 22.245  -2.642  1.841   1.00 97.00  ? 14  DT  D "C1'" 1 
ATOM   808 N  N1    . DT  D 4 5  ? 22.438  -1.868  0.576   1.00 91.23  ? 14  DT  D N1    1 
ATOM   809 C  C2    . DT  D 4 5  ? 22.419  -2.528  -0.635  1.00 91.77  ? 14  DT  D C2    1 
ATOM   810 O  O2    . DT  D 4 5  ? 22.258  -3.731  -0.739  1.00 92.22  ? 14  DT  D O2    1 
ATOM   811 N  N3    . DT  D 4 5  ? 22.602  -1.723  -1.730  1.00 86.43  ? 14  DT  D N3    1 
ATOM   812 C  C4    . DT  D 4 5  ? 22.796  -0.352  -1.738  1.00 88.76  ? 14  DT  D C4    1 
ATOM   813 O  O4    . DT  D 4 5  ? 22.951  0.284   -2.778  1.00 89.06  ? 14  DT  D O4    1 
ATOM   814 C  C5    . DT  D 4 5  ? 22.804  0.279   -0.436  1.00 85.83  ? 14  DT  D C5    1 
ATOM   815 C  C7    . DT  D 4 5  ? 23.007  1.762   -0.318  1.00 79.34  ? 14  DT  D C7    1 
ATOM   816 C  C6    . DT  D 4 5  ? 22.625  -0.500  0.645   1.00 88.60  ? 14  DT  D C6    1 
ATOM   817 P  P     . DT  D 4 6  ? 23.953  -5.418  4.889   1.00 124.50 ? 15  DT  D P     1 
ATOM   818 O  OP1   . DT  D 4 6  ? 23.322  -6.457  5.735   1.00 118.56 ? 15  DT  D OP1   1 
ATOM   819 O  OP2   . DT  D 4 6  ? 25.046  -4.578  5.433   1.00 121.87 ? 15  DT  D OP2   1 
ATOM   820 O  "O5'" . DT  D 4 6  ? 24.485  -6.101  3.544   1.00 111.73 ? 15  DT  D "O5'" 1 
ATOM   821 C  "C5'" . DT  D 4 6  ? 23.599  -6.875  2.750   1.00 112.33 ? 15  DT  D "C5'" 1 
ATOM   822 C  "C4'" . DT  D 4 6  ? 24.257  -7.291  1.447   1.00 111.33 ? 15  DT  D "C4'" 1 
ATOM   823 O  "O4'" . DT  D 4 6  ? 24.259  -6.178  0.513   1.00 108.97 ? 15  DT  D "O4'" 1 
ATOM   824 C  "C3'" . DT  D 4 6  ? 25.714  -7.745  1.572   1.00 110.00 ? 15  DT  D "C3'" 1 
ATOM   825 O  "O3'" . DT  D 4 6  ? 25.896  -8.966  0.869   1.00 119.34 ? 15  DT  D "O3'" 1 
ATOM   826 C  "C2'" . DT  D 4 6  ? 26.497  -6.601  0.922   1.00 109.92 ? 15  DT  D "C2'" 1 
ATOM   827 C  "C1'" . DT  D 4 6  ? 25.509  -6.139  -0.132  1.00 104.20 ? 15  DT  D "C1'" 1 
ATOM   828 N  N1    . DT  D 4 6  ? 25.744  -4.746  -0.654  1.00 91.69  ? 15  DT  D N1    1 
ATOM   829 C  C2    . DT  D 4 6  ? 25.805  -4.543  -2.014  1.00 91.76  ? 15  DT  D C2    1 
ATOM   830 O  O2    . DT  D 4 6  ? 25.690  -5.440  -2.826  1.00 98.41  ? 15  DT  D O2    1 
ATOM   831 N  N3    . DT  D 4 6  ? 26.010  -3.244  -2.395  1.00 87.37  ? 15  DT  D N3    1 
ATOM   832 C  C4    . DT  D 4 6  ? 26.155  -2.145  -1.568  1.00 91.05  ? 15  DT  D C4    1 
ATOM   833 O  O4    . DT  D 4 6  ? 26.339  -1.012  -2.008  1.00 92.06  ? 15  DT  D O4    1 
ATOM   834 C  C5    . DT  D 4 6  ? 26.079  -2.423  -0.153  1.00 86.77  ? 15  DT  D C5    1 
ATOM   835 C  C7    . DT  D 4 6  ? 26.225  -1.308  0.839   1.00 89.12  ? 15  DT  D C7    1 
ATOM   836 C  C6    . DT  D 4 6  ? 25.881  -3.696  0.231   1.00 86.09  ? 15  DT  D C6    1 
ATOM   837 P  P     . DC  D 4 7  ? 26.756  -10.151 1.528   1.00 133.32 ? 16  DC  D P     1 
ATOM   838 O  OP1   . DC  D 4 7  ? 26.657  -11.340 0.651   1.00 121.01 ? 16  DC  D OP1   1 
ATOM   839 O  OP2   . DC  D 4 7  ? 26.336  -10.259 2.943   1.00 125.02 ? 16  DC  D OP2   1 
ATOM   840 O  "O5'" . DC  D 4 7  ? 28.253  -9.581  1.505   1.00 128.13 ? 16  DC  D "O5'" 1 
ATOM   841 C  "C5'" . DC  D 4 7  ? 29.204  -10.087 0.572   1.00 123.63 ? 16  DC  D "C5'" 1 
ATOM   842 C  "C4'" . DC  D 4 7  ? 28.838  -9.711  -0.855  1.00 118.80 ? 16  DC  D "C4'" 1 
ATOM   843 O  "O4'" . DC  D 4 7  ? 28.527  -8.294  -0.932  1.00 117.10 ? 16  DC  D "O4'" 1 
ATOM   844 C  "C3'" . DC  D 4 7  ? 29.942  -9.960  -1.890  1.00 122.65 ? 16  DC  D "C3'" 1 
ATOM   845 O  "O3'" . DC  D 4 7  ? 29.414  -10.671 -3.004  1.00 121.92 ? 16  DC  D "O3'" 1 
ATOM   846 C  "C2'" . DC  D 4 7  ? 30.392  -8.548  -2.281  1.00 111.93 ? 16  DC  D "C2'" 1 
ATOM   847 C  "C1'" . DC  D 4 7  ? 29.103  -7.773  -2.104  1.00 110.34 ? 16  DC  D "C1'" 1 
ATOM   848 N  N1    . DC  D 4 7  ? 29.294  -6.301  -1.944  1.00 103.19 ? 16  DC  D N1    1 
ATOM   849 C  C2    . DC  D 4 7  ? 29.380  -5.489  -3.079  1.00 101.35 ? 16  DC  D C2    1 
ATOM   850 O  O2    . DC  D 4 7  ? 29.308  -6.009  -4.199  1.00 107.90 ? 16  DC  D O2    1 
ATOM   851 N  N3    . DC  D 4 7  ? 29.543  -4.152  -2.921  1.00 91.19  ? 16  DC  D N3    1 
ATOM   852 C  C4    . DC  D 4 7  ? 29.616  -3.630  -1.695  1.00 92.43  ? 16  DC  D C4    1 
ATOM   853 N  N4    . DC  D 4 7  ? 29.778  -2.306  -1.587  1.00 91.26  ? 16  DC  D N4    1 
ATOM   854 C  C5    . DC  D 4 7  ? 29.527  -4.442  -0.524  1.00 89.31  ? 16  DC  D C5    1 
ATOM   855 C  C6    . DC  D 4 7  ? 29.368  -5.759  -0.695  1.00 97.50  ? 16  DC  D C6    1 
HETATM 856 C  C1    . HT1 E 5 .  ? -23.686 6.060   8.840   1.00 83.86  ? 101 HT1 A C1    1 
HETATM 857 O  O1    . HT1 E 5 .  ? -24.729 6.883   8.393   1.00 90.67  ? 101 HT1 A O1    1 
HETATM 858 C  C2    . HT1 E 5 .  ? -22.961 6.381   9.981   1.00 88.71  ? 101 HT1 A C2    1 
HETATM 859 C  C3    . HT1 E 5 .  ? -21.923 5.560   10.410  1.00 87.00  ? 101 HT1 A C3    1 
HETATM 860 C  C4    . HT1 E 5 .  ? -21.635 4.412   9.690   1.00 82.42  ? 101 HT1 A C4    1 
HETATM 861 C  C5    . HT1 E 5 .  ? -22.351 4.102   8.546   1.00 85.52  ? 101 HT1 A C5    1 
HETATM 862 C  C6    . HT1 E 5 .  ? -23.380 4.919   8.123   1.00 84.00  ? 101 HT1 A C6    1 
HETATM 863 C  C7    . HT1 E 5 .  ? -20.610 3.543   10.027  1.00 75.64  ? 101 HT1 A C7    1 
HETATM 864 N  N1    . HT1 E 5 .  ? -19.954 2.668   9.257   1.00 77.21  ? 101 HT1 A N1    1 
HETATM 865 C  C8    . HT1 E 5 .  ? -19.050 2.058   10.003  1.00 75.75  ? 101 HT1 A C8    1 
HETATM 866 C  C9    . HT1 E 5 .  ? -19.124 2.545   11.265  1.00 75.54  ? 101 HT1 A C9    1 
HETATM 867 N  N2    . HT1 E 5 .  ? -20.098 3.475   11.277  1.00 74.91  ? 101 HT1 A N2    1 
HETATM 868 C  C10   . HT1 E 5 .  ? -18.243 2.034   12.248  1.00 72.43  ? 101 HT1 A C10   1 
HETATM 869 C  C11   . HT1 E 5 .  ? -17.316 1.047   11.921  1.00 71.30  ? 101 HT1 A C11   1 
HETATM 870 C  C12   . HT1 E 5 .  ? -17.272 0.568   10.624  1.00 65.85  ? 101 HT1 A C12   1 
HETATM 871 C  C13   . HT1 E 5 .  ? -18.122 1.070   9.670   1.00 69.28  ? 101 HT1 A C13   1 
HETATM 872 C  C14   . HT1 E 5 .  ? -16.305 -0.390  10.427  1.00 64.96  ? 101 HT1 A C14   1 
HETATM 873 N  N3    . HT1 E 5 .  ? -15.930 -1.012  9.302   1.00 73.34  ? 101 HT1 A N3    1 
HETATM 874 C  C15   . HT1 E 5 .  ? -14.945 -1.844  9.596   1.00 73.39  ? 101 HT1 A C15   1 
HETATM 875 C  C16   . HT1 E 5 .  ? -14.688 -1.737  10.923  1.00 68.23  ? 101 HT1 A C16   1 
HETATM 876 N  N4    . HT1 E 5 .  ? -15.532 -0.830  11.439  1.00 66.55  ? 101 HT1 A N4    1 
HETATM 877 C  C17   . HT1 E 5 .  ? -13.664 -2.532  11.477  1.00 63.95  ? 101 HT1 A C17   1 
HETATM 878 C  C18   . HT1 E 5 .  ? -12.942 -3.405  10.675  1.00 68.55  ? 101 HT1 A C18   1 
HETATM 879 C  C19   . HT1 E 5 .  ? -13.219 -3.497  9.324   1.00 67.67  ? 101 HT1 A C19   1 
HETATM 880 C  C20   . HT1 E 5 .  ? -14.217 -2.726  8.781   1.00 65.64  ? 101 HT1 A C20   1 
HETATM 881 N  N5    . HT1 E 5 .  ? -12.339 -4.473  8.715   1.00 82.54  ? 101 HT1 A N5    1 
HETATM 882 C  C21   . HT1 E 5 .  ? -12.968 -4.843  7.455   1.00 82.39  ? 101 HT1 A C21   1 
HETATM 883 C  C22   . HT1 E 5 .  ? -12.050 -5.610  6.511   1.00 84.00  ? 101 HT1 A C22   1 
HETATM 884 N  N6    . HT1 E 5 .  ? -10.787 -4.930  6.339   1.00 82.78  ? 101 HT1 A N6    1 
HETATM 885 C  C23   . HT1 E 5 .  ? -10.130 -4.760  7.621   1.00 78.55  ? 101 HT1 A C23   1 
HETATM 886 C  C24   . HT1 E 5 .  ? -10.998 -3.931  8.570   1.00 72.69  ? 101 HT1 A C24   1 
HETATM 887 C  C25   . HT1 E 5 .  ? -9.964  -5.686  5.415   1.00 81.03  ? 101 HT1 A C25   1 
HETATM 888 C  C26   . HT1 E 5 .  ? -24.899 6.877   7.001   1.00 91.71  ? 101 HT1 A C26   1 
HETATM 889 C  C27   . HT1 E 5 .  ? -26.234 6.222   6.634   1.00 94.59  ? 101 HT1 A C27   1 
HETATM 890 CO CO    . CO  F 6 .  ? -9.102  6.080   -0.129  1.00 113.09 ? 102 CO  A CO    1 
HETATM 891 C  C1    . HT1 G 5 .  ? 15.677  0.804   3.347   1.00 99.39  ? 101 HT1 D C1    1 
HETATM 892 O  O1    . HT1 G 5 .  ? 14.975  1.984   3.624   1.00 99.80  ? 101 HT1 D O1    1 
HETATM 893 C  C2    . HT1 G 5 .  ? 16.491  0.220   4.309   1.00 103.32 ? 101 HT1 D C2    1 
HETATM 894 C  C3    . HT1 G 5 .  ? 17.186  -0.948  4.024   1.00 104.51 ? 101 HT1 D C3    1 
HETATM 895 C  C4    . HT1 G 5 .  ? 17.041  -1.533  2.777   1.00 103.65 ? 101 HT1 D C4    1 
HETATM 896 C  C5    . HT1 G 5 .  ? 16.243  -0.938  1.814   1.00 99.21  ? 101 HT1 D C5    1 
HETATM 897 C  C6    . HT1 G 5 .  ? 15.552  0.225   2.097   1.00 92.26  ? 101 HT1 D C6    1 
HETATM 898 C  C7    . HT1 G 5 .  ? 17.721  -2.682  2.402   1.00 104.10 ? 101 HT1 D C7    1 
HETATM 899 N  N1    . HT1 G 5 .  ? 18.436  -2.891  1.297   1.00 104.44 ? 101 HT1 D N1    1 
HETATM 900 C  C8    . HT1 G 5 .  ? 18.909  -4.122  1.336   1.00 105.83 ? 101 HT1 D C8    1 
HETATM 901 C  C9    . HT1 G 5 .  ? 18.499  -4.723  2.477   1.00 105.50 ? 101 HT1 D C9    1 
HETATM 902 N  N2    . HT1 G 5 .  ? 17.750  -3.818  3.145   1.00 106.48 ? 101 HT1 D N2    1 
HETATM 903 C  C10   . HT1 G 5 .  ? 18.904  -6.064  2.713   1.00 104.38 ? 101 HT1 D C10   1 
HETATM 904 C  C11   . HT1 G 5 .  ? 19.705  -6.747  1.791   1.00 107.87 ? 101 HT1 D C11   1 
HETATM 905 C  C12   . HT1 G 5 .  ? 20.102  -6.094  0.633   1.00 107.56 ? 101 HT1 D C12   1 
HETATM 906 C  C13   . HT1 G 5 .  ? 19.706  -4.800  0.416   1.00 104.67 ? 101 HT1 D C13   1 
HETATM 907 C  C14   . HT1 G 5 .  ? 20.896  -6.811  -0.240  1.00 105.18 ? 101 HT1 D C14   1 
HETATM 908 N  N3    . HT1 G 5 .  ? 21.714  -6.344  -1.191  1.00 103.73 ? 101 HT1 D N3    1 
HETATM 909 C  C15   . HT1 G 5 .  ? 22.264  -7.369  -1.813  1.00 110.58 ? 101 HT1 D C15   1 
HETATM 910 C  C16   . HT1 G 5 .  ? 21.785  -8.510  -1.258  1.00 112.18 ? 101 HT1 D C16   1 
HETATM 911 N  N4    . HT1 G 5 .  ? 20.925  -8.161  -0.280  1.00 107.07 ? 101 HT1 D N4    1 
HETATM 912 C  C17   . HT1 G 5 .  ? 22.242  -9.748  -1.768  1.00 108.06 ? 101 HT1 D C17   1 
HETATM 913 C  C18   . HT1 G 5 .  ? 23.159  -9.783  -2.815  1.00 104.35 ? 101 HT1 D C18   1 
HETATM 914 C  C19   . HT1 G 5 .  ? 23.631  -8.602  -3.367  1.00 106.75 ? 101 HT1 D C19   1 
HETATM 915 C  C20   . HT1 G 5 .  ? 23.187  -7.399  -2.868  1.00 110.69 ? 101 HT1 D C20   1 
HETATM 916 N  N5    . HT1 G 5 .  ? 24.573  -8.880  -4.435  1.00 112.96 ? 101 HT1 D N5    1 
HETATM 917 C  C21   . HT1 G 5 .  ? 25.017  -7.600  -4.966  1.00 105.26 ? 101 HT1 D C21   1 
HETATM 918 C  C22   . HT1 G 5 .  ? 25.962  -7.740  -6.155  1.00 112.75 ? 101 HT1 D C22   1 
HETATM 919 N  N6    . HT1 G 5 .  ? 26.150  -9.130  -6.522  1.00 115.34 ? 101 HT1 D N6    1 
HETATM 920 C  C23   . HT1 G 5 .  ? 24.876  -9.807  -6.706  1.00 110.69 ? 101 HT1 D C23   1 
HETATM 921 C  C24   . HT1 G 5 .  ? 23.992  -9.733  -5.459  1.00 113.48 ? 101 HT1 D C24   1 
HETATM 922 C  C25   . HT1 G 5 .  ? 26.930  -9.197  -7.745  1.00 112.17 ? 101 HT1 D C25   1 
HETATM 923 C  C26   . HT1 G 5 .  ? 14.866  2.841   2.521   1.00 90.32  ? 101 HT1 D C26   1 
HETATM 924 C  C27   . HT1 G 5 .  ? 13.486  3.495   2.518   1.00 93.93  ? 101 HT1 D C27   1 
HETATM 925 CO CO    . CO  H 6 .  ? 9.496   -1.064  -8.449  1.00 98.91  ? 102 CO  D CO    1 
HETATM 926 O  O     . HOH I 7 .  ? 36.583  4.086   -7.255  1.00 80.67  ? 201 HOH A O     1 
HETATM 927 O  O     . HOH J 7 .  ? -4.548  1.370   -7.540  1.00 75.68  ? 101 HOH B O     1 
HETATM 928 O  O     . HOH J 7 .  ? -1.082  0.722   5.198   1.00 87.45  ? 102 HOH B O     1 
HETATM 929 O  O     . HOH K 7 .  ? -33.885 -0.728  -0.932  1.00 95.95  ? 101 HOH C O     1 
# 
loop_
_pdbx_poly_seq_scheme.asym_id 
_pdbx_poly_seq_scheme.entity_id 
_pdbx_poly_seq_scheme.seq_id 
_pdbx_poly_seq_scheme.mon_id 
_pdbx_poly_seq_scheme.ndb_seq_num 
_pdbx_poly_seq_scheme.pdb_seq_num 
_pdbx_poly_seq_scheme.auth_seq_num 
_pdbx_poly_seq_scheme.pdb_mon_id 
_pdbx_poly_seq_scheme.auth_mon_id 
_pdbx_poly_seq_scheme.pdb_strand_id 
_pdbx_poly_seq_scheme.pdb_ins_code 
_pdbx_poly_seq_scheme.hetero 
A 1 1  DG 1  1  1  DG DG A . n 
A 1 2  DA 2  2  2  DA DA A . n 
A 1 3  DG 3  3  3  DG DG A . n 
A 1 4  DA 4  4  4  DA DA A . n 
A 1 5  DA 5  5  5  DA DA A . n 
A 1 6  DT 6  6  6  DT DT A . n 
A 1 7  DT 7  7  7  DT DT A . n 
A 1 8  DC 8  8  8  DC DC A . n 
A 1 9  DC 9  9  9  DC DC A . n 
A 1 10 DT 10 10 10 DT DT A . n 
A 1 11 DG 11 11 11 DG DG A . n 
A 1 12 DA 12 12 12 DA DA A . n 
A 1 13 DC 13 13 13 DC DC A . n 
A 1 14 DG 14 14 14 DG DG A . n 
A 1 15 DG 15 15 15 DG DG A . n 
A 1 16 DA 16 16 16 DA DA A . n 
A 1 17 DA 17 17 17 DA DA A . n 
A 1 18 DA 18 18 18 DA DA A . n 
A 1 19 DT 19 19 19 DT DT A . n 
A 1 20 DT 20 20 20 DT DT A . n 
A 1 21 DA 21 21 21 DA DA A . n 
B 2 1  DC 1  0  0  DC DC B . n 
B 2 2  DC 2  1  1  DC DC B . n 
B 2 3  DG 3  2  2  DG DG B . n 
B 2 4  DT 4  3  3  DT DT B . n 
B 2 5  DC 5  4  4  DC DC B . n 
B 2 6  DA 6  5  5  DA DA B . n 
C 3 1  DT 1  1  1  DT DT C . n 
C 3 2  DC 2  2  2  DC DC C . n 
C 3 3  DT 3  3  3  DT DT C . n 
C 3 4  DA 4  4  4  DA DA C . n 
C 3 5  DA 5  5  5  DA DA C . n 
C 3 6  DT 6  6  6  DT DT C . n 
C 3 7  DT 7  7  7  DT DT C . n 
C 3 8  DT 8  8  8  DT DT C . n 
D 4 1  DG 1  10 10 DG DG D . n 
D 4 2  DG 2  11 11 DG DG D . n 
D 4 3  DA 3  12 12 DA DA D . n 
D 4 4  DA 4  13 13 DA DA D . n 
D 4 5  DT 5  14 14 DT DT D . n 
D 4 6  DT 6  15 15 DT DT D . n 
D 4 7  DC 7  16 16 DC DC D . n 
# 
_pdbx_contact_author.id                 2 
_pdbx_contact_author.email              hao.yan@asu.edu 
_pdbx_contact_author.name_first         Hao 
_pdbx_contact_author.name_last          Yan 
_pdbx_contact_author.name_mi            ? 
_pdbx_contact_author.role               'principal investigator/group leader' 
_pdbx_contact_author.identifier_ORCID   0000-0001-7397-9852 
# 
loop_
_pdbx_nonpoly_scheme.asym_id 
_pdbx_nonpoly_scheme.entity_id 
_pdbx_nonpoly_scheme.mon_id 
_pdbx_nonpoly_scheme.ndb_seq_num 
_pdbx_nonpoly_scheme.pdb_seq_num 
_pdbx_nonpoly_scheme.auth_seq_num 
_pdbx_nonpoly_scheme.pdb_mon_id 
_pdbx_nonpoly_scheme.auth_mon_id 
_pdbx_nonpoly_scheme.pdb_strand_id 
_pdbx_nonpoly_scheme.pdb_ins_code 
E 5 HT1 1 101 1 HT1 HT1 A . 
F 6 CO  1 102 2 CO  CO  A . 
G 5 HT1 1 101 2 HT1 HT1 D . 
H 6 CO  1 102 3 CO  CO  D . 
I 7 HOH 1 201 3 HOH HOH A . 
J 7 HOH 1 101 2 HOH HOH B . 
J 7 HOH 2 102 1 HOH HOH B . 
K 7 HOH 1 101 4 HOH HOH C . 
# 
_pdbx_struct_assembly.id                   1 
_pdbx_struct_assembly.details              author_defined_assembly 
_pdbx_struct_assembly.method_details       ? 
_pdbx_struct_assembly.oligomeric_details   tetrameric 
_pdbx_struct_assembly.oligomeric_count     4 
# 
_pdbx_struct_assembly_gen.assembly_id       1 
_pdbx_struct_assembly_gen.oper_expression   1 
_pdbx_struct_assembly_gen.asym_id_list      A,B,C,D,E,F,G,H,I,J,K 
# 
_pdbx_struct_oper_list.id                   1 
_pdbx_struct_oper_list.type                 'identity operation' 
_pdbx_struct_oper_list.name                 1_555 
_pdbx_struct_oper_list.symmetry_operation   x,y,z 
_pdbx_struct_oper_list.matrix[1][1]         1.0000000000 
_pdbx_struct_oper_list.matrix[1][2]         0.0000000000 
_pdbx_struct_oper_list.matrix[1][3]         0.0000000000 
_pdbx_struct_oper_list.vector[1]            0.0000000000 
_pdbx_struct_oper_list.matrix[2][1]         0.0000000000 
_pdbx_struct_oper_list.matrix[2][2]         1.0000000000 
_pdbx_struct_oper_list.matrix[2][3]         0.0000000000 
_pdbx_struct_oper_list.vector[2]            0.0000000000 
_pdbx_struct_oper_list.matrix[3][1]         0.0000000000 
_pdbx_struct_oper_list.matrix[3][2]         0.0000000000 
_pdbx_struct_oper_list.matrix[3][3]         1.0000000000 
_pdbx_struct_oper_list.vector[3]            0.0000000000 
# 
_pdbx_audit_revision_history.ordinal             1 
_pdbx_audit_revision_history.data_content_type   'Structure model' 
_pdbx_audit_revision_history.major_revision      1 
_pdbx_audit_revision_history.minor_revision      0 
_pdbx_audit_revision_history.revision_date       2023-12-20 
# 
_pdbx_audit_revision_details.ordinal             1 
_pdbx_audit_revision_details.revision_ordinal    1 
_pdbx_audit_revision_details.data_content_type   'Structure model' 
_pdbx_audit_revision_details.provider            repository 
_pdbx_audit_revision_details.type                'Initial release' 
_pdbx_audit_revision_details.description         ? 
_pdbx_audit_revision_details.details             ? 
# 
loop_
_software.citation_id 
_software.classification 
_software.compiler_name 
_software.compiler_version 
_software.contact_author 
_software.contact_author_email 
_software.date 
_software.description 
_software.dependencies 
_software.hardware 
_software.language 
_software.location 
_software.mods 
_software.name 
_software.os 
_software.os_version 
_software.type 
_software.version 
_software.pdbx_ordinal 
? refinement       ? ? ? ? ? ? ? ? ? ? ? PHENIX   ? ? ? '(1.19.2_4158: ???)' 1 
? 'data scaling'   ? ? ? ? ? ? ? ? ? ? ? HKL-2000 ? ? ? .                    2 
? 'data reduction' ? ? ? ? ? ? ? ? ? ? ? HKL-2000 ? ? ? .                    3 
? phasing          ? ? ? ? ? ? ? ? ? ? ? PHASER   ? ? ? .                    4 
# 
_pdbx_entry_details.entry_id                 8TAM 
_pdbx_entry_details.has_ligand_of_interest   N 
_pdbx_entry_details.compound_details         ? 
_pdbx_entry_details.source_details           ? 
_pdbx_entry_details.nonpolymer_details       ? 
_pdbx_entry_details.sequence_details         ? 
# 
_pdbx_validate_rmsd_angle.id                         1 
_pdbx_validate_rmsd_angle.PDB_model_num              1 
_pdbx_validate_rmsd_angle.auth_atom_id_1             "O4'" 
_pdbx_validate_rmsd_angle.auth_asym_id_1             A 
_pdbx_validate_rmsd_angle.auth_comp_id_1             DG 
_pdbx_validate_rmsd_angle.auth_seq_id_1              11 
_pdbx_validate_rmsd_angle.PDB_ins_code_1             ? 
_pdbx_validate_rmsd_angle.label_alt_id_1             ? 
_pdbx_validate_rmsd_angle.auth_atom_id_2             "C1'" 
_pdbx_validate_rmsd_angle.auth_asym_id_2             A 
_pdbx_validate_rmsd_angle.auth_comp_id_2             DG 
_pdbx_validate_rmsd_angle.auth_seq_id_2              11 
_pdbx_validate_rmsd_angle.PDB_ins_code_2             ? 
_pdbx_validate_rmsd_angle.label_alt_id_2             ? 
_pdbx_validate_rmsd_angle.auth_atom_id_3             N9 
_pdbx_validate_rmsd_angle.auth_asym_id_3             A 
_pdbx_validate_rmsd_angle.auth_comp_id_3             DG 
_pdbx_validate_rmsd_angle.auth_seq_id_3              11 
_pdbx_validate_rmsd_angle.PDB_ins_code_3             ? 
_pdbx_validate_rmsd_angle.label_alt_id_3             ? 
_pdbx_validate_rmsd_angle.angle_value                110.71 
_pdbx_validate_rmsd_angle.angle_target_value         108.30 
_pdbx_validate_rmsd_angle.angle_deviation            2.41 
_pdbx_validate_rmsd_angle.angle_standard_deviation   0.30 
_pdbx_validate_rmsd_angle.linker_flag                N 
# 
loop_
_chem_comp_atom.comp_id 
_chem_comp_atom.atom_id 
_chem_comp_atom.type_symbol 
_chem_comp_atom.pdbx_aromatic_flag 
_chem_comp_atom.pdbx_stereo_config 
_chem_comp_atom.pdbx_ordinal 
CO  CO     CO N N 1   
DA  OP3    O  N N 2   
DA  P      P  N N 3   
DA  OP1    O  N N 4   
DA  OP2    O  N N 5   
DA  "O5'"  O  N N 6   
DA  "C5'"  C  N N 7   
DA  "C4'"  C  N R 8   
DA  "O4'"  O  N N 9   
DA  "C3'"  C  N S 10  
DA  "O3'"  O  N N 11  
DA  "C2'"  C  N N 12  
DA  "C1'"  C  N R 13  
DA  N9     N  Y N 14  
DA  C8     C  Y N 15  
DA  N7     N  Y N 16  
DA  C5     C  Y N 17  
DA  C6     C  Y N 18  
DA  N6     N  N N 19  
DA  N1     N  Y N 20  
DA  C2     C  Y N 21  
DA  N3     N  Y N 22  
DA  C4     C  Y N 23  
DA  HOP3   H  N N 24  
DA  HOP2   H  N N 25  
DA  "H5'"  H  N N 26  
DA  "H5''" H  N N 27  
DA  "H4'"  H  N N 28  
DA  "H3'"  H  N N 29  
DA  "HO3'" H  N N 30  
DA  "H2'"  H  N N 31  
DA  "H2''" H  N N 32  
DA  "H1'"  H  N N 33  
DA  H8     H  N N 34  
DA  H61    H  N N 35  
DA  H62    H  N N 36  
DA  H2     H  N N 37  
DC  OP3    O  N N 38  
DC  P      P  N N 39  
DC  OP1    O  N N 40  
DC  OP2    O  N N 41  
DC  "O5'"  O  N N 42  
DC  "C5'"  C  N N 43  
DC  "C4'"  C  N R 44  
DC  "O4'"  O  N N 45  
DC  "C3'"  C  N S 46  
DC  "O3'"  O  N N 47  
DC  "C2'"  C  N N 48  
DC  "C1'"  C  N R 49  
DC  N1     N  N N 50  
DC  C2     C  N N 51  
DC  O2     O  N N 52  
DC  N3     N  N N 53  
DC  C4     C  N N 54  
DC  N4     N  N N 55  
DC  C5     C  N N 56  
DC  C6     C  N N 57  
DC  HOP3   H  N N 58  
DC  HOP2   H  N N 59  
DC  "H5'"  H  N N 60  
DC  "H5''" H  N N 61  
DC  "H4'"  H  N N 62  
DC  "H3'"  H  N N 63  
DC  "HO3'" H  N N 64  
DC  "H2'"  H  N N 65  
DC  "H2''" H  N N 66  
DC  "H1'"  H  N N 67  
DC  H41    H  N N 68  
DC  H42    H  N N 69  
DC  H5     H  N N 70  
DC  H6     H  N N 71  
DG  OP3    O  N N 72  
DG  P      P  N N 73  
DG  OP1    O  N N 74  
DG  OP2    O  N N 75  
DG  "O5'"  O  N N 76  
DG  "C5'"  C  N N 77  
DG  "C4'"  C  N R 78  
DG  "O4'"  O  N N 79  
DG  "C3'"  C  N S 80  
DG  "O3'"  O  N N 81  
DG  "C2'"  C  N N 82  
DG  "C1'"  C  N R 83  
DG  N9     N  Y N 84  
DG  C8     C  Y N 85  
DG  N7     N  Y N 86  
DG  C5     C  Y N 87  
DG  C6     C  N N 88  
DG  O6     O  N N 89  
DG  N1     N  N N 90  
DG  C2     C  N N 91  
DG  N2     N  N N 92  
DG  N3     N  N N 93  
DG  C4     C  Y N 94  
DG  HOP3   H  N N 95  
DG  HOP2   H  N N 96  
DG  "H5'"  H  N N 97  
DG  "H5''" H  N N 98  
DG  "H4'"  H  N N 99  
DG  "H3'"  H  N N 100 
DG  "HO3'" H  N N 101 
DG  "H2'"  H  N N 102 
DG  "H2''" H  N N 103 
DG  "H1'"  H  N N 104 
DG  H8     H  N N 105 
DG  H1     H  N N 106 
DG  H21    H  N N 107 
DG  H22    H  N N 108 
DT  OP3    O  N N 109 
DT  P      P  N N 110 
DT  OP1    O  N N 111 
DT  OP2    O  N N 112 
DT  "O5'"  O  N N 113 
DT  "C5'"  C  N N 114 
DT  "C4'"  C  N R 115 
DT  "O4'"  O  N N 116 
DT  "C3'"  C  N S 117 
DT  "O3'"  O  N N 118 
DT  "C2'"  C  N N 119 
DT  "C1'"  C  N R 120 
DT  N1     N  N N 121 
DT  C2     C  N N 122 
DT  O2     O  N N 123 
DT  N3     N  N N 124 
DT  C4     C  N N 125 
DT  O4     O  N N 126 
DT  C5     C  N N 127 
DT  C7     C  N N 128 
DT  C6     C  N N 129 
DT  HOP3   H  N N 130 
DT  HOP2   H  N N 131 
DT  "H5'"  H  N N 132 
DT  "H5''" H  N N 133 
DT  "H4'"  H  N N 134 
DT  "H3'"  H  N N 135 
DT  "HO3'" H  N N 136 
DT  "H2'"  H  N N 137 
DT  "H2''" H  N N 138 
DT  "H1'"  H  N N 139 
DT  H3     H  N N 140 
DT  H71    H  N N 141 
DT  H72    H  N N 142 
DT  H73    H  N N 143 
DT  H6     H  N N 144 
HOH O      O  N N 145 
HOH H1     H  N N 146 
HOH H2     H  N N 147 
HT1 C1     C  Y N 148 
HT1 O1     O  N N 149 
HT1 C2     C  Y N 150 
HT1 C3     C  Y N 151 
HT1 C4     C  Y N 152 
HT1 C5     C  Y N 153 
HT1 C6     C  Y N 154 
HT1 C7     C  Y N 155 
HT1 N1     N  Y N 156 
HT1 C8     C  Y N 157 
HT1 C9     C  Y N 158 
HT1 N2     N  Y N 159 
HT1 C10    C  Y N 160 
HT1 C11    C  Y N 161 
HT1 C12    C  Y N 162 
HT1 C13    C  Y N 163 
HT1 C14    C  Y N 164 
HT1 N3     N  Y N 165 
HT1 C15    C  Y N 166 
HT1 C16    C  Y N 167 
HT1 N4     N  Y N 168 
HT1 C17    C  Y N 169 
HT1 C18    C  Y N 170 
HT1 C19    C  Y N 171 
HT1 C20    C  Y N 172 
HT1 N5     N  N N 173 
HT1 C21    C  N N 174 
HT1 C22    C  N N 175 
HT1 N6     N  N N 176 
HT1 C23    C  N N 177 
HT1 C24    C  N N 178 
HT1 C25    C  N N 179 
HT1 C26    C  N N 180 
HT1 C27    C  N N 181 
HT1 H2     H  N N 182 
HT1 H3     H  N N 183 
HT1 H5     H  N N 184 
HT1 H6     H  N N 185 
HT1 HN1    H  N N 186 
HT1 H10    H  N N 187 
HT1 H11    H  N N 188 
HT1 H13    H  N N 189 
HT1 HN3    H  N N 190 
HT1 H17    H  N N 191 
HT1 H18    H  N N 192 
HT1 H20    H  N N 193 
HT1 H211   H  N N 194 
HT1 H212   H  N N 195 
HT1 H221   H  N N 196 
HT1 H222   H  N N 197 
HT1 H231   H  N N 198 
HT1 H232   H  N N 199 
HT1 H241   H  N N 200 
HT1 H242   H  N N 201 
HT1 H251   H  N N 202 
HT1 H252   H  N N 203 
HT1 H253   H  N N 204 
HT1 H261   H  N N 205 
HT1 H262   H  N N 206 
HT1 H271   H  N N 207 
HT1 H272   H  N N 208 
HT1 H273   H  N N 209 
# 
loop_
_chem_comp_bond.comp_id 
_chem_comp_bond.atom_id_1 
_chem_comp_bond.atom_id_2 
_chem_comp_bond.value_order 
_chem_comp_bond.pdbx_aromatic_flag 
_chem_comp_bond.pdbx_stereo_config 
_chem_comp_bond.pdbx_ordinal 
DA  OP3   P      sing N N 1   
DA  OP3   HOP3   sing N N 2   
DA  P     OP1    doub N N 3   
DA  P     OP2    sing N N 4   
DA  P     "O5'"  sing N N 5   
DA  OP2   HOP2   sing N N 6   
DA  "O5'" "C5'"  sing N N 7   
DA  "C5'" "C4'"  sing N N 8   
DA  "C5'" "H5'"  sing N N 9   
DA  "C5'" "H5''" sing N N 10  
DA  "C4'" "O4'"  sing N N 11  
DA  "C4'" "C3'"  sing N N 12  
DA  "C4'" "H4'"  sing N N 13  
DA  "O4'" "C1'"  sing N N 14  
DA  "C3'" "O3'"  sing N N 15  
DA  "C3'" "C2'"  sing N N 16  
DA  "C3'" "H3'"  sing N N 17  
DA  "O3'" "HO3'" sing N N 18  
DA  "C2'" "C1'"  sing N N 19  
DA  "C2'" "H2'"  sing N N 20  
DA  "C2'" "H2''" sing N N 21  
DA  "C1'" N9     sing N N 22  
DA  "C1'" "H1'"  sing N N 23  
DA  N9    C8     sing Y N 24  
DA  N9    C4     sing Y N 25  
DA  C8    N7     doub Y N 26  
DA  C8    H8     sing N N 27  
DA  N7    C5     sing Y N 28  
DA  C5    C6     sing Y N 29  
DA  C5    C4     doub Y N 30  
DA  C6    N6     sing N N 31  
DA  C6    N1     doub Y N 32  
DA  N6    H61    sing N N 33  
DA  N6    H62    sing N N 34  
DA  N1    C2     sing Y N 35  
DA  C2    N3     doub Y N 36  
DA  C2    H2     sing N N 37  
DA  N3    C4     sing Y N 38  
DC  OP3   P      sing N N 39  
DC  OP3   HOP3   sing N N 40  
DC  P     OP1    doub N N 41  
DC  P     OP2    sing N N 42  
DC  P     "O5'"  sing N N 43  
DC  OP2   HOP2   sing N N 44  
DC  "O5'" "C5'"  sing N N 45  
DC  "C5'" "C4'"  sing N N 46  
DC  "C5'" "H5'"  sing N N 47  
DC  "C5'" "H5''" sing N N 48  
DC  "C4'" "O4'"  sing N N 49  
DC  "C4'" "C3'"  sing N N 50  
DC  "C4'" "H4'"  sing N N 51  
DC  "O4'" "C1'"  sing N N 52  
DC  "C3'" "O3'"  sing N N 53  
DC  "C3'" "C2'"  sing N N 54  
DC  "C3'" "H3'"  sing N N 55  
DC  "O3'" "HO3'" sing N N 56  
DC  "C2'" "C1'"  sing N N 57  
DC  "C2'" "H2'"  sing N N 58  
DC  "C2'" "H2''" sing N N 59  
DC  "C1'" N1     sing N N 60  
DC  "C1'" "H1'"  sing N N 61  
DC  N1    C2     sing N N 62  
DC  N1    C6     sing N N 63  
DC  C2    O2     doub N N 64  
DC  C2    N3     sing N N 65  
DC  N3    C4     doub N N 66  
DC  C4    N4     sing N N 67  
DC  C4    C5     sing N N 68  
DC  N4    H41    sing N N 69  
DC  N4    H42    sing N N 70  
DC  C5    C6     doub N N 71  
DC  C5    H5     sing N N 72  
DC  C6    H6     sing N N 73  
DG  OP3   P      sing N N 74  
DG  OP3   HOP3   sing N N 75  
DG  P     OP1    doub N N 76  
DG  P     OP2    sing N N 77  
DG  P     "O5'"  sing N N 78  
DG  OP2   HOP2   sing N N 79  
DG  "O5'" "C5'"  sing N N 80  
DG  "C5'" "C4'"  sing N N 81  
DG  "C5'" "H5'"  sing N N 82  
DG  "C5'" "H5''" sing N N 83  
DG  "C4'" "O4'"  sing N N 84  
DG  "C4'" "C3'"  sing N N 85  
DG  "C4'" "H4'"  sing N N 86  
DG  "O4'" "C1'"  sing N N 87  
DG  "C3'" "O3'"  sing N N 88  
DG  "C3'" "C2'"  sing N N 89  
DG  "C3'" "H3'"  sing N N 90  
DG  "O3'" "HO3'" sing N N 91  
DG  "C2'" "C1'"  sing N N 92  
DG  "C2'" "H2'"  sing N N 93  
DG  "C2'" "H2''" sing N N 94  
DG  "C1'" N9     sing N N 95  
DG  "C1'" "H1'"  sing N N 96  
DG  N9    C8     sing Y N 97  
DG  N9    C4     sing Y N 98  
DG  C8    N7     doub Y N 99  
DG  C8    H8     sing N N 100 
DG  N7    C5     sing Y N 101 
DG  C5    C6     sing N N 102 
DG  C5    C4     doub Y N 103 
DG  C6    O6     doub N N 104 
DG  C6    N1     sing N N 105 
DG  N1    C2     sing N N 106 
DG  N1    H1     sing N N 107 
DG  C2    N2     sing N N 108 
DG  C2    N3     doub N N 109 
DG  N2    H21    sing N N 110 
DG  N2    H22    sing N N 111 
DG  N3    C4     sing N N 112 
DT  OP3   P      sing N N 113 
DT  OP3   HOP3   sing N N 114 
DT  P     OP1    doub N N 115 
DT  P     OP2    sing N N 116 
DT  P     "O5'"  sing N N 117 
DT  OP2   HOP2   sing N N 118 
DT  "O5'" "C5'"  sing N N 119 
DT  "C5'" "C4'"  sing N N 120 
DT  "C5'" "H5'"  sing N N 121 
DT  "C5'" "H5''" sing N N 122 
DT  "C4'" "O4'"  sing N N 123 
DT  "C4'" "C3'"  sing N N 124 
DT  "C4'" "H4'"  sing N N 125 
DT  "O4'" "C1'"  sing N N 126 
DT  "C3'" "O3'"  sing N N 127 
DT  "C3'" "C2'"  sing N N 128 
DT  "C3'" "H3'"  sing N N 129 
DT  "O3'" "HO3'" sing N N 130 
DT  "C2'" "C1'"  sing N N 131 
DT  "C2'" "H2'"  sing N N 132 
DT  "C2'" "H2''" sing N N 133 
DT  "C1'" N1     sing N N 134 
DT  "C1'" "H1'"  sing N N 135 
DT  N1    C2     sing N N 136 
DT  N1    C6     sing N N 137 
DT  C2    O2     doub N N 138 
DT  C2    N3     sing N N 139 
DT  N3    C4     sing N N 140 
DT  N3    H3     sing N N 141 
DT  C4    O4     doub N N 142 
DT  C4    C5     sing N N 143 
DT  C5    C7     sing N N 144 
DT  C5    C6     doub N N 145 
DT  C7    H71    sing N N 146 
DT  C7    H72    sing N N 147 
DT  C7    H73    sing N N 148 
DT  C6    H6     sing N N 149 
HOH O     H1     sing N N 150 
HOH O     H2     sing N N 151 
HT1 C1    O1     sing N N 152 
HT1 C1    C2     doub Y N 153 
HT1 C1    C6     sing Y N 154 
HT1 O1    C26    sing N N 155 
HT1 C2    C3     sing Y N 156 
HT1 C2    H2     sing N N 157 
HT1 C3    C4     doub Y N 158 
HT1 C3    H3     sing N N 159 
HT1 C4    C5     sing Y N 160 
HT1 C4    C7     sing Y N 161 
HT1 C5    C6     doub Y N 162 
HT1 C5    H5     sing N N 163 
HT1 C6    H6     sing N N 164 
HT1 C7    N1     sing Y N 165 
HT1 C7    N2     doub Y N 166 
HT1 N1    C8     sing Y N 167 
HT1 N1    HN1    sing N N 168 
HT1 C8    C9     doub Y N 169 
HT1 C8    C13    sing Y N 170 
HT1 C9    N2     sing Y N 171 
HT1 C9    C10    sing Y N 172 
HT1 C10   C11    doub Y N 173 
HT1 C10   H10    sing N N 174 
HT1 C11   C12    sing Y N 175 
HT1 C11   H11    sing N N 176 
HT1 C12   C13    doub Y N 177 
HT1 C12   C14    sing Y N 178 
HT1 C13   H13    sing N N 179 
HT1 C14   N3     sing Y N 180 
HT1 C14   N4     doub Y N 181 
HT1 N3    C15    sing Y N 182 
HT1 N3    HN3    sing N N 183 
HT1 C15   C16    doub Y N 184 
HT1 C15   C20    sing Y N 185 
HT1 C16   N4     sing Y N 186 
HT1 C16   C17    sing Y N 187 
HT1 C17   C18    doub Y N 188 
HT1 C17   H17    sing N N 189 
HT1 C18   C19    sing Y N 190 
HT1 C18   H18    sing N N 191 
HT1 C19   C20    doub Y N 192 
HT1 C19   N5     sing N N 193 
HT1 C20   H20    sing N N 194 
HT1 N5    C21    sing N N 195 
HT1 N5    C24    sing N N 196 
HT1 C21   C22    sing N N 197 
HT1 C21   H211   sing N N 198 
HT1 C21   H212   sing N N 199 
HT1 C22   N6     sing N N 200 
HT1 C22   H221   sing N N 201 
HT1 C22   H222   sing N N 202 
HT1 N6    C23    sing N N 203 
HT1 N6    C25    sing N N 204 
HT1 C23   C24    sing N N 205 
HT1 C23   H231   sing N N 206 
HT1 C23   H232   sing N N 207 
HT1 C24   H241   sing N N 208 
HT1 C24   H242   sing N N 209 
HT1 C25   H251   sing N N 210 
HT1 C25   H252   sing N N 211 
HT1 C25   H253   sing N N 212 
HT1 C26   C27    sing N N 213 
HT1 C26   H261   sing N N 214 
HT1 C26   H262   sing N N 215 
HT1 C27   H271   sing N N 216 
HT1 C27   H272   sing N N 217 
HT1 C27   H273   sing N N 218 
# 
loop_
_ndb_struct_conf_na.entry_id 
_ndb_struct_conf_na.feature 
8TAM 'double helix'        
8TAM 'b-form double helix' 
# 
loop_
_ndb_struct_na_base_pair.model_number 
_ndb_struct_na_base_pair.i_label_asym_id 
_ndb_struct_na_base_pair.i_label_comp_id 
_ndb_struct_na_base_pair.i_label_seq_id 
_ndb_struct_na_base_pair.i_symmetry 
_ndb_struct_na_base_pair.j_label_asym_id 
_ndb_struct_na_base_pair.j_label_comp_id 
_ndb_struct_na_base_pair.j_label_seq_id 
_ndb_struct_na_base_pair.j_symmetry 
_ndb_struct_na_base_pair.shear 
_ndb_struct_na_base_pair.stretch 
_ndb_struct_na_base_pair.stagger 
_ndb_struct_na_base_pair.buckle 
_ndb_struct_na_base_pair.propeller 
_ndb_struct_na_base_pair.opening 
_ndb_struct_na_base_pair.pair_number 
_ndb_struct_na_base_pair.pair_name 
_ndb_struct_na_base_pair.i_auth_asym_id 
_ndb_struct_na_base_pair.i_auth_seq_id 
_ndb_struct_na_base_pair.i_PDB_ins_code 
_ndb_struct_na_base_pair.j_auth_asym_id 
_ndb_struct_na_base_pair.j_auth_seq_id 
_ndb_struct_na_base_pair.j_PDB_ins_code 
_ndb_struct_na_base_pair.hbond_type_28 
_ndb_struct_na_base_pair.hbond_type_12 
1 A DG 3  1_555 D DC 7 1_555 1.143  0.021  0.343  17.083 -6.466  -3.650  1  A_DG3:DC16_D A 3  ? D 16 ? 19 1 
1 A DA 4  1_555 D DT 6 1_555 0.381  0.441  0.289  15.517 -15.966 -0.509  2  A_DA4:DT15_D A 4  ? D 15 ? 20 1 
1 A DA 5  1_555 D DT 5 1_555 0.844  -0.160 -0.097 11.629 -23.570 1.089   3  A_DA5:DT14_D A 5  ? D 14 ? 20 1 
1 A DT 6  1_555 D DA 4 1_555 -0.732 -0.304 -0.191 5.331  -28.142 -13.801 4  A_DT6:DA13_D A 6  ? D 13 ? 20 1 
1 A DT 7  1_555 D DA 3 1_555 -0.160 -0.412 0.272  -6.682 -20.930 4.249   5  A_DT7:DA12_D A 7  ? D 12 ? 20 1 
1 A DC 8  1_555 D DG 2 1_555 -0.323 -0.413 0.032  0.430  -11.498 -3.919  6  A_DC8:DG11_D A 8  ? D 11 ? 19 1 
1 A DC 9  1_555 D DG 1 1_555 -0.199 0.085  -0.259 1.026  -6.805  0.566   7  A_DC9:DG10_D A 9  ? D 10 ? 19 1 
1 A DT 10 1_555 B DA 6 1_555 -0.829 -0.244 -0.036 -3.473 -3.657  4.695   8  A_DT10:DA5_B A 10 ? B 5  ? 20 1 
1 A DG 11 1_555 B DC 5 1_555 -0.321 -0.467 0.091  6.294  -4.092  2.220   9  A_DG11:DC4_B A 11 ? B 4  ? 19 1 
1 A DA 12 1_555 B DT 4 1_555 0.644  0.033  0.504  1.113  -14.762 -4.070  10 A_DA12:DT3_B A 12 ? B 3  ? 20 1 
1 A DC 13 1_555 B DG 3 1_555 -0.051 -0.311 0.323  -2.478 -12.949 -4.827  11 A_DC13:DG2_B A 13 ? B 2  ? 19 1 
1 A DG 14 1_555 B DC 2 1_555 -0.345 -0.416 0.335  0.030  -0.574  -1.459  12 A_DG14:DC1_B A 14 ? B 1  ? 19 1 
1 A DG 15 1_555 B DC 1 1_555 0.079  -0.345 0.050  6.612  -3.423  -0.322  13 A_DG15:DC0_B A 15 ? B 0  ? 19 1 
1 A DA 16 1_555 C DT 8 1_555 0.048  -0.407 0.245  4.427  -8.991  -8.349  14 A_DA16:DT8_C A 16 ? C 8  ? 20 1 
1 A DA 17 1_555 C DT 7 1_555 0.089  -0.347 0.252  6.247  -15.946 3.262   15 A_DA17:DT7_C A 17 ? C 7  ? 20 1 
1 A DA 18 1_555 C DT 6 1_555 0.036  -0.329 0.004  1.163  -20.120 6.240   16 A_DA18:DT6_C A 18 ? C 6  ? 20 1 
1 A DT 19 1_555 C DA 5 1_555 -0.086 -0.412 -0.136 0.701  -17.760 6.678   17 A_DT19:DA5_C A 19 ? C 5  ? 20 1 
1 A DT 20 1_555 C DA 4 1_555 0.086  -0.231 -0.097 -3.806 -17.862 -4.489  18 A_DT20:DA4_C A 20 ? C 4  ? 20 1 
1 A DA 21 1_555 C DT 3 1_555 0.647  -0.137 -0.151 -5.667 -7.998  4.341   19 A_DA21:DT3_C A 21 ? C 3  ? 20 1 
# 
loop_
_ndb_struct_na_base_pair_step.model_number 
_ndb_struct_na_base_pair_step.i_label_asym_id_1 
_ndb_struct_na_base_pair_step.i_label_comp_id_1 
_ndb_struct_na_base_pair_step.i_label_seq_id_1 
_ndb_struct_na_base_pair_step.i_symmetry_1 
_ndb_struct_na_base_pair_step.j_label_asym_id_1 
_ndb_struct_na_base_pair_step.j_label_comp_id_1 
_ndb_struct_na_base_pair_step.j_label_seq_id_1 
_ndb_struct_na_base_pair_step.j_symmetry_1 
_ndb_struct_na_base_pair_step.i_label_asym_id_2 
_ndb_struct_na_base_pair_step.i_label_comp_id_2 
_ndb_struct_na_base_pair_step.i_label_seq_id_2 
_ndb_struct_na_base_pair_step.i_symmetry_2 
_ndb_struct_na_base_pair_step.j_label_asym_id_2 
_ndb_struct_na_base_pair_step.j_label_comp_id_2 
_ndb_struct_na_base_pair_step.j_label_seq_id_2 
_ndb_struct_na_base_pair_step.j_symmetry_2 
_ndb_struct_na_base_pair_step.shift 
_ndb_struct_na_base_pair_step.slide 
_ndb_struct_na_base_pair_step.rise 
_ndb_struct_na_base_pair_step.tilt 
_ndb_struct_na_base_pair_step.roll 
_ndb_struct_na_base_pair_step.twist 
_ndb_struct_na_base_pair_step.x_displacement 
_ndb_struct_na_base_pair_step.y_displacement 
_ndb_struct_na_base_pair_step.helical_rise 
_ndb_struct_na_base_pair_step.inclination 
_ndb_struct_na_base_pair_step.tip 
_ndb_struct_na_base_pair_step.helical_twist 
_ndb_struct_na_base_pair_step.step_number 
_ndb_struct_na_base_pair_step.step_name 
_ndb_struct_na_base_pair_step.i_auth_asym_id_1 
_ndb_struct_na_base_pair_step.i_auth_seq_id_1 
_ndb_struct_na_base_pair_step.i_PDB_ins_code_1 
_ndb_struct_na_base_pair_step.j_auth_asym_id_1 
_ndb_struct_na_base_pair_step.j_auth_seq_id_1 
_ndb_struct_na_base_pair_step.j_PDB_ins_code_1 
_ndb_struct_na_base_pair_step.i_auth_asym_id_2 
_ndb_struct_na_base_pair_step.i_auth_seq_id_2 
_ndb_struct_na_base_pair_step.i_PDB_ins_code_2 
_ndb_struct_na_base_pair_step.j_auth_asym_id_2 
_ndb_struct_na_base_pair_step.j_auth_seq_id_2 
_ndb_struct_na_base_pair_step.j_PDB_ins_code_2 
1 A DG 3  1_555 D DC 7 1_555 A DA 4  1_555 D DT 6 1_555 -0.665 0.869  3.501 -0.309 0.047  29.354 1.704  1.240  3.509 0.093  0.610  
29.355 1  AA_DG3DA4:DT15DC16_DD A 3  ? D 16 ? A 4  ? D 15 ? 
1 A DA 4  1_555 D DT 6 1_555 A DA 5  1_555 D DT 5 1_555 0.217  -0.324 3.381 2.347  0.450  37.815 -0.559 -0.024 3.384 0.693  -3.618 
37.888 2  AA_DA4DA5:DT14DT15_DD A 4  ? D 15 ? A 5  ? D 14 ? 
1 A DA 5  1_555 D DT 5 1_555 A DT 6  1_555 D DA 4 1_555 0.085  -1.035 3.153 -0.672 -0.524 27.804 -2.032 -0.332 3.169 -1.091 1.398  
27.816 3  AA_DA5DT6:DA13DT14_DD A 5  ? D 14 ? A 6  ? D 13 ? 
1 A DT 6  1_555 D DA 4 1_555 A DT 7  1_555 D DA 3 1_555 1.640  -0.017 3.496 3.871  0.261  42.257 -0.053 -1.836 3.625 0.361  -5.356 
42.427 4  AA_DT6DT7:DA12DA13_DD A 6  ? D 13 ? A 7  ? D 12 ? 
1 A DT 7  1_555 D DA 3 1_555 A DC 8  1_555 D DG 2 1_555 -0.251 -0.323 3.259 -0.974 -0.039 29.987 -0.616 0.286  3.266 -0.075 1.881  
30.003 5  AA_DT7DC8:DG11DA12_DD A 7  ? D 12 ? A 8  ? D 11 ? 
1 A DC 8  1_555 D DG 2 1_555 A DC 9  1_555 D DG 1 1_555 -0.141 -1.016 3.340 -1.710 2.341  39.682 -1.768 0.007  3.280 3.443  2.515  
39.784 6  AA_DC8DC9:DG10DG11_DD A 8  ? D 11 ? A 9  ? D 10 ? 
1 A DC 9  1_555 D DG 1 1_555 A DT 10 1_555 B DA 6 1_555 -1.004 -1.320 3.511 -3.177 0.046  21.051 -3.593 1.286  3.618 0.126  8.632  
21.286 7  AA_DC9DT10:DA5DG10_BD A 9  ? D 10 ? A 10 ? B 5  ? 
1 A DT 10 1_555 B DA 6 1_555 A DG 11 1_555 B DC 5 1_555 -0.576 1.001  3.270 -0.136 6.385  27.914 0.528  1.133  3.412 13.022 0.277  
28.621 8  AA_DT10DG11:DC4DA5_BB A 10 ? B 5  ? A 11 ? B 4  ? 
1 A DG 11 1_555 B DC 5 1_555 A DA 12 1_555 B DT 4 1_555 -0.483 0.734  3.478 -3.744 2.341  46.569 0.715  0.273  3.535 2.953  4.723  
46.766 9  AA_DG11DA12:DT3DC4_BB A 11 ? B 4  ? A 12 ? B 3  ? 
1 A DA 12 1_555 B DT 4 1_555 A DC 13 1_555 B DG 3 1_555 0.517  -0.743 3.395 0.265  2.976  30.981 -1.969 -0.911 3.316 5.555  -0.494 
31.121 10 AA_DA12DC13:DG2DT3_BB A 12 ? B 3  ? A 13 ? B 2  ? 
1 A DC 13 1_555 B DG 3 1_555 A DG 14 1_555 B DC 2 1_555 0.428  0.800  3.380 2.220  -3.670 36.281 1.796  -0.368 3.306 -5.868 -3.550 
36.525 11 AA_DC13DG14:DC1DG2_BB A 13 ? B 2  ? A 14 ? B 1  ? 
1 A DG 14 1_555 B DC 2 1_555 A DG 15 1_555 B DC 1 1_555 0.332  -0.405 3.313 0.761  1.666  33.650 -0.973 -0.447 3.297 2.875  -1.313 
33.699 12 AA_DG14DG15:DC0DC1_BB A 14 ? B 1  ? A 15 ? B 0  ? 
1 A DG 15 1_555 B DC 1 1_555 A DA 16 1_555 C DT 8 1_555 -1.132 -0.208 3.203 -3.509 2.239  36.202 -0.641 1.326  3.277 3.588  5.624  
36.433 13 AA_DG15DA16:DT8DC0_CB A 15 ? B 0  ? A 16 ? C 8  ? 
1 A DA 16 1_555 C DT 8 1_555 A DA 17 1_555 C DT 7 1_555 0.374  -0.517 3.183 -0.889 3.935  35.688 -1.380 -0.730 3.100 6.395  1.445  
35.908 14 AA_DA16DA17:DT7DT8_CC A 16 ? C 8  ? A 17 ? C 7  ? 
1 A DA 17 1_555 C DT 7 1_555 A DA 18 1_555 C DT 6 1_555 0.221  -0.500 3.323 1.145  3.015  36.060 -1.233 -0.194 3.277 4.858  -1.844 
36.199 15 AA_DA17DA18:DT6DT7_CC A 17 ? C 7  ? A 18 ? C 6  ? 
1 A DA 18 1_555 C DT 6 1_555 A DT 19 1_555 C DA 5 1_555 0.142  -0.528 3.225 2.673  1.180  32.065 -1.160 0.214  3.205 2.131  -4.827 
32.195 16 AA_DA18DT19:DA5DT6_CC A 18 ? C 6  ? A 19 ? C 5  ? 
1 A DT 19 1_555 C DA 5 1_555 A DT 20 1_555 C DA 4 1_555 -0.514 -0.427 3.425 2.510  2.772  36.787 -1.061 1.161  3.344 4.378  -3.964 
36.970 17 AA_DT19DT20:DA4DA5_CC A 19 ? C 5  ? A 20 ? C 4  ? 
1 A DT 20 1_555 C DA 4 1_555 A DA 21 1_555 C DT 3 1_555 0.961  1.187  3.522 2.920  -1.056 42.226 1.760  -1.009 3.548 -1.463 -4.047 
42.335 18 AA_DT20DA21:DT3DA4_CC A 20 ? C 4  ? A 21 ? C 3  ? 
# 
loop_
_pdbx_audit_support.funding_organization 
_pdbx_audit_support.country 
_pdbx_audit_support.grant_number 
_pdbx_audit_support.ordinal 
'National Science Foundation (NSF, United States)'                                         'United States' 1360635     1 
'National Institutes of Health/National Institute of General Medical Sciences (NIH/NIGMS)' 'United States' R01GM104960 2 
'National Science Foundation (NSF, United States)'                                         'United States' NSF2004250  3 
# 
loop_
_pdbx_entity_nonpoly.entity_id 
_pdbx_entity_nonpoly.name 
_pdbx_entity_nonpoly.comp_id 
5 "2'-(4-ETHOXYPHENYL)-5-(4-METHYL-1-PIPERAZINYL)-2,5'-BI-BENZIMIDAZOLE" HT1 
6 'COBALT (II) ION'                                                      CO  
7 water                                                                  HOH 
# 
_pdbx_initial_refinement_model.id               1 
_pdbx_initial_refinement_model.entity_id_list   ? 
_pdbx_initial_refinement_model.type             'experimental model' 
_pdbx_initial_refinement_model.source_name      PDB 
_pdbx_initial_refinement_model.accession_code   5VY6 
_pdbx_initial_refinement_model.details          ? 
# 
